data_6OR5
#
_entry.id   6OR5
#
_cell.length_a   1.00
_cell.length_b   1.00
_cell.length_c   1.00
_cell.angle_alpha   90.00
_cell.angle_beta   90.00
_cell.angle_gamma   90.00
#
_symmetry.space_group_name_H-M   'P 1'
#
loop_
_entity.id
_entity.type
_entity.pdbx_description
1 polymer Midasin
2 non-polymer 'PHOSPHOAMINOPHOSPHONIC ACID-ADENYLATE ESTER'
#
_entity_poly.entity_id   1
_entity_poly.type   'polypeptide(L)'
_entity_poly.pdbx_seq_one_letter_code
;MDVLIEWVAIYPQIYDILEHINYVPSNTLQRLRLHQPWSKIDYDVWFLYASDEIRETCKVKYYGETKTYGEVFVLENERI
SQLHRLFVSWTVSERAEHLKNLLFDAGLSNLPLVELGGNVFFNSHVPLPCSLVLTKSTQENLNRITPYLVQKRPILLAGP
EGIGKKFLITQIAAKLGQQIIRIHLSDSTDPKMLIGTYTSPKPGEFEWQPGVLTQAVITGKWILFTNIEHAPSEVLSVLL
PLLEKRQLVIPSRGETIYAKGSFQMFATSSMKTKILGQRLWQILDLTYQPDECVEVVSTLYPVLSIICPTLYSVYKDIFD
LFSQRSFLATSKIYRRLCLRDFYKFIKRVAFLYHKFMIPSDHVVISQELQDAVFKEAIDMFGAFIPSRDGFDLVVRNVAI
ELNIPPEKALQLRYSIPVFQNLEHNINIGRCSLKKLSTIRSCSTNSYAFTSSSLGLLEQLAAGVQTNEPLLLVGETGTGK
TTTIQLLAGLLGQKVTVINMSQQTESSDMLGGYKPINASTLGLPLHERFIDIFEQTFSSKKNAKFISMASTSARRFRWKT
CLKIWKEACKLSKTVLDGQQPLPNPQKRQKRLSNQVELRNQWAKFEKEVEDFEKVLTGGSNGFMFSFVEGALVKAVRSGH
WVLLDEINLASLETLEPIGQLLSSYESGILLSERGDITPITPHKNFRLFGCMNPSTDVGKRELEPSFRSRFTEIYVHSPD
QNLDDLLSIIQKYIGSLCIGNEHVIREVAELYQVAKSLSLDGSLVDGAGQRPHYTVRTLSRTLSYVTEIAPIYGLRRSLY
EGFCMSFLTLLDHTSESLLYNHVVRFTLGELNRDQQNAILKQIPKVPDHSSYIAFCHYWLRRGSFPVEEQEHYIITPFVQ
KNLLNIARACSTRMFPILIQGPTSSGKTSMIEYVAKKTGHKFVRINNHEHTDLQEYIGTYVTDDNGSLSFREGVLVEALR
NGYWIVLDELNLAPTDVLEALNRLLDDNRELFIPETQVLVKPHPEFMLFATQNPPGVYAGRKHLSRAFRNRFLEIHFDDI
PENELETILHKRCKIAPSYAAKIVQVFRELSLRRQTTRIFEQKNSFATLRDLFRWAFREAVGYQQLAENGYMLLAERARD
QKDKLAVQEVIEKVMKVKIDTDGIYNLDSMEIFQDMSLKEGPLSKVVWTRPMIRLFCLVWRCLLAKEPVLLVGDTGCGKT
TVCQILAECLHKELHIINAHQDTENGDIIGAQRPVRNRSAVNYSLHSQLCEKFNVQESLDSIDDLIEKFEKLSSSEKNDN
LSNLIERQIIKYRSLFEWHDGALVTAMKQGDFFLLDEISLADDSVLERLNSVLELSRTLTLVEHSNAAVSLTAKDGFAFF
ATMNPGGDYGKKELSPALRNRFTEIWVPPMVDTEDILKIVEGKLHNNKIELARPLVEYAKWHANEYLYTDVISIRDVLSA
VEFINACEILDLNLVLFNAVSMVFIDALGSFTTFSLSNNLASLHAERQRCFAKLNELAGSNIMASKSADISIKFSDSSFF
IGDFGIPLGDSVESDSTYSLHTDTTLMNASKVLRALQVLKPILLEGSPGVGKTSLITALARETGHQLVRINLSDQTDLMD
LFGSDVPVEGGEGGQFAWRDAPFLAAMRNGHWVLLDELNLASQSVLEGLNACLDHRNEAYIPELDKVFKAHPNFRVFAAQ
NPQHQGGGRKGLPRSFINRFSVVYVEALKEKDMIEIAACNYHQVNEDWRLKIIKFMFRLQDNIEKDISFGSFGSPWEFNL
RDTLRWLQLLNDAPKYTCVSPADYLEVMVLHRMRTVEDRVRTCELFKEVFDIDYEPRTIGFSLSSQCFKVGHSLLVRDVE
RQKTLLDSQNILQSQLPVLESVITCINKKWPCILVGDTATGKTCILRLLAAIAGAKIKEMAVNSDTDTMDLIGEYEQIDI
SRKASELFTDLSQQLLNIVIKYRNFDNIFRETSLYTLTTTSFKTHSQAFTLLQKVVDQLDQLKIHETLVHSLGDIHEKAR
KLLAEFSASPAGRFEWFDGYLLKAVEEGHWFVLDNANLCSPAVLDRLNSLLEHKGVLIVNEKTTEDGHPKTIKPHPNFRL
FLTVNPVYGELSRAMRNRGVEIFLLKEALTEIDKKQMSLLEPAPISSAVDTLASNISYIKYVFETMGKIEIDGNYMYIAH
AIILALFSPRQLKLLRKVLLTNPQFSLSIKADAELLLTLKNLVQKIYCADYFNHMDLKASRFMDIYEYPVQLREVVGLIQ
TINDFQSVILTSHLELPETYASGLLFVSAHEILDLTEEVNRLAVSTSNSTYLLKSASAVYHNVSSFKGSTPSLWNLLNQF
SKFLIEIASANSNIVYKLSYDVIRHFLKLVVLWKNIYVWTNVPDCDISRFYCYTKMLGEWMFTLTEKTKLLESFLPKDSL
EKFSELQNLSTGLHMQAIWDKWHAFVPRTYDQWSLWNTVDKLLTQYVNANIPSISMETTACEVVGTSLSLLNKVLVENEV
GDIYSYLKILGKGVNELKSSKQVILPENLVNLFNCLASLDLLHIFIKYTTSSFFLTDDFVRFIRVCFHSRISGNLLTLLH
GISFDSTKAVAPVLTYFDFCSLTTGNILGRIALAFTSIDENANLESANIFEHARLALLQHFMDHSSLLAEDSSTKMNLIL
LQRYAVIISIFLDQGKCEKANDLITKLSLPYEELAENFVSILEACKAFLVANSEFISYTYTERFIHSLRFLKDSWLSSNQ
QKMLKNQGMAYIYFASGMLLVYVPDKPFDPALLPLLTVESLRHYLESLYKESQILEIAESLNSGKVNSVMRRLVSTEISN
TPNIDSSFSTVYRSLNESIVPLYSELEFFMKSVVLNQYIFELAMRLSKESNIAVVEEAKSFVTKWKAYIERIREAYPQFV
DVYELILSFISFMIYGIELLMFEAKRRLDERSQILSTLILTLVDPSSFARSLSFDDVSNLIEQIKVLDLNDSIRFEIYLF
LASRLCSEKQHSSDTHSLANSFVLLANEFYIHNAKIKQKELEEIEEKNRLYRQREFNFDKNDYLKVFINYDDEVEPEVEP
EVVIERKRFLQLQFAFWSLYNEIYSEKMNVIPLEQLMNTGSYLAKKIKVKNPDMIASSGFDIVSVVLMMGVKSTNERQYW
TPPVYNFYSDPNPSKAIEVRDLIKIVESRAISLIKNWPENFVLRGLKDAIDAILNLSPFSPIAEYLSKLERVFHLLSEWE
KLASREYSLANEMDLIKKKIIDWRKFELSNWNNLLKLEEYKLSERVYPRLYSILQFIILKPFFENSKFTKQNLCESASII
VQFITDLTVGEFQLCLKCLLSFSQHAASLRICHGIDAMLLNIYHYFEQFLSKVSEAIHTQKQSLENSIKERILLMSWKDT
NVYALKESAKKSHAELFKVLHRYREVLRQPVSSYLSQKHDWDSLLDTENNSAMWVAKKVNLSPSYIEKMDTEIMKLVPVR
FSNTPTTLRLMWTLFANVEKPGSTFTNMVSNLITDARELMKLTPETINDDNLSEIKHLKSRKHLLLTETFKTLKAFGLQY
RVKAGIEENLSNLRNLLAVIPTFPVTSLSIEKVDRSLMKSLDFIPKFQTLAGHQHNDLSVPEVQKGVGLFNSMLSLQLGE
RAQLVEFTNELLALKNVYSEVGVNGSPLESFNNSSFNEVSSLGYDHDFENRAQAVSMLCQIYAIVIQKHSSISPTASFQS
IGHELSRFADLLSNKLFPSSIPLYASADKVSSIRDQQKGINDLIEYCRKKRTELPELSYCFKHLVSLQSLKSISRTQVDL
TNDEFLNLMNFVLNLFDSLLSSIETATKNMRTFKELAETSSFIEMSSCFSKVLRAFNLKFQSMKLSSLKEKLRSSSVDKM
SCQLLMLFLPVCEQFINLAESVLDYFINVHNSNLDSLSKISTLFFMVANNGFCSPDLPQEGKSNSGELESGTGLGSGVGA
EDITNTLNEDDDLEELANEEDTANQSDLDESEARELESDMNGVTKDSVVSENENSDSEEENQDLDEEVNDIPEDLSNSLN
EKLWDEPNEEDLLETEQKSNEQSAANNESDLVSKEDDNKALEDKDRQEKEDEEEMSDDVGIDDEIQPDIQENNSQPPPEN
EDHLDLPEDLKLDEKEGDVSKDSDLEDMDMEAADENKEEADAEKDEPMQDFEDPLEENNTLDEDIQQDDFSDLAEDDEKM
NEDGFEENVQENEESTEDGVKSDEELEQGEVPEDQAIDNHPKMDAKSTFASAEADEENTDKGIVGENEELGEEDGAAESG
VRGNGTADGEFSSAEQVQKGEDTSTPKEAMSEADRQYQSLGDHLREWQQANRIHEWEDLTESQSQAFDDSEFMHVKEDEE
EDLQALGNAEKDQIKSIDRDESANQNPDSMNSTNIAEDEADEVGDKQLQDGQDISDIKQTGEDTLPTEFGSINQSEKVFE
LSEDEDIEDELPDYNVKITNLPAAMPIDEARDLWNKHEDSTKQLSIELCEQLRLILEPTLATKMQGDFRTGKRLNMKRII
PYIASQFKKDKIWMRRVKPSKRTYQVMISIDDSKSMSESGSTVLALETLALVTKALSLLEVGQIAVMKFGEQPELLHPFD
KQFSSESGVQMFSHFTFEQSNTNVLALADASMKCFNYANTASHHRSNSDIRQLEIIISDGICEDHDSIRKLLRRAQEEKV
MIVFVILDNVNTQKKSSILDIKKVYYDTKEDGTMDLKIQPYIDEFAFDYYLVVRNIEELPQLLSSALRQWFQQMSNT
;
_entity_poly.pdbx_strand_id   A
#
# COMPACT_ATOMS: atom_id res chain seq x y z
N ASP A 2 51.73 -0.07 1.30
CA ASP A 2 52.48 0.28 2.49
C ASP A 2 52.03 1.62 3.05
N VAL A 3 52.97 2.57 3.21
CA VAL A 3 52.69 3.79 3.95
C VAL A 3 51.86 4.80 3.18
N LEU A 4 51.46 4.48 1.95
CA LEU A 4 50.58 5.35 1.18
C LEU A 4 49.15 5.31 1.70
N ILE A 5 48.85 4.38 2.61
CA ILE A 5 47.61 4.46 3.37
C ILE A 5 47.63 5.65 4.32
N GLU A 6 48.81 6.23 4.53
CA GLU A 6 49.02 7.60 4.96
C GLU A 6 48.02 8.55 4.32
N TRP A 7 47.97 8.56 2.99
CA TRP A 7 46.94 9.39 2.37
C TRP A 7 45.70 8.58 2.03
N VAL A 8 45.32 7.62 2.88
CA VAL A 8 44.30 6.63 2.58
C VAL A 8 42.96 7.25 2.25
N ALA A 9 42.33 7.93 3.21
CA ALA A 9 41.05 8.54 2.89
C ALA A 9 41.21 9.97 2.39
N ILE A 10 42.44 10.38 2.08
CA ILE A 10 42.73 11.72 1.62
C ILE A 10 42.07 11.94 0.27
N TYR A 11 42.48 11.18 -0.71
CA TYR A 11 41.75 11.05 -1.95
C TYR A 11 40.68 9.99 -1.75
N PRO A 12 39.91 9.70 -2.76
CA PRO A 12 38.89 8.65 -2.62
C PRO A 12 39.47 7.26 -2.63
N GLN A 13 38.61 6.27 -2.79
CA GLN A 13 38.93 4.88 -2.51
C GLN A 13 39.79 4.22 -3.59
N ILE A 14 40.38 5.02 -4.47
CA ILE A 14 41.45 4.57 -5.35
C ILE A 14 42.54 3.88 -4.55
N TYR A 15 42.97 4.50 -3.46
CA TYR A 15 43.94 3.86 -2.58
C TYR A 15 43.34 2.64 -1.90
N ASP A 16 42.05 2.69 -1.56
CA ASP A 16 41.39 1.51 -1.01
C ASP A 16 41.27 0.41 -2.05
N ILE A 17 41.13 0.77 -3.32
CA ILE A 17 41.08 -0.25 -4.36
C ILE A 17 42.45 -0.86 -4.57
N LEU A 18 43.50 -0.05 -4.51
CA LEU A 18 44.86 -0.55 -4.61
C LEU A 18 45.18 -1.47 -3.45
N GLU A 19 44.61 -1.18 -2.29
CA GLU A 19 44.68 -2.11 -1.17
C GLU A 19 43.93 -3.39 -1.48
N HIS A 20 42.77 -3.27 -2.13
CA HIS A 20 41.97 -4.45 -2.47
C HIS A 20 42.62 -5.30 -3.54
N ILE A 21 43.60 -4.76 -4.26
CA ILE A 21 44.49 -5.63 -5.03
C ILE A 21 45.28 -6.53 -4.10
N ASN A 22 46.08 -5.93 -3.22
CA ASN A 22 46.87 -6.70 -2.25
C ASN A 22 47.25 -5.79 -1.11
N TYR A 23 46.80 -6.10 0.11
CA TYR A 23 47.23 -5.33 1.28
C TYR A 23 47.07 -6.18 2.52
N VAL A 24 47.82 -5.79 3.55
CA VAL A 24 47.80 -6.49 4.84
C VAL A 24 47.67 -5.47 5.96
N PRO A 25 47.55 -5.90 7.19
CA PRO A 25 47.42 -4.93 8.29
C PRO A 25 48.74 -4.60 8.98
N SER A 26 48.68 -3.63 9.89
CA SER A 26 49.74 -3.32 10.84
C SER A 26 49.04 -2.79 12.09
N ASN A 27 49.79 -2.14 12.98
CA ASN A 27 49.15 -1.60 14.17
C ASN A 27 48.31 -0.38 13.83
N THR A 28 48.96 0.68 13.39
CA THR A 28 48.25 1.89 13.05
C THR A 28 47.55 1.79 11.70
N LEU A 29 47.99 0.87 10.85
CA LEU A 29 47.35 0.68 9.56
C LEU A 29 45.96 0.08 9.76
N GLN A 30 45.90 -1.07 10.42
CA GLN A 30 44.61 -1.65 10.75
C GLN A 30 43.84 -0.82 11.76
N ARG A 31 44.53 0.06 12.48
CA ARG A 31 43.79 1.11 13.17
C ARG A 31 43.10 2.01 12.16
N LEU A 32 43.79 2.34 11.07
CA LEU A 32 43.28 3.39 10.20
C LEU A 32 42.24 2.87 9.22
N ARG A 33 42.65 1.98 8.31
CA ARG A 33 41.82 1.70 7.14
C ARG A 33 40.65 0.79 7.45
N LEU A 34 40.70 0.09 8.57
CA LEU A 34 39.71 -0.93 8.83
C LEU A 34 38.42 -0.37 9.40
N HIS A 35 38.29 0.94 9.49
CA HIS A 35 37.13 1.53 10.14
C HIS A 35 35.93 1.67 9.23
N GLN A 36 35.84 0.87 8.17
CA GLN A 36 34.81 1.02 7.15
C GLN A 36 33.41 0.69 7.68
N PRO A 37 32.37 0.91 6.88
CA PRO A 37 31.01 0.92 7.43
C PRO A 37 30.46 -0.44 7.84
N TRP A 38 31.12 -1.53 7.47
CA TRP A 38 30.69 -2.87 7.89
C TRP A 38 31.83 -3.85 7.69
N SER A 39 32.20 -4.57 8.75
CA SER A 39 33.18 -5.63 8.72
C SER A 39 32.96 -6.50 9.96
N LYS A 40 33.95 -7.32 10.29
CA LYS A 40 34.12 -7.85 11.64
C LYS A 40 35.61 -7.93 11.90
N ILE A 41 36.06 -7.34 12.99
CA ILE A 41 37.45 -6.90 13.06
C ILE A 41 38.37 -8.05 13.41
N ASP A 42 38.26 -8.57 14.64
CA ASP A 42 38.92 -9.78 15.14
C ASP A 42 40.45 -9.77 15.11
N TYR A 43 41.04 -8.66 14.68
CA TYR A 43 42.49 -8.46 14.73
C TYR A 43 42.86 -7.47 15.83
N ASP A 44 42.15 -6.34 15.89
CA ASP A 44 42.19 -5.42 17.02
C ASP A 44 40.76 -4.96 17.28
N VAL A 45 40.06 -5.69 18.15
CA VAL A 45 38.69 -5.30 18.48
C VAL A 45 38.68 -4.51 19.77
N TRP A 46 39.86 -4.07 20.20
CA TRP A 46 39.96 -2.96 21.12
C TRP A 46 39.09 -1.79 20.66
N PHE A 47 39.18 -1.43 19.39
CA PHE A 47 38.39 -0.29 18.91
C PHE A 47 36.87 -0.49 19.07
N LEU A 48 36.35 -1.64 18.67
CA LEU A 48 34.91 -1.85 18.73
C LEU A 48 34.33 -2.68 19.89
N TYR A 49 35.16 -3.23 20.76
CA TYR A 49 34.61 -4.05 21.84
C TYR A 49 33.71 -3.28 22.82
N ALA A 50 34.19 -2.12 23.27
CA ALA A 50 33.45 -1.27 24.22
C ALA A 50 34.07 0.12 24.27
N SER A 51 33.33 1.08 24.83
CA SER A 51 33.90 2.43 24.98
C SER A 51 34.28 2.77 26.42
N ASP A 52 34.11 1.85 27.36
CA ASP A 52 34.64 1.97 28.70
C ASP A 52 36.16 1.91 28.70
N GLU A 53 36.77 1.90 29.89
CA GLU A 53 38.21 1.98 30.07
C GLU A 53 38.97 0.83 29.42
N ILE A 54 38.25 -0.20 29.00
CA ILE A 54 38.72 -1.10 27.96
C ILE A 54 39.08 -0.25 26.75
N ARG A 55 38.08 0.33 26.09
CA ARG A 55 38.43 1.12 24.90
C ARG A 55 38.88 2.51 25.30
N GLU A 56 38.33 3.05 26.37
CA GLU A 56 38.78 4.36 26.84
C GLU A 56 40.17 4.33 27.43
N THR A 57 40.75 3.15 27.66
CA THR A 57 42.06 3.08 28.25
C THR A 57 42.91 1.94 27.69
N CYS A 58 42.76 1.60 26.41
CA CYS A 58 43.52 0.44 25.97
C CYS A 58 44.97 0.77 25.65
N LYS A 59 45.21 1.33 24.48
CA LYS A 59 46.52 1.66 23.94
C LYS A 59 46.29 2.21 22.53
N VAL A 60 47.37 2.70 21.95
CA VAL A 60 47.51 2.89 20.51
C VAL A 60 49.00 2.94 20.23
N LYS A 61 49.44 2.13 19.29
CA LYS A 61 50.87 2.00 19.02
C LYS A 61 51.29 3.03 18.00
N TYR A 62 52.19 3.93 18.40
CA TYR A 62 53.00 4.76 17.50
C TYR A 62 52.15 5.71 16.64
N TYR A 63 51.40 6.59 17.32
CA TYR A 63 50.35 7.37 16.65
C TYR A 63 50.92 8.41 15.69
N GLY A 64 51.93 9.13 16.11
CA GLY A 64 52.72 9.92 15.19
C GLY A 64 54.11 9.34 15.27
N GLU A 65 54.14 7.99 15.26
CA GLU A 65 55.26 7.18 15.75
C GLU A 65 55.56 7.48 17.23
N THR A 66 54.49 7.70 18.00
CA THR A 66 54.57 7.79 19.45
C THR A 66 53.33 7.15 20.04
N LYS A 67 53.50 6.43 21.14
CA LYS A 67 52.48 5.49 21.63
C LYS A 67 51.61 6.18 22.67
N THR A 68 50.55 6.84 22.20
CA THR A 68 49.49 7.32 23.08
C THR A 68 48.54 6.18 23.41
N TYR A 69 47.37 6.50 23.95
CA TYR A 69 46.43 5.46 24.34
C TYR A 69 45.07 5.73 23.73
N GLY A 70 44.73 5.01 22.67
CA GLY A 70 43.35 4.89 22.23
C GLY A 70 42.75 6.12 21.61
N GLU A 71 42.73 7.23 22.36
CA GLU A 71 42.13 8.48 21.92
C GLU A 71 43.06 9.33 21.10
N VAL A 72 44.06 8.71 20.46
CA VAL A 72 44.89 9.39 19.48
C VAL A 72 44.12 9.55 18.17
N PHE A 73 42.89 9.02 18.14
CA PHE A 73 41.87 9.49 17.21
C PHE A 73 41.79 11.02 17.20
N VAL A 74 41.84 11.65 18.37
CA VAL A 74 41.87 13.11 18.39
C VAL A 74 43.21 13.62 17.89
N LEU A 75 44.26 12.82 17.99
CA LEU A 75 45.50 13.15 17.30
C LEU A 75 45.34 13.03 15.79
N GLU A 76 44.43 12.18 15.34
CA GLU A 76 44.28 11.88 13.93
C GLU A 76 43.07 12.51 13.27
N ASN A 77 41.99 12.75 14.00
CA ASN A 77 40.80 13.32 13.36
C ASN A 77 40.84 14.83 13.37
N GLU A 78 42.04 15.40 13.39
CA GLU A 78 42.28 16.74 12.90
C GLU A 78 43.42 16.65 11.89
N ARG A 79 44.35 15.71 12.11
CA ARG A 79 45.48 15.55 11.22
C ARG A 79 45.04 15.14 9.83
N ILE A 80 44.05 14.25 9.76
CA ILE A 80 43.48 13.92 8.47
C ILE A 80 42.59 15.04 7.97
N SER A 81 42.04 15.85 8.86
CA SER A 81 41.15 16.92 8.39
C SER A 81 41.93 18.07 7.78
N GLN A 82 43.18 18.28 8.22
CA GLN A 82 44.02 19.29 7.57
C GLN A 82 44.40 18.85 6.16
N LEU A 83 44.60 17.55 5.98
CA LEU A 83 44.80 17.03 4.64
C LEU A 83 43.53 17.16 3.81
N HIS A 84 42.36 16.96 4.41
CA HIS A 84 41.11 17.11 3.69
C HIS A 84 40.82 18.56 3.35
N ARG A 85 41.39 19.49 4.09
CA ARG A 85 41.35 20.89 3.68
C ARG A 85 42.35 21.16 2.56
N LEU A 86 43.56 20.60 2.67
CA LEU A 86 44.60 20.85 1.69
C LEU A 86 44.24 20.27 0.33
N PHE A 87 43.40 19.25 0.31
CA PHE A 87 43.01 18.67 -0.97
C PHE A 87 41.91 19.46 -1.67
N VAL A 88 41.44 20.57 -1.07
CA VAL A 88 40.64 21.52 -1.81
C VAL A 88 41.48 22.42 -2.68
N SER A 89 42.79 22.27 -2.66
CA SER A 89 43.68 22.99 -3.54
C SER A 89 44.60 22.02 -4.26
N GLU A 94 41.59 19.26 -11.17
CA GLU A 94 42.92 19.83 -11.00
C GLU A 94 43.97 18.74 -10.88
N ARG A 95 45.10 19.08 -10.27
CA ARG A 95 46.21 18.16 -10.10
C ARG A 95 46.05 17.26 -8.89
N ALA A 96 44.84 17.11 -8.37
CA ALA A 96 44.58 16.19 -7.28
C ALA A 96 44.89 14.76 -7.69
N GLU A 97 44.46 14.38 -8.89
CA GLU A 97 44.81 13.06 -9.40
C GLU A 97 46.30 12.95 -9.72
N HIS A 98 46.94 14.08 -10.06
CA HIS A 98 48.38 14.08 -10.23
C HIS A 98 49.06 13.79 -8.89
N LEU A 99 48.49 14.31 -7.82
CA LEU A 99 49.00 13.98 -6.50
C LEU A 99 48.70 12.54 -6.13
N LYS A 100 47.58 11.99 -6.60
CA LYS A 100 47.27 10.59 -6.29
C LYS A 100 48.18 9.65 -7.05
N ASN A 101 48.47 9.98 -8.30
CA ASN A 101 49.40 9.17 -9.07
C ASN A 101 50.82 9.34 -8.58
N LEU A 102 51.17 10.54 -8.12
CA LEU A 102 52.42 10.72 -7.40
C LEU A 102 52.45 9.85 -6.15
N LEU A 103 51.33 9.78 -5.45
CA LEU A 103 51.25 9.07 -4.19
C LEU A 103 51.31 7.56 -4.39
N PHE A 104 51.03 7.06 -5.58
CA PHE A 104 51.08 5.63 -5.82
C PHE A 104 52.48 5.14 -6.14
N ASP A 105 53.50 5.88 -5.74
CA ASP A 105 54.91 5.72 -6.10
C ASP A 105 55.55 4.43 -5.60
N ALA A 106 54.87 3.49 -4.97
CA ALA A 106 55.45 2.18 -4.74
C ALA A 106 54.73 1.15 -5.61
N LEU A 111 52.35 0.51 -10.32
CA LEU A 111 52.15 0.71 -11.74
C LEU A 111 50.94 -0.07 -12.22
N PRO A 112 49.92 -0.12 -11.39
CA PRO A 112 48.73 -0.90 -11.72
C PRO A 112 47.87 -0.25 -12.80
N LEU A 113 46.68 -0.81 -13.02
CA LEU A 113 45.79 -0.30 -14.05
C LEU A 113 45.19 1.04 -13.65
N VAL A 114 46.04 2.08 -13.65
CA VAL A 114 45.64 3.41 -13.26
C VAL A 114 44.88 4.01 -14.44
N GLU A 115 43.56 4.01 -14.36
CA GLU A 115 42.78 4.59 -15.44
C GLU A 115 42.65 6.09 -15.23
N LEU A 116 42.84 6.85 -16.29
CA LEU A 116 42.48 8.25 -16.24
C LEU A 116 41.03 8.37 -16.67
N GLY A 117 40.56 9.59 -16.89
CA GLY A 117 39.19 9.78 -17.33
C GLY A 117 38.87 11.25 -17.24
N GLY A 118 37.72 11.58 -16.66
CA GLY A 118 37.52 12.95 -16.22
C GLY A 118 38.46 13.31 -15.10
N ASN A 119 38.55 12.44 -14.08
CA ASN A 119 39.58 12.60 -13.06
C ASN A 119 40.55 11.42 -13.03
N VAL A 120 40.10 10.23 -12.64
CA VAL A 120 40.97 9.08 -12.44
C VAL A 120 40.08 7.86 -12.26
N PHE A 121 40.67 6.67 -12.41
CA PHE A 121 40.08 5.45 -11.87
C PHE A 121 41.18 4.40 -11.75
N PHE A 122 40.83 3.29 -11.12
CA PHE A 122 41.60 2.07 -11.30
C PHE A 122 40.62 0.92 -11.13
N ASN A 123 40.03 0.51 -12.23
CA ASN A 123 39.17 -0.67 -12.26
C ASN A 123 39.90 -1.66 -13.16
N SER A 124 40.78 -2.45 -12.55
CA SER A 124 41.60 -3.38 -13.31
C SER A 124 40.78 -4.59 -13.76
N HIS A 125 39.89 -4.39 -14.73
CA HIS A 125 39.17 -5.50 -15.34
C HIS A 125 39.53 -5.66 -16.82
N VAL A 126 39.27 -4.64 -17.63
CA VAL A 126 39.46 -4.69 -19.08
C VAL A 126 39.25 -3.31 -19.68
N PRO A 127 39.59 -3.13 -20.95
CA PRO A 127 38.98 -2.02 -21.71
C PRO A 127 37.64 -2.46 -22.28
N LEU A 128 37.04 -1.63 -23.13
CA LEU A 128 35.77 -2.02 -23.75
C LEU A 128 35.68 -1.50 -25.17
N PRO A 129 34.57 -1.74 -25.86
CA PRO A 129 34.44 -1.25 -27.24
C PRO A 129 34.45 0.26 -27.37
N CYS A 130 33.82 0.97 -26.43
CA CYS A 130 33.93 2.43 -26.24
C CYS A 130 33.45 3.21 -27.47
N SER A 131 32.14 3.11 -27.72
CA SER A 131 31.58 3.76 -28.90
C SER A 131 31.31 5.24 -28.65
N LEU A 132 30.41 5.56 -27.71
CA LEU A 132 29.77 6.87 -27.70
C LEU A 132 30.69 7.99 -27.22
N VAL A 133 31.47 8.58 -28.12
CA VAL A 133 32.43 9.60 -27.76
C VAL A 133 31.91 10.97 -28.15
N LEU A 134 32.46 12.00 -27.49
CA LEU A 134 32.11 13.40 -27.74
C LEU A 134 33.16 14.29 -27.11
N THR A 135 33.17 15.54 -27.53
CA THR A 135 34.04 16.58 -27.02
C THR A 135 33.25 17.87 -26.82
N LYS A 136 32.14 17.76 -26.13
CA LYS A 136 31.07 18.75 -26.22
C LYS A 136 30.56 19.06 -24.83
N SER A 137 29.29 19.48 -24.73
CA SER A 137 28.59 19.47 -23.44
C SER A 137 28.64 18.09 -22.76
N THR A 138 28.77 17.02 -23.53
CA THR A 138 29.05 15.71 -22.94
C THR A 138 30.39 15.67 -22.22
N GLN A 139 31.37 16.47 -22.66
CA GLN A 139 32.63 16.50 -21.91
C GLN A 139 32.44 17.18 -20.57
N GLU A 140 31.58 18.19 -20.50
CA GLU A 140 31.27 18.78 -19.20
C GLU A 140 30.41 17.85 -18.37
N ASN A 141 29.58 17.02 -19.00
CA ASN A 141 28.83 16.03 -18.24
C ASN A 141 29.75 14.97 -17.65
N LEU A 142 30.72 14.50 -18.44
CA LEU A 142 31.72 13.56 -17.92
C LEU A 142 32.59 14.22 -16.87
N ASN A 143 32.78 15.53 -16.96
CA ASN A 143 33.44 16.25 -15.88
C ASN A 143 32.56 16.26 -14.62
N ARG A 144 31.27 16.44 -14.79
CA ARG A 144 30.37 16.48 -13.63
C ARG A 144 30.15 15.11 -13.02
N ILE A 145 30.47 14.03 -13.74
CA ILE A 145 30.26 12.69 -13.20
C ILE A 145 31.55 11.91 -13.01
N THR A 146 32.71 12.53 -13.23
CA THR A 146 33.95 11.88 -12.84
C THR A 146 34.08 11.90 -11.33
N PRO A 147 33.59 12.97 -10.69
CA PRO A 147 33.81 13.17 -9.25
C PRO A 147 33.17 12.12 -8.37
N TYR A 148 31.86 11.94 -8.49
CA TYR A 148 31.17 11.02 -7.61
C TYR A 148 31.47 9.58 -7.97
N LEU A 149 31.72 9.29 -9.24
CA LEU A 149 32.13 7.96 -9.64
C LEU A 149 33.53 7.63 -9.16
N VAL A 150 34.35 8.65 -8.90
CA VAL A 150 35.56 8.38 -8.14
C VAL A 150 35.23 8.17 -6.68
N GLN A 151 34.25 8.91 -6.17
CA GLN A 151 33.92 8.88 -4.76
C GLN A 151 32.98 7.75 -4.40
N LYS A 152 32.39 7.10 -5.39
CA LYS A 152 31.66 5.85 -5.26
C LYS A 152 30.40 5.96 -4.42
N ARG A 153 29.88 7.16 -4.22
CA ARG A 153 28.52 7.27 -3.76
C ARG A 153 27.57 6.84 -4.88
N PRO A 154 26.35 6.45 -4.54
CA PRO A 154 25.34 6.22 -5.58
C PRO A 154 24.99 7.54 -6.26
N ILE A 155 25.01 7.54 -7.59
CA ILE A 155 24.79 8.77 -8.35
C ILE A 155 23.41 8.71 -8.96
N LEU A 156 23.00 9.80 -9.60
CA LEU A 156 21.82 9.78 -10.44
C LEU A 156 22.05 10.79 -11.57
N LEU A 157 20.98 11.08 -12.31
CA LEU A 157 21.06 11.98 -13.46
C LEU A 157 19.65 12.40 -13.82
N ALA A 158 19.42 13.71 -13.87
CA ALA A 158 18.06 14.23 -14.06
C ALA A 158 18.05 15.38 -15.06
N GLY A 159 18.77 15.22 -16.17
CA GLY A 159 18.68 16.17 -17.25
C GLY A 159 17.40 16.01 -18.03
N PRO A 160 17.19 16.90 -19.00
CA PRO A 160 16.00 16.80 -19.85
C PRO A 160 16.12 15.62 -20.80
N GLU A 161 14.96 15.22 -21.35
CA GLU A 161 14.84 13.93 -22.03
C GLU A 161 15.63 13.89 -23.32
N GLY A 162 16.20 12.73 -23.61
CA GLY A 162 16.86 12.51 -24.87
C GLY A 162 18.29 12.96 -24.95
N ILE A 163 18.96 13.19 -23.80
CA ILE A 163 20.37 13.54 -23.83
C ILE A 163 21.28 12.32 -23.96
N GLY A 164 20.71 11.13 -24.04
CA GLY A 164 21.53 9.93 -24.08
C GLY A 164 22.17 9.62 -22.75
N LYS A 165 21.46 9.92 -21.66
CA LYS A 165 22.01 9.73 -20.32
C LYS A 165 22.28 8.26 -20.04
N LYS A 166 21.40 7.38 -20.52
CA LYS A 166 21.68 5.97 -20.44
C LYS A 166 22.87 5.60 -21.30
N PHE A 167 22.98 6.22 -22.47
CA PHE A 167 24.17 6.02 -23.29
C PHE A 167 25.38 6.68 -22.69
N LEU A 168 25.18 7.79 -21.97
CA LEU A 168 26.27 8.43 -21.26
C LEU A 168 26.86 7.50 -20.22
N ILE A 169 25.98 6.87 -19.42
CA ILE A 169 26.44 5.95 -18.41
C ILE A 169 27.00 4.70 -19.05
N THR A 170 26.47 4.33 -20.21
CA THR A 170 26.92 3.12 -20.89
C THR A 170 28.34 3.31 -21.39
N GLN A 171 28.60 4.41 -22.07
CA GLN A 171 29.95 4.68 -22.53
C GLN A 171 30.88 5.03 -21.38
N ILE A 172 30.34 5.54 -20.27
CA ILE A 172 31.15 5.76 -19.08
C ILE A 172 31.63 4.44 -18.52
N ALA A 173 30.75 3.45 -18.51
CA ALA A 173 31.13 2.11 -18.09
C ALA A 173 32.06 1.47 -19.10
N ALA A 174 31.94 1.87 -20.36
CA ALA A 174 32.88 1.38 -21.36
C ALA A 174 34.28 1.96 -21.13
N LYS A 175 34.36 3.19 -20.63
CA LYS A 175 35.65 3.70 -20.19
C LYS A 175 36.17 2.89 -19.03
N LEU A 176 35.28 2.36 -18.20
CA LEU A 176 35.67 1.41 -17.17
C LEU A 176 35.77 0.01 -17.75
N GLY A 177 36.06 -0.95 -16.89
CA GLY A 177 36.03 -2.35 -17.26
C GLY A 177 34.78 -2.99 -16.73
N GLN A 178 33.67 -2.27 -16.83
CA GLN A 178 32.44 -2.65 -16.15
C GLN A 178 31.31 -2.85 -17.15
N GLN A 179 30.44 -3.79 -16.82
CA GLN A 179 29.31 -4.17 -17.68
C GLN A 179 28.03 -3.74 -16.98
N ILE A 180 27.38 -2.73 -17.53
CA ILE A 180 26.24 -2.15 -16.86
C ILE A 180 25.01 -2.98 -17.14
N ILE A 181 24.77 -3.97 -16.28
CA ILE A 181 23.46 -4.61 -16.22
C ILE A 181 22.43 -3.55 -15.90
N ARG A 182 21.48 -3.38 -16.79
CA ARG A 182 20.58 -2.24 -16.75
C ARG A 182 19.19 -2.74 -16.45
N ILE A 183 18.87 -2.86 -15.16
CA ILE A 183 17.54 -3.28 -14.77
C ILE A 183 16.60 -2.09 -14.87
N HIS A 184 15.57 -2.23 -15.71
CA HIS A 184 14.52 -1.22 -15.79
C HIS A 184 13.45 -1.63 -14.79
N LEU A 185 13.68 -1.27 -13.54
CA LEU A 185 12.74 -1.57 -12.48
C LEU A 185 11.43 -0.84 -12.69
N SER A 186 10.34 -1.47 -12.30
CA SER A 186 9.01 -0.97 -12.63
C SER A 186 8.08 -1.16 -11.45
N ASP A 187 6.91 -0.54 -11.54
CA ASP A 187 5.93 -0.55 -10.47
C ASP A 187 5.18 -1.87 -10.34
N SER A 188 5.58 -2.90 -11.06
CA SER A 188 5.08 -4.25 -10.85
C SER A 188 6.17 -5.23 -10.45
N THR A 189 7.35 -4.73 -10.09
CA THR A 189 8.49 -5.61 -9.82
C THR A 189 8.32 -6.36 -8.51
N ASP A 190 8.58 -7.66 -8.54
CA ASP A 190 8.66 -8.47 -7.34
C ASP A 190 10.09 -8.41 -6.83
N PRO A 191 10.41 -9.11 -5.74
CA PRO A 191 11.81 -9.14 -5.32
C PRO A 191 12.65 -10.19 -6.02
N LYS A 192 12.15 -10.74 -7.13
CA LYS A 192 12.84 -11.79 -7.87
C LYS A 192 14.17 -11.30 -8.44
N MET A 193 14.14 -10.35 -9.38
CA MET A 193 15.38 -9.86 -9.95
C MET A 193 16.13 -8.99 -8.98
N LEU A 194 15.47 -8.57 -7.91
CA LEU A 194 16.19 -8.14 -6.73
C LEU A 194 16.98 -9.33 -6.17
N ILE A 195 16.29 -10.35 -5.68
CA ILE A 195 17.02 -11.40 -4.97
C ILE A 195 16.60 -12.82 -5.35
N GLY A 196 15.44 -12.99 -5.96
CA GLY A 196 14.91 -14.32 -6.16
C GLY A 196 13.83 -14.67 -5.15
N THR A 197 13.51 -15.95 -5.10
CA THR A 197 12.41 -16.43 -4.26
C THR A 197 12.59 -17.93 -4.01
N TYR A 198 11.55 -18.52 -3.41
CA TYR A 198 11.42 -19.95 -3.20
C TYR A 198 9.94 -20.28 -3.28
N THR A 199 9.60 -21.51 -2.88
CA THR A 199 8.21 -22.02 -2.81
C THR A 199 7.41 -21.89 -4.10
N TRP A 208 15.20 -21.18 -2.75
CA TRP A 208 16.37 -20.34 -2.89
C TRP A 208 16.76 -20.18 -4.35
N GLN A 209 16.52 -18.99 -4.89
CA GLN A 209 16.80 -18.69 -6.28
C GLN A 209 18.10 -17.91 -6.41
N PRO A 210 18.59 -17.74 -7.64
CA PRO A 210 19.88 -17.05 -7.83
C PRO A 210 19.79 -15.54 -7.66
N GLY A 211 18.75 -14.91 -8.21
CA GLY A 211 18.62 -13.47 -8.15
C GLY A 211 19.46 -12.75 -9.19
N VAL A 212 19.02 -11.55 -9.55
CA VAL A 212 19.71 -10.77 -10.56
C VAL A 212 20.49 -9.62 -9.93
N LEU A 213 19.80 -8.78 -9.16
CA LEU A 213 20.50 -7.71 -8.44
C LEU A 213 21.46 -8.29 -7.43
N THR A 214 21.07 -9.39 -6.80
CA THR A 214 21.97 -10.12 -5.93
C THR A 214 23.13 -10.72 -6.71
N GLN A 215 22.94 -11.02 -7.99
CA GLN A 215 24.05 -11.56 -8.77
C GLN A 215 25.08 -10.48 -9.07
N ALA A 216 24.60 -9.29 -9.43
CA ALA A 216 25.51 -8.18 -9.69
C ALA A 216 26.18 -7.71 -8.42
N VAL A 217 25.46 -7.77 -7.30
CA VAL A 217 26.09 -7.51 -6.02
C VAL A 217 27.13 -8.56 -5.71
N ILE A 218 26.82 -9.81 -6.09
CA ILE A 218 27.75 -10.95 -5.87
C ILE A 218 28.98 -10.78 -6.75
N THR A 219 28.80 -10.85 -8.08
CA THR A 219 29.92 -10.70 -9.04
C THR A 219 30.54 -9.31 -8.89
N GLY A 220 29.69 -8.27 -8.76
CA GLY A 220 30.18 -6.89 -8.61
C GLY A 220 29.79 -6.02 -9.79
N TRP A 222 29.80 -2.28 -12.60
CA TRP A 222 28.80 -1.39 -11.96
C TRP A 222 27.39 -1.98 -12.12
N ILE A 223 26.36 -1.14 -12.03
CA ILE A 223 24.98 -1.60 -12.16
C ILE A 223 24.14 -0.36 -12.42
N LEU A 224 23.07 -0.52 -13.19
CA LEU A 224 22.28 0.63 -13.57
C LEU A 224 20.81 0.28 -13.42
N PHE A 225 20.04 1.25 -12.96
CA PHE A 225 18.62 1.07 -12.82
C PHE A 225 17.89 2.23 -13.49
N THR A 226 16.70 1.93 -14.00
CA THR A 226 15.92 2.95 -14.69
C THR A 226 14.46 2.78 -14.34
N ASN A 227 13.69 3.83 -14.67
CA ASN A 227 12.28 3.98 -14.29
C ASN A 227 12.11 3.87 -12.78
N ILE A 228 13.06 4.44 -12.04
CA ILE A 228 13.04 4.34 -10.58
C ILE A 228 11.97 5.26 -10.00
N GLU A 229 11.60 6.32 -10.71
CA GLU A 229 10.74 7.34 -10.14
C GLU A 229 9.31 6.84 -9.96
N HIS A 230 8.77 6.13 -10.94
CA HIS A 230 7.41 5.66 -10.82
C HIS A 230 7.37 4.37 -10.01
N GLU A 234 7.82 1.04 -3.02
CA GLU A 234 8.18 0.51 -1.71
C GLU A 234 9.32 -0.47 -1.87
N VAL A 235 9.47 -1.03 -3.07
CA VAL A 235 10.60 -1.89 -3.37
C VAL A 235 11.89 -1.12 -3.53
N LEU A 236 11.81 0.21 -3.59
CA LEU A 236 12.99 1.04 -3.41
C LEU A 236 13.62 0.80 -2.06
N SER A 237 12.80 0.58 -1.03
CA SER A 237 13.32 0.26 0.29
C SER A 237 14.01 -1.09 0.31
N VAL A 238 13.62 -2.01 -0.58
CA VAL A 238 14.30 -3.28 -0.69
C VAL A 238 15.71 -3.12 -1.25
N LEU A 239 15.99 -2.00 -1.93
CA LEU A 239 17.35 -1.68 -2.34
C LEU A 239 18.02 -0.67 -1.42
N LEU A 240 17.27 -0.03 -0.54
CA LEU A 240 17.84 0.91 0.41
C LEU A 240 18.85 0.27 1.36
N PRO A 241 18.76 -1.02 1.67
CA PRO A 241 19.85 -1.67 2.40
C PRO A 241 21.17 -1.64 1.64
N LEU A 242 21.13 -1.74 0.32
CA LEU A 242 22.35 -1.59 -0.47
C LEU A 242 22.82 -0.15 -0.49
N LEU A 243 21.89 0.80 -0.39
CA LEU A 243 22.27 2.19 -0.50
C LEU A 243 22.82 2.73 0.81
N GLU A 244 22.43 2.15 1.93
CA GLU A 244 23.04 2.56 3.19
C GLU A 244 24.45 2.03 3.30
N LYS A 245 24.68 0.83 2.79
CA LYS A 245 25.99 0.20 2.82
C LYS A 245 25.98 -0.92 1.80
N ARG A 246 27.16 -1.25 1.28
CA ARG A 246 27.23 -2.20 0.18
C ARG A 246 26.94 -3.64 0.63
N GLN A 247 25.69 -3.90 1.01
CA GLN A 247 25.23 -5.20 1.48
C GLN A 247 23.71 -5.22 1.43
N LEU A 248 23.15 -6.42 1.37
CA LEU A 248 21.74 -6.61 1.06
C LEU A 248 21.06 -7.43 2.14
N VAL A 249 19.73 -7.43 2.10
CA VAL A 249 18.91 -8.22 3.01
C VAL A 249 18.51 -9.48 2.27
N ILE A 250 19.37 -10.50 2.34
CA ILE A 250 19.00 -11.82 1.86
C ILE A 250 18.23 -12.49 2.97
N PRO A 251 16.89 -12.49 2.92
CA PRO A 251 16.13 -12.95 4.09
C PRO A 251 16.16 -14.45 4.25
N SER A 252 16.10 -15.21 3.16
CA SER A 252 16.03 -16.66 3.25
C SER A 252 17.40 -17.26 3.55
N ARG A 253 18.38 -16.96 2.71
CA ARG A 253 19.72 -17.51 2.90
C ARG A 253 20.40 -16.91 4.13
N GLY A 254 20.03 -15.69 4.51
CA GLY A 254 20.48 -15.12 5.76
C GLY A 254 21.93 -14.70 5.77
N GLU A 255 22.33 -13.91 4.78
CA GLU A 255 23.69 -13.39 4.75
C GLU A 255 23.71 -12.11 3.94
N THR A 256 24.09 -11.01 4.58
CA THR A 256 24.40 -9.80 3.83
C THR A 256 25.67 -10.02 3.03
N ILE A 257 25.74 -9.38 1.87
CA ILE A 257 26.78 -9.67 0.90
C ILE A 257 27.78 -8.53 0.91
N TYR A 258 29.03 -8.84 1.23
CA TYR A 258 30.09 -7.86 1.07
C TYR A 258 30.30 -7.61 -0.41
N ALA A 259 29.95 -6.40 -0.86
CA ALA A 259 30.01 -6.03 -2.27
C ALA A 259 31.35 -5.36 -2.56
N LYS A 260 32.40 -6.19 -2.61
CA LYS A 260 33.78 -5.72 -2.54
C LYS A 260 34.39 -5.45 -3.89
N GLY A 261 33.60 -5.03 -4.87
CA GLY A 261 34.19 -4.65 -6.13
C GLY A 261 33.92 -3.21 -6.51
N SER A 262 33.17 -3.04 -7.59
CA SER A 262 32.88 -1.77 -8.22
C SER A 262 31.38 -1.63 -8.38
N PHE A 263 30.64 -1.79 -7.30
CA PHE A 263 29.20 -2.07 -7.35
C PHE A 263 28.36 -0.80 -7.41
N GLN A 264 28.87 0.23 -8.10
CA GLN A 264 28.26 1.57 -8.14
C GLN A 264 26.89 1.55 -8.79
N MET A 265 25.85 1.63 -7.97
CA MET A 265 24.50 1.34 -8.40
C MET A 265 23.84 2.59 -8.98
N PHE A 266 24.36 3.02 -10.14
CA PHE A 266 23.89 4.25 -10.74
C PHE A 266 22.48 4.09 -11.29
N ALA A 267 21.71 5.16 -11.24
CA ALA A 267 20.31 5.12 -11.62
C ALA A 267 20.02 6.20 -12.63
N THR A 268 18.75 6.29 -13.03
CA THR A 268 18.32 7.38 -13.91
C THR A 268 16.82 7.63 -13.77
N SER A 269 16.46 8.90 -13.63
CA SER A 269 15.11 9.46 -13.73
C SER A 269 15.23 10.97 -13.68
N SER A 270 14.31 11.67 -14.32
CA SER A 270 14.36 13.13 -14.38
C SER A 270 13.18 13.68 -13.58
N MET A 271 13.37 13.73 -12.26
CA MET A 271 12.45 14.25 -11.27
C MET A 271 13.23 14.35 -9.96
N LYS A 272 12.51 14.54 -8.85
CA LYS A 272 13.08 14.30 -7.51
C LYS A 272 11.93 14.01 -6.56
N THR A 273 11.72 12.72 -6.25
CA THR A 273 10.73 12.37 -5.24
C THR A 273 11.08 11.17 -4.38
N LYS A 274 12.26 10.57 -4.53
CA LYS A 274 12.54 9.29 -3.89
C LYS A 274 13.43 9.48 -2.65
N ILE A 275 13.69 8.36 -1.98
CA ILE A 275 14.62 8.37 -0.85
C ILE A 275 16.04 8.58 -1.33
N LEU A 276 16.34 8.24 -2.58
CA LEU A 276 17.66 8.52 -3.15
C LEU A 276 17.90 10.00 -3.29
N GLY A 277 16.84 10.81 -3.36
CA GLY A 277 16.97 12.25 -3.23
C GLY A 277 17.67 12.66 -1.95
N GLN A 278 17.46 11.90 -0.88
CA GLN A 278 18.38 12.01 0.24
C GLN A 278 19.61 11.15 0.02
N ARG A 279 19.42 9.92 -0.47
CA ARG A 279 20.48 8.94 -0.33
C ARG A 279 21.55 9.07 -1.40
N LEU A 280 21.17 9.35 -2.64
CA LEU A 280 22.08 9.30 -3.77
C LEU A 280 22.48 10.70 -4.21
N TRP A 281 23.75 10.88 -4.51
CA TRP A 281 24.31 12.17 -4.86
C TRP A 281 23.85 12.59 -6.26
N GLN A 282 22.69 13.22 -6.34
CA GLN A 282 22.09 13.64 -7.60
C GLN A 282 23.01 14.57 -8.38
N ILE A 283 22.84 14.58 -9.70
CA ILE A 283 23.65 15.38 -10.60
C ILE A 283 22.81 15.71 -11.82
N LEU A 284 23.16 16.82 -12.48
CA LEU A 284 22.32 17.41 -13.53
C LEU A 284 23.09 17.46 -14.83
N ASP A 285 22.68 16.65 -15.81
CA ASP A 285 23.33 16.66 -17.11
C ASP A 285 22.70 17.72 -18.01
N LEU A 286 23.45 18.12 -19.04
CA LEU A 286 23.00 19.15 -19.96
C LEU A 286 23.72 18.99 -21.29
N THR A 287 22.98 19.14 -22.38
CA THR A 287 23.48 18.82 -23.72
C THR A 287 23.16 19.95 -24.70
N TYR A 288 24.21 20.48 -25.33
CA TYR A 288 24.06 21.43 -26.43
C TYR A 288 23.75 20.65 -27.69
N GLN A 289 22.50 20.72 -28.13
CA GLN A 289 22.02 19.82 -29.17
C GLN A 289 22.66 20.03 -30.53
N PRO A 290 23.09 21.23 -30.91
CA PRO A 290 23.66 21.42 -32.27
C PRO A 290 25.01 20.76 -32.46
N ASP A 291 25.68 20.39 -31.37
CA ASP A 291 26.89 19.58 -31.47
C ASP A 291 26.64 18.19 -32.01
N GLU A 292 25.36 17.76 -32.05
CA GLU A 292 24.94 16.58 -32.82
C GLU A 292 25.43 16.62 -34.26
N CYS A 293 25.54 17.83 -34.82
CA CYS A 293 26.15 18.04 -36.13
C CYS A 293 27.51 17.38 -36.24
N VAL A 294 28.37 17.56 -35.24
CA VAL A 294 29.64 16.87 -35.29
C VAL A 294 29.47 15.40 -34.98
N GLU A 295 28.47 15.06 -34.15
CA GLU A 295 28.38 13.74 -33.53
C GLU A 295 28.13 12.67 -34.57
N VAL A 296 27.11 12.88 -35.41
CA VAL A 296 26.87 11.98 -36.52
C VAL A 296 28.01 12.04 -37.51
N VAL A 297 28.64 13.21 -37.63
CA VAL A 297 29.88 13.34 -38.38
C VAL A 297 30.95 12.45 -37.75
N SER A 298 30.97 12.42 -36.43
CA SER A 298 31.77 11.41 -35.75
C SER A 298 31.24 10.01 -36.04
N THR A 299 29.91 9.84 -36.00
CA THR A 299 29.34 8.49 -36.03
C THR A 299 29.40 7.89 -37.43
N LEU A 300 28.69 8.49 -38.38
CA LEU A 300 28.78 8.03 -39.75
C LEU A 300 30.00 8.69 -40.38
N TYR A 301 31.01 7.88 -40.71
CA TYR A 301 32.21 8.43 -41.32
C TYR A 301 31.92 8.94 -42.72
N PRO A 302 31.29 8.18 -43.60
CA PRO A 302 30.97 8.72 -44.92
C PRO A 302 29.69 9.50 -44.96
N VAL A 303 29.46 10.33 -43.96
CA VAL A 303 28.41 11.35 -44.01
C VAL A 303 29.09 12.64 -43.64
N LEU A 304 30.39 12.74 -43.99
CA LEU A 304 31.20 13.89 -43.63
C LEU A 304 30.74 15.18 -44.30
N SER A 305 29.91 15.08 -45.33
CA SER A 305 29.23 16.26 -45.85
C SER A 305 28.27 16.83 -44.82
N ILE A 306 28.04 18.13 -44.92
CA ILE A 306 27.08 18.84 -44.06
C ILE A 306 25.71 18.80 -44.72
N ILE A 307 25.56 17.95 -45.73
CA ILE A 307 24.25 17.48 -46.15
C ILE A 307 23.52 16.85 -44.98
N CYS A 308 24.26 16.15 -44.13
CA CYS A 308 23.88 15.80 -42.77
C CYS A 308 23.39 17.04 -42.02
N PRO A 309 24.23 18.06 -41.89
CA PRO A 309 23.77 19.28 -41.19
C PRO A 309 22.69 20.01 -41.94
N THR A 310 22.65 19.86 -43.27
CA THR A 310 21.50 20.38 -44.01
C THR A 310 20.24 19.62 -43.65
N LEU A 311 20.36 18.33 -43.33
CA LEU A 311 19.19 17.61 -42.88
C LEU A 311 18.83 18.00 -41.47
N TYR A 312 19.81 18.42 -40.68
CA TYR A 312 19.51 18.98 -39.36
C TYR A 312 18.74 20.28 -39.51
N SER A 313 19.13 21.09 -40.48
CA SER A 313 18.35 22.27 -40.83
C SER A 313 16.98 21.91 -41.36
N VAL A 314 16.87 20.77 -42.04
CA VAL A 314 15.58 20.30 -42.51
C VAL A 314 14.72 19.90 -41.34
N TYR A 315 15.33 19.35 -40.29
CA TYR A 315 14.60 19.05 -39.06
C TYR A 315 14.14 20.33 -38.39
N LYS A 316 14.98 21.36 -38.44
CA LYS A 316 14.58 22.65 -37.91
C LYS A 316 13.40 23.21 -38.70
N ASP A 317 13.43 23.06 -40.03
CA ASP A 317 12.33 23.53 -40.85
C ASP A 317 11.07 22.69 -40.63
N ILE A 318 11.25 21.42 -40.29
CA ILE A 318 10.11 20.58 -39.93
C ILE A 318 9.50 21.04 -38.63
N PHE A 319 10.35 21.46 -37.69
CA PHE A 319 9.86 22.05 -36.45
C PHE A 319 9.12 23.35 -36.72
N ASP A 320 9.60 24.12 -37.68
CA ASP A 320 8.94 25.40 -38.01
C ASP A 320 7.64 25.20 -38.76
N LEU A 321 7.51 24.09 -39.49
CA LEU A 321 6.22 23.79 -40.10
C LEU A 321 5.23 23.26 -39.06
N PHE A 322 5.73 22.45 -38.12
CA PHE A 322 4.91 22.07 -36.98
C PHE A 322 4.63 23.25 -36.07
N SER A 323 5.56 24.20 -36.00
CA SER A 323 5.40 25.37 -35.16
C SER A 323 6.02 26.61 -35.79
N SER A 331 -1.10 19.73 -39.04
CA SER A 331 -2.34 20.34 -38.55
C SER A 331 -2.43 20.25 -37.04
N LYS A 332 -1.76 19.25 -36.48
CA LYS A 332 -1.68 19.07 -35.03
C LYS A 332 -0.43 18.26 -34.75
N ILE A 333 0.54 18.87 -34.06
CA ILE A 333 1.86 18.27 -33.90
C ILE A 333 1.76 17.21 -32.82
N TYR A 334 1.54 15.96 -33.24
CA TYR A 334 1.57 14.81 -32.35
C TYR A 334 2.92 14.11 -32.38
N ARG A 335 3.97 14.86 -32.70
CA ARG A 335 5.33 14.35 -32.72
C ARG A 335 6.29 15.50 -32.50
N ARG A 336 7.48 15.16 -32.04
CA ARG A 336 8.51 16.15 -31.72
C ARG A 336 9.82 15.69 -32.30
N LEU A 337 10.35 16.45 -33.24
CA LEU A 337 11.63 16.12 -33.85
C LEU A 337 12.72 16.24 -32.80
N CYS A 338 13.51 15.18 -32.66
CA CYS A 338 14.49 15.08 -31.59
C CYS A 338 15.85 14.70 -32.16
N LEU A 339 16.85 14.76 -31.30
CA LEU A 339 18.18 14.29 -31.68
C LEU A 339 18.20 12.78 -31.87
N ARG A 340 17.31 12.07 -31.17
CA ARG A 340 17.04 10.68 -31.52
C ARG A 340 16.40 10.58 -32.90
N ASP A 341 15.45 11.48 -33.20
CA ASP A 341 14.81 11.45 -34.51
C ASP A 341 15.80 11.82 -35.60
N PHE A 342 16.64 12.82 -35.36
CA PHE A 342 17.66 13.18 -36.33
C PHE A 342 18.71 12.09 -36.46
N TYR A 343 18.97 11.35 -35.38
CA TYR A 343 19.87 10.21 -35.48
C TYR A 343 19.24 9.09 -36.29
N LYS A 344 17.92 8.91 -36.18
CA LYS A 344 17.28 7.87 -36.98
C LYS A 344 17.21 8.28 -38.45
N PHE A 345 17.08 9.58 -38.70
CA PHE A 345 17.17 10.06 -40.06
C PHE A 345 18.58 9.86 -40.61
N ILE A 346 19.58 10.04 -39.75
CA ILE A 346 20.94 9.73 -40.14
C ILE A 346 21.09 8.25 -40.39
N LYS A 347 20.33 7.44 -39.68
CA LYS A 347 20.38 5.99 -39.88
C LYS A 347 19.80 5.60 -41.22
N ARG A 348 18.62 6.13 -41.54
CA ARG A 348 18.01 5.79 -42.83
C ARG A 348 18.79 6.38 -43.99
N VAL A 349 19.41 7.54 -43.78
CA VAL A 349 20.29 8.11 -44.79
C VAL A 349 21.54 7.27 -44.95
N ALA A 350 22.00 6.67 -43.86
CA ALA A 350 23.14 5.77 -43.97
C ALA A 350 22.78 4.50 -44.71
N PHE A 351 21.55 4.04 -44.52
CA PHE A 351 21.05 2.90 -45.28
C PHE A 351 20.96 3.25 -46.75
N LEU A 352 20.62 4.50 -47.05
CA LEU A 352 20.62 4.97 -48.42
C LEU A 352 22.04 4.99 -48.98
N TYR A 353 22.98 5.56 -48.24
CA TYR A 353 24.26 6.00 -48.80
C TYR A 353 25.19 4.88 -49.23
N HIS A 354 24.79 3.61 -49.09
CA HIS A 354 25.48 2.55 -49.80
C HIS A 354 25.41 2.73 -51.31
N LYS A 355 24.29 3.26 -51.80
CA LYS A 355 24.15 3.56 -53.23
C LYS A 355 24.97 4.78 -53.61
N VAL A 373 17.75 11.60 -55.63
CA VAL A 373 18.53 10.97 -54.58
C VAL A 373 17.66 10.79 -53.35
N PHE A 374 18.12 11.30 -52.23
CA PHE A 374 17.55 11.01 -50.92
C PHE A 374 16.44 11.93 -50.53
N LYS A 375 15.76 12.53 -51.51
CA LYS A 375 14.54 13.26 -51.19
C LYS A 375 13.49 12.33 -50.63
N GLU A 376 13.43 11.11 -51.16
CA GLU A 376 12.49 10.11 -50.66
C GLU A 376 12.79 9.74 -49.23
N ALA A 377 14.05 9.89 -48.81
CA ALA A 377 14.45 9.50 -47.46
C ALA A 377 13.79 10.39 -46.42
N ILE A 378 14.01 11.69 -46.50
CA ILE A 378 13.32 12.60 -45.60
C ILE A 378 11.84 12.68 -45.91
N ASP A 379 11.43 12.31 -47.12
CA ASP A 379 10.01 12.18 -47.41
C ASP A 379 9.37 11.11 -46.56
N MET A 380 10.11 10.05 -46.27
CA MET A 380 9.66 9.10 -45.26
C MET A 380 9.71 9.70 -43.87
N PHE A 381 10.62 10.64 -43.62
CA PHE A 381 10.83 11.18 -42.28
C PHE A 381 9.78 12.20 -41.88
N GLY A 382 8.70 12.34 -42.62
CA GLY A 382 7.59 13.12 -42.18
C GLY A 382 6.31 12.43 -42.59
N ALA A 383 6.38 11.11 -42.76
CA ALA A 383 5.21 10.35 -43.18
C ALA A 383 4.16 10.28 -42.09
N PHE A 384 4.53 10.49 -40.83
CA PHE A 384 3.56 10.62 -39.75
C PHE A 384 2.93 12.01 -39.81
N ILE A 385 2.00 12.17 -40.74
CA ILE A 385 1.38 13.47 -41.00
C ILE A 385 -0.03 13.26 -41.53
N PRO A 386 -1.06 13.37 -40.69
CA PRO A 386 -2.39 12.85 -41.07
C PRO A 386 -3.14 13.67 -42.11
N SER A 387 -2.56 14.74 -42.63
CA SER A 387 -3.11 15.43 -43.80
C SER A 387 -2.09 15.32 -44.92
N ARG A 388 -2.54 14.85 -46.09
CA ARG A 388 -1.66 14.71 -47.24
C ARG A 388 -1.20 16.07 -47.74
N ASP A 389 -2.00 17.11 -47.51
CA ASP A 389 -1.55 18.47 -47.72
C ASP A 389 -0.37 18.80 -46.82
N GLY A 390 -0.41 18.36 -45.57
CA GLY A 390 0.73 18.55 -44.69
C GLY A 390 1.94 17.76 -45.13
N PHE A 391 1.72 16.58 -45.70
CA PHE A 391 2.81 15.83 -46.32
C PHE A 391 3.41 16.60 -47.47
N ASP A 392 2.57 17.26 -48.27
CA ASP A 392 3.06 18.06 -49.37
C ASP A 392 3.84 19.27 -48.87
N LEU A 393 3.41 19.84 -47.75
CA LEU A 393 4.12 20.99 -47.20
C LEU A 393 5.47 20.57 -46.64
N VAL A 394 5.53 19.39 -46.02
CA VAL A 394 6.81 18.82 -45.61
C VAL A 394 7.68 18.59 -46.83
N VAL A 395 7.08 18.18 -47.94
CA VAL A 395 7.82 17.93 -49.16
C VAL A 395 8.35 19.24 -49.73
N ARG A 396 7.59 20.31 -49.59
CA ARG A 396 8.03 21.60 -50.10
C ARG A 396 9.18 22.13 -49.25
N ASN A 397 9.06 21.98 -47.93
CA ASN A 397 10.16 22.34 -47.02
C ASN A 397 11.40 21.54 -47.34
N VAL A 398 11.22 20.26 -47.65
CA VAL A 398 12.35 19.39 -47.94
C VAL A 398 13.01 19.78 -49.25
N ALA A 399 12.19 20.03 -50.27
CA ALA A 399 12.72 20.41 -51.57
C ALA A 399 13.36 21.77 -51.52
N ILE A 400 12.90 22.64 -50.62
CA ILE A 400 13.63 23.86 -50.31
C ILE A 400 15.01 23.51 -49.76
N GLU A 401 15.07 22.58 -48.81
CA GLU A 401 16.38 22.14 -48.34
C GLU A 401 17.10 21.30 -49.38
N LEU A 402 16.37 20.64 -50.27
CA LEU A 402 16.98 19.82 -51.31
C LEU A 402 17.11 20.63 -52.61
N ASN A 403 17.32 19.93 -53.71
CA ASN A 403 17.35 20.49 -55.06
C ASN A 403 15.93 20.49 -55.63
N ILE A 404 15.83 20.65 -56.95
CA ILE A 404 14.61 21.00 -57.69
C ILE A 404 13.46 20.01 -57.53
N PRO A 405 12.26 20.37 -57.98
CA PRO A 405 11.06 19.66 -57.54
C PRO A 405 10.89 18.33 -58.25
N PRO A 406 11.19 17.23 -57.58
CA PRO A 406 10.78 15.91 -58.09
C PRO A 406 9.46 15.44 -57.49
N GLU A 407 8.34 16.00 -57.91
CA GLU A 407 7.07 15.48 -57.46
C GLU A 407 6.73 14.14 -58.09
N LYS A 408 7.50 13.73 -59.11
CA LYS A 408 7.47 12.36 -59.60
C LYS A 408 7.72 11.37 -58.47
N ALA A 409 8.72 11.64 -57.64
CA ALA A 409 8.98 10.78 -56.50
C ALA A 409 7.87 10.87 -55.45
N LEU A 410 7.14 11.98 -55.43
CA LEU A 410 6.15 12.22 -54.39
C LEU A 410 4.90 11.35 -54.54
N GLN A 411 4.69 10.72 -55.69
CA GLN A 411 3.57 9.78 -55.84
C GLN A 411 3.99 8.58 -56.66
N LEU A 412 5.17 8.03 -56.39
CA LEU A 412 5.68 6.90 -57.16
C LEU A 412 4.95 5.60 -56.83
N PRO A 417 5.52 -1.12 -58.84
CA PRO A 417 6.46 -2.06 -58.25
C PRO A 417 5.75 -3.16 -57.48
N VAL A 418 6.17 -4.41 -57.62
CA VAL A 418 5.53 -5.49 -56.87
C VAL A 418 6.53 -6.24 -56.01
N PHE A 419 7.49 -6.91 -56.64
CA PHE A 419 8.48 -7.75 -55.98
C PHE A 419 9.47 -8.22 -57.04
N GLN A 420 10.57 -8.80 -56.58
CA GLN A 420 11.37 -9.74 -57.37
C GLN A 420 11.55 -10.94 -56.45
N ASN A 421 10.54 -11.79 -56.40
CA ASN A 421 10.31 -12.65 -55.24
C ASN A 421 10.75 -14.08 -55.53
N LEU A 422 12.06 -14.32 -55.50
CA LEU A 422 12.54 -15.68 -55.68
C LEU A 422 13.31 -16.22 -54.48
N GLU A 423 14.45 -15.65 -54.14
CA GLU A 423 15.26 -16.25 -53.08
C GLU A 423 15.69 -15.23 -52.04
N HIS A 424 16.07 -14.03 -52.47
CA HIS A 424 16.06 -12.86 -51.59
C HIS A 424 14.74 -12.12 -51.81
N ASN A 425 13.67 -12.85 -51.48
CA ASN A 425 12.38 -12.69 -52.14
C ASN A 425 11.62 -11.47 -51.60
N ILE A 426 12.21 -10.29 -51.85
CA ILE A 426 11.54 -9.01 -51.71
C ILE A 426 12.36 -7.98 -52.47
N ASN A 427 11.66 -7.14 -53.23
CA ASN A 427 12.32 -6.03 -53.90
C ASN A 427 11.45 -4.79 -53.95
N ILE A 428 10.48 -4.66 -53.05
CA ILE A 428 9.41 -3.69 -53.22
C ILE A 428 9.93 -2.28 -52.91
N GLY A 429 10.01 -1.43 -53.93
CA GLY A 429 10.12 0.00 -53.75
C GLY A 429 11.41 0.56 -53.20
N ARG A 430 12.49 0.44 -53.99
CA ARG A 430 13.83 0.93 -53.65
C ARG A 430 14.37 0.31 -52.37
N CYS A 431 13.94 -0.93 -52.09
CA CYS A 431 14.25 -1.59 -50.83
C CYS A 431 13.99 -3.07 -51.01
N SER A 432 14.96 -3.90 -50.60
CA SER A 432 14.88 -5.33 -50.72
C SER A 432 15.01 -5.98 -49.35
N LEU A 433 14.63 -7.26 -49.28
CA LEU A 433 14.73 -8.01 -48.04
C LEU A 433 15.06 -9.46 -48.36
N LYS A 434 16.20 -9.93 -47.86
CA LYS A 434 16.61 -11.32 -48.04
C LYS A 434 15.78 -12.17 -47.10
N LYS A 435 14.61 -12.59 -47.57
CA LYS A 435 13.66 -13.34 -46.76
C LYS A 435 14.19 -14.75 -46.45
N LEU A 436 13.71 -15.30 -45.35
CA LEU A 436 14.27 -16.52 -44.76
C LEU A 436 13.19 -17.58 -44.60
N SER A 437 13.44 -18.77 -45.17
CA SER A 437 12.63 -19.98 -45.02
C SER A 437 11.18 -19.74 -45.49
N THR A 438 11.07 -19.55 -46.80
CA THR A 438 9.83 -19.13 -47.43
C THR A 438 8.70 -20.13 -47.25
N ILE A 439 7.52 -19.60 -46.93
CA ILE A 439 6.32 -20.40 -46.70
C ILE A 439 5.23 -20.10 -47.72
N ARG A 440 5.07 -18.83 -48.10
CA ARG A 440 4.04 -18.44 -49.03
C ARG A 440 4.57 -17.43 -50.05
N ASN A 445 -2.14 -15.45 -49.48
CA ASN A 445 -3.56 -15.67 -49.68
C ASN A 445 -4.11 -14.68 -50.68
N SER A 446 -4.57 -13.55 -50.16
CA SER A 446 -4.82 -12.40 -51.02
C SER A 446 -3.54 -11.58 -50.99
N TYR A 447 -3.02 -11.22 -52.16
CA TYR A 447 -1.66 -10.71 -52.24
C TYR A 447 -1.63 -9.50 -53.18
N ALA A 448 -0.70 -8.57 -52.91
CA ALA A 448 -0.30 -7.48 -53.80
C ALA A 448 -1.47 -6.61 -54.24
N PHE A 449 -2.03 -5.92 -53.27
CA PHE A 449 -3.20 -5.07 -53.46
C PHE A 449 -2.79 -3.74 -54.08
N THR A 450 -3.62 -2.71 -53.91
CA THR A 450 -3.57 -1.43 -54.61
C THR A 450 -2.31 -0.61 -54.35
N SER A 451 -2.25 0.55 -55.01
CA SER A 451 -1.07 1.41 -54.94
C SER A 451 -0.84 1.92 -53.54
N SER A 452 -1.91 2.17 -52.79
CA SER A 452 -1.77 2.53 -51.38
C SER A 452 -1.17 1.38 -50.58
N SER A 453 -1.58 0.15 -50.91
CA SER A 453 -0.99 -1.01 -50.26
C SER A 453 0.47 -1.17 -50.64
N LEU A 454 0.80 -0.84 -51.89
CA LEU A 454 2.19 -0.84 -52.31
C LEU A 454 3.01 0.17 -51.53
N GLY A 455 2.43 1.34 -51.26
CA GLY A 455 3.14 2.35 -50.50
C GLY A 455 3.37 1.95 -49.06
N LEU A 456 2.34 1.39 -48.42
CA LEU A 456 2.49 0.97 -47.03
C LEU A 456 3.46 -0.19 -46.93
N LEU A 457 3.44 -1.09 -47.91
CA LEU A 457 4.36 -2.21 -47.90
C LEU A 457 5.78 -1.75 -48.12
N GLU A 458 5.98 -0.75 -48.97
CA GLU A 458 7.32 -0.22 -49.18
C GLU A 458 7.81 0.50 -47.94
N GLN A 459 6.91 1.19 -47.25
CA GLN A 459 7.29 1.87 -46.02
C GLN A 459 7.67 0.88 -44.94
N LEU A 460 6.89 -0.19 -44.81
CA LEU A 460 7.21 -1.22 -43.82
C LEU A 460 8.45 -1.97 -44.20
N ALA A 461 8.74 -2.07 -45.49
CA ALA A 461 10.00 -2.66 -45.94
C ALA A 461 11.17 -1.79 -45.53
N ALA A 462 11.05 -0.48 -45.73
CA ALA A 462 12.11 0.45 -45.37
C ALA A 462 12.33 0.46 -43.86
N GLY A 463 11.26 0.28 -43.10
CA GLY A 463 11.42 0.15 -41.67
C GLY A 463 12.10 -1.15 -41.28
N VAL A 464 11.69 -2.26 -41.91
CA VAL A 464 12.18 -3.57 -41.53
C VAL A 464 13.64 -3.75 -41.86
N GLN A 465 14.11 -3.09 -42.92
CA GLN A 465 15.51 -3.20 -43.26
C GLN A 465 16.41 -2.47 -42.28
N THR A 466 15.87 -1.52 -41.54
CA THR A 466 16.67 -0.64 -40.72
C THR A 466 16.77 -1.07 -39.27
N ASN A 467 15.95 -2.03 -38.84
CA ASN A 467 15.80 -2.47 -37.45
C ASN A 467 15.42 -1.30 -36.55
N GLU A 468 14.24 -0.78 -36.82
CA GLU A 468 13.69 0.31 -36.01
C GLU A 468 12.35 -0.13 -35.45
N PRO A 469 11.69 0.70 -34.67
CA PRO A 469 10.29 0.42 -34.34
C PRO A 469 9.36 1.10 -35.35
N LEU A 470 8.16 0.55 -35.44
CA LEU A 470 7.19 1.10 -36.38
C LEU A 470 5.79 0.81 -35.88
N LEU A 471 4.89 1.74 -36.15
CA LEU A 471 3.48 1.63 -35.84
C LEU A 471 2.70 2.01 -37.09
N LEU A 472 1.38 2.00 -36.97
CA LEU A 472 0.51 2.53 -38.02
C LEU A 472 -0.83 2.83 -37.38
N VAL A 473 -1.17 4.10 -37.27
CA VAL A 473 -2.46 4.49 -36.73
C VAL A 473 -3.45 4.68 -37.88
N GLY A 474 -4.67 4.19 -37.69
CA GLY A 474 -5.69 4.31 -38.72
C GLY A 474 -7.11 4.14 -38.20
N GLU A 475 -7.97 3.49 -38.99
CA GLU A 475 -9.34 3.23 -38.55
C GLU A 475 -9.89 1.88 -38.99
N THR A 476 -9.09 1.02 -39.63
CA THR A 476 -9.63 -0.16 -40.29
C THR A 476 -9.45 -1.45 -39.51
N GLY A 477 -8.44 -1.56 -38.66
CA GLY A 477 -8.10 -2.86 -38.14
C GLY A 477 -7.49 -3.75 -39.20
N THR A 478 -6.82 -3.14 -40.17
CA THR A 478 -6.26 -3.86 -41.29
C THR A 478 -4.84 -3.45 -41.57
N GLY A 479 -4.30 -2.49 -40.82
CA GLY A 479 -2.87 -2.33 -40.77
C GLY A 479 -2.19 -3.57 -40.23
N LYS A 480 -2.85 -4.27 -39.32
CA LYS A 480 -2.43 -5.60 -38.93
C LYS A 480 -2.57 -6.59 -40.08
N THR A 481 -3.59 -6.41 -40.91
CA THR A 481 -3.73 -7.28 -42.07
C THR A 481 -2.63 -7.03 -43.07
N THR A 482 -2.29 -5.75 -43.28
CA THR A 482 -1.14 -5.42 -44.11
C THR A 482 0.14 -5.94 -43.49
N THR A 483 0.21 -5.93 -42.16
CA THR A 483 1.41 -6.37 -41.47
C THR A 483 1.63 -7.85 -41.64
N ILE A 484 0.61 -8.66 -41.39
CA ILE A 484 0.73 -10.09 -41.53
C ILE A 484 0.87 -10.47 -42.99
N GLN A 485 0.22 -9.69 -43.87
CA GLN A 485 0.34 -9.86 -45.31
C GLN A 485 1.77 -9.72 -45.76
N LEU A 486 2.37 -8.57 -45.50
CA LEU A 486 3.74 -8.33 -45.91
C LEU A 486 4.73 -9.17 -45.14
N LEU A 487 4.36 -9.63 -43.95
CA LEU A 487 5.18 -10.57 -43.21
C LEU A 487 5.35 -11.85 -43.99
N ALA A 488 4.23 -12.50 -44.29
CA ALA A 488 4.29 -13.77 -45.02
C ALA A 488 4.77 -13.57 -46.44
N GLY A 489 4.41 -12.44 -47.05
CA GLY A 489 4.84 -12.14 -48.39
C GLY A 489 6.32 -11.85 -48.48
N LEU A 490 6.92 -11.40 -47.38
CA LEU A 490 8.36 -11.45 -47.38
C LEU A 490 8.76 -12.87 -47.06
N LEU A 491 8.65 -13.25 -45.80
CA LEU A 491 8.79 -14.65 -45.46
C LEU A 491 7.62 -15.09 -44.58
N GLY A 492 7.42 -14.36 -43.49
CA GLY A 492 6.62 -14.80 -42.38
C GLY A 492 7.52 -15.38 -41.32
N GLN A 493 7.87 -14.59 -40.32
CA GLN A 493 8.72 -15.12 -39.25
C GLN A 493 7.84 -15.87 -38.26
N LYS A 494 7.01 -15.12 -37.55
CA LYS A 494 5.82 -15.59 -36.83
C LYS A 494 5.09 -14.34 -36.38
N VAL A 495 3.81 -14.22 -36.70
CA VAL A 495 3.09 -13.03 -36.28
C VAL A 495 2.67 -13.20 -34.83
N THR A 496 3.54 -12.82 -33.91
CA THR A 496 3.20 -12.86 -32.48
C THR A 496 2.34 -11.63 -32.20
N VAL A 497 1.06 -11.75 -32.53
CA VAL A 497 0.17 -10.59 -32.48
C VAL A 497 -0.35 -10.46 -31.06
N ILE A 498 0.44 -9.82 -30.20
CA ILE A 498 0.05 -9.62 -28.81
C ILE A 498 -0.91 -8.43 -28.78
N ASN A 499 -2.20 -8.71 -28.67
CA ASN A 499 -3.18 -7.66 -28.45
C ASN A 499 -2.96 -7.14 -27.04
N MET A 500 -2.27 -6.00 -26.93
CA MET A 500 -1.73 -5.52 -25.67
C MET A 500 -2.64 -4.52 -25.01
N SER A 501 -3.95 -4.73 -25.09
CA SER A 501 -4.92 -3.83 -24.48
C SER A 501 -5.66 -4.44 -23.30
N GLN A 502 -5.53 -5.73 -23.04
CA GLN A 502 -6.27 -6.38 -21.97
C GLN A 502 -5.36 -6.87 -20.85
N GLN A 503 -4.41 -7.75 -21.16
CA GLN A 503 -3.39 -8.12 -20.18
C GLN A 503 -2.42 -6.95 -20.06
N THR A 504 -2.50 -6.24 -18.93
CA THR A 504 -2.11 -4.84 -18.89
C THR A 504 -0.62 -4.55 -19.08
N GLU A 505 0.24 -5.01 -18.17
CA GLU A 505 1.65 -4.66 -18.28
C GLU A 505 2.63 -5.78 -17.96
N SER A 506 2.27 -6.78 -17.16
CA SER A 506 3.25 -7.79 -16.80
C SER A 506 3.23 -8.95 -17.77
N SER A 507 2.03 -9.36 -18.21
CA SER A 507 1.86 -10.58 -18.99
C SER A 507 2.54 -10.49 -20.35
N ASP A 508 2.61 -9.29 -20.92
CA ASP A 508 3.46 -9.07 -22.08
C ASP A 508 4.91 -9.27 -21.71
N MET A 509 5.33 -8.65 -20.61
CA MET A 509 6.75 -8.60 -20.27
C MET A 509 7.23 -9.91 -19.69
N LEU A 510 6.70 -10.32 -18.54
CA LEU A 510 7.37 -11.35 -17.74
C LEU A 510 6.35 -12.05 -16.84
N GLY A 511 6.86 -12.75 -15.82
CA GLY A 511 6.05 -13.46 -14.86
C GLY A 511 6.83 -14.11 -13.73
N SER A 519 -3.72 -20.95 -7.00
CA SER A 519 -2.82 -22.09 -7.06
C SER A 519 -3.36 -23.26 -6.27
N THR A 520 -4.50 -23.79 -6.73
CA THR A 520 -5.16 -24.93 -6.10
C THR A 520 -4.76 -26.24 -6.74
N LEU A 521 -3.52 -26.35 -7.21
CA LEU A 521 -3.09 -27.49 -8.01
C LEU A 521 -3.02 -28.76 -7.16
N GLY A 522 -2.20 -28.74 -6.11
CA GLY A 522 -2.14 -29.89 -5.24
C GLY A 522 -3.38 -30.09 -4.41
N LEU A 523 -4.24 -29.07 -4.32
CA LEU A 523 -5.46 -29.17 -3.51
C LEU A 523 -6.44 -30.20 -4.04
N PRO A 524 -6.79 -30.21 -5.33
CA PRO A 524 -7.68 -31.27 -5.82
C PRO A 524 -7.03 -32.63 -5.79
N LEU A 525 -5.71 -32.69 -5.96
CA LEU A 525 -4.98 -33.94 -5.88
C LEU A 525 -5.08 -34.54 -4.48
N HIS A 526 -4.87 -33.71 -3.46
CA HIS A 526 -4.97 -34.21 -2.10
C HIS A 526 -6.41 -34.46 -1.70
N GLU A 527 -7.37 -33.75 -2.31
CA GLU A 527 -8.78 -34.07 -2.06
C GLU A 527 -9.11 -35.45 -2.60
N ARG A 528 -8.56 -35.79 -3.75
CA ARG A 528 -8.76 -37.12 -4.32
C ARG A 528 -8.11 -38.19 -3.46
N PHE A 529 -6.86 -37.97 -3.07
CA PHE A 529 -6.14 -38.99 -2.30
C PHE A 529 -6.73 -39.16 -0.90
N ILE A 530 -7.23 -38.09 -0.30
CA ILE A 530 -7.82 -38.23 1.02
C ILE A 530 -9.21 -38.82 0.94
N ASP A 531 -9.93 -38.58 -0.17
CA ASP A 531 -11.19 -39.29 -0.38
C ASP A 531 -10.94 -40.79 -0.53
N ILE A 532 -9.86 -41.15 -1.22
CA ILE A 532 -9.54 -42.56 -1.41
C ILE A 532 -9.10 -43.21 -0.10
N PHE A 533 -8.30 -42.51 0.69
CA PHE A 533 -7.80 -43.13 1.92
C PHE A 533 -8.86 -43.17 3.02
N GLU A 534 -9.75 -42.18 3.08
CA GLU A 534 -10.88 -42.31 3.99
C GLU A 534 -11.87 -43.34 3.50
N GLN A 535 -11.90 -43.63 2.20
CA GLN A 535 -12.63 -44.80 1.74
C GLN A 535 -11.93 -46.07 2.18
N THR A 536 -10.60 -46.06 2.26
CA THR A 536 -9.89 -47.25 2.69
C THR A 536 -9.97 -47.43 4.20
N PHE A 537 -9.60 -46.40 4.96
CA PHE A 537 -9.52 -46.53 6.41
C PHE A 537 -10.91 -46.57 7.03
N SER A 538 -11.67 -45.50 6.89
CA SER A 538 -12.96 -45.43 7.53
C SER A 538 -14.03 -46.00 6.60
N SER A 539 -15.29 -45.84 7.00
CA SER A 539 -16.41 -46.44 6.30
C SER A 539 -17.33 -45.35 5.76
N LYS A 540 -18.24 -45.78 4.89
CA LYS A 540 -19.20 -44.91 4.24
C LYS A 540 -20.14 -44.27 5.25
N LYS A 541 -20.94 -45.09 5.92
CA LYS A 541 -21.86 -44.54 6.90
C LYS A 541 -21.15 -44.01 8.14
N ASN A 542 -19.91 -44.43 8.37
CA ASN A 542 -19.19 -43.99 9.57
C ASN A 542 -18.70 -42.55 9.41
N ALA A 543 -17.82 -42.30 8.45
CA ALA A 543 -17.20 -41.00 8.28
C ALA A 543 -17.96 -40.13 7.31
N LYS A 544 -19.29 -40.27 7.28
CA LYS A 544 -20.12 -39.70 6.22
C LYS A 544 -20.07 -38.19 6.21
N PHE A 545 -20.43 -37.55 7.33
CA PHE A 545 -20.35 -36.10 7.37
C PHE A 545 -18.92 -35.63 7.39
N ILE A 546 -18.00 -36.46 7.90
CA ILE A 546 -16.58 -36.14 7.80
C ILE A 546 -16.16 -36.12 6.34
N SER A 547 -16.71 -37.02 5.54
CA SER A 547 -16.47 -36.97 4.11
C SER A 547 -17.15 -35.76 3.49
N MET A 548 -18.34 -35.40 3.98
CA MET A 548 -19.08 -34.31 3.38
C MET A 548 -18.41 -32.98 3.66
N ALA A 549 -17.73 -32.87 4.78
CA ALA A 549 -16.97 -31.68 5.08
C ALA A 549 -15.55 -31.77 4.58
N SER A 550 -15.12 -32.94 4.16
CA SER A 550 -13.96 -33.01 3.29
C SER A 550 -14.31 -32.62 1.87
N THR A 551 -15.60 -32.62 1.55
CA THR A 551 -16.06 -32.23 0.22
C THR A 551 -16.36 -30.73 0.16
N SER A 552 -17.29 -30.26 1.00
CA SER A 552 -17.79 -28.90 0.91
C SER A 552 -16.72 -27.89 1.21
N ALA A 553 -15.77 -28.25 2.05
CA ALA A 553 -14.60 -27.40 2.25
C ALA A 553 -13.57 -27.57 1.16
N ARG A 554 -13.66 -28.61 0.34
CA ARG A 554 -12.69 -28.73 -0.71
C ARG A 554 -13.02 -27.88 -1.92
N ARG A 555 -14.27 -27.41 -2.04
CA ARG A 555 -14.71 -26.64 -3.20
C ARG A 555 -14.18 -25.21 -3.12
N PHE A 556 -12.86 -25.11 -3.28
CA PHE A 556 -12.09 -23.86 -3.31
C PHE A 556 -12.27 -23.03 -2.03
N ARG A 557 -12.15 -23.69 -0.88
CA ARG A 557 -11.81 -23.02 0.38
C ARG A 557 -10.70 -23.87 0.96
N TRP A 558 -9.48 -23.66 0.47
CA TRP A 558 -8.45 -24.68 0.52
C TRP A 558 -7.49 -24.49 1.70
N LYS A 559 -7.98 -24.02 2.84
CA LYS A 559 -7.14 -23.95 4.03
C LYS A 559 -7.77 -24.53 5.28
N THR A 560 -9.10 -24.58 5.38
CA THR A 560 -9.72 -25.34 6.45
C THR A 560 -9.65 -26.83 6.18
N CYS A 561 -9.45 -27.21 4.92
CA CYS A 561 -9.26 -28.61 4.57
C CYS A 561 -7.94 -29.16 5.10
N LEU A 562 -7.01 -28.30 5.50
CA LEU A 562 -5.82 -28.75 6.21
C LEU A 562 -6.20 -29.40 7.53
N LYS A 563 -7.22 -28.87 8.20
CA LYS A 563 -7.70 -29.48 9.43
C LYS A 563 -8.37 -30.83 9.14
N ILE A 564 -9.12 -30.91 8.05
CA ILE A 564 -9.77 -32.17 7.69
C ILE A 564 -8.76 -33.18 7.23
N TRP A 565 -7.59 -32.74 6.77
CA TRP A 565 -6.50 -33.66 6.52
C TRP A 565 -5.86 -34.11 7.82
N LYS A 566 -5.59 -33.16 8.73
CA LYS A 566 -4.78 -33.45 9.89
C LYS A 566 -5.52 -34.32 10.90
N GLU A 567 -6.78 -34.02 11.16
CA GLU A 567 -7.52 -34.80 12.15
C GLU A 567 -7.81 -36.20 11.64
N ALA A 568 -8.05 -36.33 10.35
CA ALA A 568 -8.17 -37.64 9.75
C ALA A 568 -6.86 -38.38 9.77
N CYS A 569 -5.75 -37.66 9.67
CA CYS A 569 -4.44 -38.30 9.83
C CYS A 569 -4.25 -38.77 11.26
N LYS A 570 -4.78 -38.04 12.23
CA LYS A 570 -4.69 -38.43 13.62
C LYS A 570 -5.48 -39.71 13.88
N LEU A 571 -6.71 -39.76 13.37
CA LEU A 571 -7.51 -40.96 13.57
C LEU A 571 -6.97 -42.12 12.74
N SER A 572 -6.33 -41.84 11.61
CA SER A 572 -5.69 -42.89 10.83
C SER A 572 -4.48 -43.46 11.57
N LYS A 573 -3.75 -42.59 12.28
CA LYS A 573 -2.71 -43.06 13.18
C LYS A 573 -3.30 -43.91 14.29
N THR A 574 -4.45 -43.51 14.82
CA THR A 574 -5.13 -44.30 15.84
C THR A 574 -5.68 -45.61 15.30
N VAL A 575 -5.81 -45.75 13.98
CA VAL A 575 -6.25 -47.03 13.40
C VAL A 575 -5.18 -48.09 13.42
N LEU A 576 -3.96 -47.77 13.86
CA LEU A 576 -2.88 -48.74 13.96
C LEU A 576 -3.16 -49.77 15.05
N ASN A 594 -1.15 -55.79 3.01
CA ASN A 594 -2.52 -55.28 3.01
C ASN A 594 -2.68 -54.24 4.09
N GLN A 595 -1.88 -54.37 5.13
CA GLN A 595 -1.98 -53.49 6.29
C GLN A 595 -0.91 -52.40 6.28
N VAL A 596 0.36 -52.81 6.25
CA VAL A 596 1.44 -51.85 6.43
C VAL A 596 1.64 -51.01 5.18
N GLU A 597 1.28 -51.54 4.01
CA GLU A 597 1.28 -50.76 2.79
C GLU A 597 0.29 -49.60 2.89
N LEU A 598 -0.94 -49.90 3.32
CA LEU A 598 -1.92 -48.86 3.56
C LEU A 598 -1.53 -47.97 4.72
N ARG A 599 -0.78 -48.50 5.68
CA ARG A 599 -0.26 -47.70 6.77
C ARG A 599 0.69 -46.64 6.25
N ASN A 600 1.63 -47.06 5.41
CA ASN A 600 2.55 -46.11 4.78
C ASN A 600 1.82 -45.18 3.81
N GLN A 601 0.70 -45.65 3.25
CA GLN A 601 -0.10 -44.79 2.37
C GLN A 601 -0.74 -43.66 3.14
N TRP A 602 -1.39 -43.97 4.26
CA TRP A 602 -1.96 -42.95 5.12
C TRP A 602 -0.88 -42.04 5.70
N ALA A 603 0.28 -42.61 6.00
CA ALA A 603 1.38 -41.81 6.56
C ALA A 603 1.95 -40.83 5.54
N LYS A 604 2.17 -41.29 4.30
CA LYS A 604 2.72 -40.43 3.27
C LYS A 604 1.70 -39.39 2.84
N PHE A 605 0.42 -39.77 2.80
CA PHE A 605 -0.65 -38.80 2.57
C PHE A 605 -0.65 -37.74 3.64
N GLU A 606 -0.42 -38.14 4.90
CA GLU A 606 -0.38 -37.18 6.00
C GLU A 606 0.81 -36.24 5.89
N LYS A 607 1.98 -36.78 5.55
CA LYS A 607 3.17 -35.93 5.44
C LYS A 607 3.05 -34.98 4.26
N GLU A 608 2.48 -35.44 3.16
CA GLU A 608 2.27 -34.58 2.01
C GLU A 608 1.25 -33.50 2.32
N VAL A 609 0.22 -33.85 3.08
CA VAL A 609 -0.77 -32.87 3.48
C VAL A 609 -0.16 -31.82 4.40
N GLU A 610 0.77 -32.24 5.26
CA GLU A 610 1.46 -31.28 6.11
C GLU A 610 2.38 -30.38 5.32
N ASP A 611 3.00 -30.91 4.26
CA ASP A 611 3.81 -30.06 3.39
C ASP A 611 2.95 -29.04 2.65
N PHE A 612 1.76 -29.46 2.23
CA PHE A 612 0.85 -28.53 1.58
C PHE A 612 0.31 -27.50 2.56
N GLU A 613 0.03 -27.94 3.78
CA GLU A 613 -0.52 -27.04 4.80
C GLU A 613 0.54 -26.13 5.39
N LYS A 614 1.81 -26.43 5.19
CA LYS A 614 2.82 -25.41 5.37
C LYS A 614 2.89 -24.52 4.14
N VAL A 615 2.71 -25.10 2.95
CA VAL A 615 2.71 -24.32 1.73
C VAL A 615 1.46 -23.47 1.61
N LEU A 616 0.38 -23.84 2.29
CA LEU A 616 -0.86 -23.07 2.21
C LEU A 616 -0.72 -21.74 2.94
N THR A 617 0.09 -21.69 3.98
CA THR A 617 0.40 -20.41 4.60
C THR A 617 1.71 -19.91 4.01
N VAL A 628 6.84 -17.35 -15.04
CA VAL A 628 6.31 -17.76 -16.34
C VAL A 628 7.28 -17.33 -17.42
N GLU A 629 6.79 -17.28 -18.65
CA GLU A 629 7.60 -16.91 -19.82
C GLU A 629 6.87 -15.82 -20.60
N GLY A 630 7.49 -14.66 -20.72
CA GLY A 630 6.84 -13.55 -21.36
C GLY A 630 6.83 -13.67 -22.87
N ALA A 631 5.79 -13.11 -23.49
CA ALA A 631 5.59 -13.29 -24.92
C ALA A 631 6.64 -12.54 -25.72
N LEU A 632 6.95 -11.31 -25.32
CA LEU A 632 8.02 -10.57 -25.98
C LEU A 632 9.37 -11.22 -25.75
N VAL A 633 9.55 -11.85 -24.58
CA VAL A 633 10.81 -12.52 -24.31
C VAL A 633 10.93 -13.78 -25.14
N LYS A 634 9.83 -14.52 -25.27
CA LYS A 634 9.80 -15.69 -26.14
C LYS A 634 10.01 -15.29 -27.59
N ALA A 635 9.55 -14.11 -27.98
CA ALA A 635 9.79 -13.61 -29.31
C ALA A 635 11.26 -13.27 -29.52
N VAL A 636 11.84 -12.49 -28.61
CA VAL A 636 13.18 -11.99 -28.79
C VAL A 636 14.21 -13.09 -28.67
N ARG A 637 13.87 -14.16 -27.97
CA ARG A 637 14.69 -15.36 -28.04
C ARG A 637 14.33 -16.22 -29.24
N SER A 638 13.11 -16.09 -29.75
CA SER A 638 12.65 -16.96 -30.82
C SER A 638 12.93 -16.38 -32.20
N GLY A 639 12.37 -15.21 -32.48
CA GLY A 639 12.44 -14.68 -33.83
C GLY A 639 11.09 -14.53 -34.48
N HIS A 640 10.07 -14.20 -33.70
CA HIS A 640 8.74 -13.93 -34.22
C HIS A 640 8.65 -12.47 -34.68
N TRP A 641 7.45 -12.01 -34.94
CA TRP A 641 7.18 -10.60 -35.19
C TRP A 641 6.26 -10.08 -34.08
N VAL A 642 6.75 -9.10 -33.33
CA VAL A 642 6.03 -8.57 -32.17
C VAL A 642 5.03 -7.54 -32.64
N LEU A 643 3.83 -7.98 -33.00
CA LEU A 643 2.80 -7.09 -33.49
C LEU A 643 1.98 -6.60 -32.31
N LEU A 644 2.55 -5.65 -31.58
CA LEU A 644 1.88 -5.09 -30.41
C LEU A 644 0.75 -4.19 -30.90
N ASP A 645 -0.46 -4.74 -30.94
CA ASP A 645 -1.59 -3.98 -31.43
C ASP A 645 -2.26 -3.18 -30.32
N GLU A 646 -2.93 -2.11 -30.73
CA GLU A 646 -3.77 -1.26 -29.88
C GLU A 646 -2.99 -0.63 -28.73
N ILE A 647 -1.82 -0.09 -29.07
CA ILE A 647 -1.05 0.65 -28.07
C ILE A 647 -1.70 1.98 -27.73
N ASN A 648 -2.65 2.45 -28.54
CA ASN A 648 -3.39 3.67 -28.24
C ASN A 648 -4.54 3.44 -27.26
N LEU A 649 -4.67 2.25 -26.71
CA LEU A 649 -5.50 2.01 -25.52
C LEU A 649 -4.74 0.97 -24.70
N ALA A 650 -3.88 1.45 -23.83
CA ALA A 650 -3.05 0.58 -23.00
C ALA A 650 -2.92 1.23 -21.63
N SER A 651 -1.97 0.78 -20.83
CA SER A 651 -1.63 1.46 -19.60
C SER A 651 -0.17 1.87 -19.68
N LEU A 652 0.37 2.35 -18.56
CA LEU A 652 1.79 2.66 -18.49
C LEU A 652 2.56 1.34 -18.38
N GLU A 653 2.72 0.71 -19.53
CA GLU A 653 3.50 -0.51 -19.69
C GLU A 653 4.84 -0.21 -20.32
N THR A 654 5.45 0.90 -19.88
CA THR A 654 6.65 1.47 -20.47
C THR A 654 7.89 0.60 -20.32
N LEU A 655 7.77 -0.51 -19.57
CA LEU A 655 8.82 -1.52 -19.61
C LEU A 655 8.97 -2.12 -21.00
N GLU A 656 7.88 -2.20 -21.76
CA GLU A 656 8.00 -2.52 -23.18
C GLU A 656 8.81 -1.48 -23.94
N PRO A 657 8.66 -0.18 -23.67
CA PRO A 657 9.56 0.78 -24.29
C PRO A 657 10.98 0.64 -23.80
N ILE A 658 11.19 0.17 -22.57
CA ILE A 658 12.53 -0.08 -22.10
C ILE A 658 13.14 -1.25 -22.84
N GLY A 659 12.34 -2.28 -23.11
CA GLY A 659 12.84 -3.41 -23.85
C GLY A 659 13.12 -3.06 -25.29
N GLN A 660 12.36 -2.10 -25.83
CA GLN A 660 12.73 -1.51 -27.12
C GLN A 660 14.04 -0.75 -27.01
N LEU A 661 14.23 -0.04 -25.90
CA LEU A 661 15.45 0.71 -25.68
C LEU A 661 16.64 -0.19 -25.40
N LEU A 662 16.41 -1.47 -25.13
CA LEU A 662 17.52 -2.41 -24.98
C LEU A 662 18.27 -2.57 -26.29
N SER A 663 17.55 -2.61 -27.40
CA SER A 663 18.17 -2.74 -28.70
C SER A 663 18.64 -1.40 -29.22
N PRO A 682 20.15 -9.61 -26.68
CA PRO A 682 20.75 -9.96 -27.98
C PRO A 682 19.69 -10.41 -28.98
N HIS A 683 19.98 -10.33 -30.28
CA HIS A 683 18.98 -10.59 -31.31
C HIS A 683 19.68 -10.91 -32.62
N LYS A 684 18.91 -11.47 -33.55
CA LYS A 684 19.34 -11.66 -34.93
C LYS A 684 18.49 -10.88 -35.91
N ASN A 685 17.17 -11.09 -35.90
CA ASN A 685 16.25 -10.25 -36.67
C ASN A 685 14.90 -10.31 -35.98
N PHE A 686 14.60 -9.32 -35.16
CA PHE A 686 13.28 -9.22 -34.57
C PHE A 686 12.38 -8.40 -35.48
N ARG A 687 11.14 -8.22 -35.06
CA ARG A 687 10.20 -7.37 -35.79
C ARG A 687 9.19 -6.84 -34.79
N LEU A 688 9.43 -5.64 -34.28
CA LEU A 688 8.50 -5.05 -33.32
C LEU A 688 7.48 -4.15 -34.01
N PHE A 689 6.85 -4.67 -35.06
CA PHE A 689 5.97 -3.86 -35.89
C PHE A 689 4.64 -3.71 -35.17
N GLY A 690 4.60 -2.76 -34.25
CA GLY A 690 3.39 -2.51 -33.50
C GLY A 690 2.31 -1.88 -34.36
N CYS A 691 1.11 -1.78 -33.80
CA CYS A 691 -0.05 -1.33 -34.58
C CYS A 691 -0.95 -0.47 -33.71
N MET A 692 -0.83 0.84 -33.85
CA MET A 692 -1.69 1.77 -33.12
C MET A 692 -3.04 1.88 -33.82
N ASN A 693 -3.89 2.77 -33.31
CA ASN A 693 -5.18 3.06 -33.93
C ASN A 693 -5.66 4.42 -33.48
N PRO A 694 -5.35 5.49 -34.22
CA PRO A 694 -5.91 6.74 -33.71
C PRO A 694 -7.32 6.99 -34.20
N GLU A 704 0.62 8.79 -25.11
CA GLU A 704 2.01 8.41 -24.98
C GLU A 704 2.92 9.53 -25.46
N PRO A 705 3.69 10.12 -24.56
CA PRO A 705 4.55 11.24 -24.97
C PRO A 705 5.99 10.84 -25.21
N SER A 706 6.39 9.62 -24.82
CA SER A 706 7.77 9.23 -25.03
C SER A 706 7.88 7.85 -25.66
N PHE A 707 6.90 6.99 -25.41
CA PHE A 707 6.83 5.75 -26.17
C PHE A 707 6.48 6.03 -27.62
N ARG A 708 5.42 6.82 -27.84
CA ARG A 708 5.04 7.26 -29.17
C ARG A 708 5.99 8.30 -29.76
N SER A 709 7.03 8.70 -29.03
CA SER A 709 8.10 9.54 -29.56
C SER A 709 9.39 8.74 -29.71
N ARG A 710 9.30 7.42 -29.69
CA ARG A 710 10.47 6.57 -29.84
C ARG A 710 10.26 5.48 -30.88
N PHE A 711 9.15 5.52 -31.61
CA PHE A 711 8.84 4.51 -32.61
C PHE A 711 8.58 5.21 -33.94
N THR A 712 9.40 4.88 -34.95
CA THR A 712 9.36 5.58 -36.24
C THR A 712 8.08 5.21 -36.95
N GLU A 713 7.06 6.04 -36.81
CA GLU A 713 5.72 5.67 -37.20
C GLU A 713 5.44 6.02 -38.65
N ILE A 714 4.50 5.28 -39.24
CA ILE A 714 4.06 5.49 -40.61
C ILE A 714 2.55 5.36 -40.60
N TYR A 715 1.85 6.46 -40.84
CA TYR A 715 0.40 6.45 -40.82
C TYR A 715 -0.14 5.68 -42.02
N VAL A 716 -1.34 5.18 -41.89
CA VAL A 716 -2.03 4.55 -42.98
C VAL A 716 -2.91 5.60 -43.64
N HIS A 717 -3.24 5.38 -44.91
CA HIS A 717 -4.02 6.34 -45.67
C HIS A 717 -5.31 5.73 -46.18
N SER A 718 -5.86 4.77 -45.42
CA SER A 718 -7.10 4.04 -45.68
C SER A 718 -7.09 3.40 -47.06
N PRO A 719 -6.34 2.32 -47.26
CA PRO A 719 -6.17 1.77 -48.61
C PRO A 719 -7.43 1.12 -49.14
N ASP A 720 -8.40 1.96 -49.49
CA ASP A 720 -9.57 1.53 -50.21
C ASP A 720 -10.05 2.53 -51.25
N GLN A 721 -9.44 3.71 -51.35
CA GLN A 721 -10.05 4.85 -52.03
C GLN A 721 -9.19 5.25 -53.24
N ASN A 722 -9.48 4.67 -54.39
CA ASN A 722 -8.97 5.20 -55.65
C ASN A 722 -10.01 5.09 -56.77
N LEU A 723 -11.26 4.75 -56.44
CA LEU A 723 -12.43 4.69 -57.31
C LEU A 723 -12.38 3.58 -58.36
N ASP A 724 -11.24 2.91 -58.47
CA ASP A 724 -11.18 1.63 -59.17
C ASP A 724 -10.23 0.66 -58.48
N ASP A 725 -9.61 1.05 -57.37
CA ASP A 725 -8.76 0.12 -56.64
C ASP A 725 -9.59 -0.90 -55.90
N LEU A 726 -10.82 -0.55 -55.54
CA LEU A 726 -11.74 -1.53 -54.97
C LEU A 726 -12.09 -2.60 -55.97
N LEU A 727 -11.92 -2.35 -57.26
CA LEU A 727 -12.05 -3.41 -58.25
C LEU A 727 -10.96 -4.45 -58.08
N SER A 728 -9.77 -4.05 -57.63
CA SER A 728 -8.70 -5.02 -57.44
C SER A 728 -9.02 -5.95 -56.28
N ILE A 729 -9.43 -5.39 -55.14
CA ILE A 729 -9.77 -6.22 -54.00
C ILE A 729 -11.07 -6.94 -54.25
N ILE A 730 -11.94 -6.37 -55.07
CA ILE A 730 -13.18 -7.04 -55.45
C ILE A 730 -12.88 -8.21 -56.36
N GLN A 731 -11.83 -8.09 -57.16
CA GLN A 731 -11.41 -9.20 -57.99
C GLN A 731 -10.81 -10.31 -57.14
N LYS A 732 -9.94 -9.93 -56.21
CA LYS A 732 -9.28 -10.92 -55.38
C LYS A 732 -10.26 -11.59 -54.42
N TYR A 733 -11.32 -10.88 -54.05
CA TYR A 733 -12.33 -11.50 -53.19
C TYR A 733 -13.28 -12.35 -54.01
N ILE A 734 -13.74 -11.83 -55.15
CA ILE A 734 -14.82 -12.50 -55.86
C ILE A 734 -14.28 -13.61 -56.73
N GLY A 735 -13.47 -13.27 -57.73
CA GLY A 735 -13.08 -14.23 -58.74
C GLY A 735 -14.32 -14.70 -59.47
N SER A 736 -14.76 -15.91 -59.16
CA SER A 736 -16.05 -16.40 -59.58
C SER A 736 -17.18 -15.55 -59.00
N ASN A 741 -18.09 -13.98 -64.78
CA ASN A 741 -18.52 -13.61 -66.11
C ASN A 741 -18.30 -12.13 -66.34
N GLU A 742 -18.57 -11.68 -67.57
CA GLU A 742 -18.63 -10.25 -67.83
C GLU A 742 -19.86 -9.64 -67.17
N HIS A 743 -20.88 -10.45 -66.98
CA HIS A 743 -21.94 -10.12 -66.02
C HIS A 743 -21.34 -9.81 -64.66
N VAL A 744 -20.44 -10.67 -64.18
CA VAL A 744 -19.79 -10.40 -62.92
C VAL A 744 -18.82 -9.22 -63.03
N ILE A 745 -18.39 -8.85 -64.23
CA ILE A 745 -17.61 -7.64 -64.38
C ILE A 745 -18.50 -6.42 -64.25
N ARG A 746 -19.72 -6.49 -64.77
CA ARG A 746 -20.70 -5.45 -64.50
C ARG A 746 -21.06 -5.43 -63.03
N GLU A 747 -21.00 -6.60 -62.38
CA GLU A 747 -21.21 -6.66 -60.94
C GLU A 747 -20.03 -6.07 -60.19
N VAL A 748 -18.84 -6.18 -60.73
CA VAL A 748 -17.69 -5.50 -60.16
C VAL A 748 -17.90 -4.01 -60.24
N ALA A 749 -18.47 -3.54 -61.35
CA ALA A 749 -18.85 -2.14 -61.43
C ALA A 749 -19.95 -1.78 -60.45
N GLU A 750 -20.84 -2.73 -60.17
CA GLU A 750 -21.92 -2.48 -59.23
C GLU A 750 -21.40 -2.40 -57.80
N LEU A 751 -20.55 -3.33 -57.42
CA LEU A 751 -19.96 -3.33 -56.09
C LEU A 751 -19.09 -2.11 -55.89
N TYR A 752 -18.39 -1.69 -56.94
CA TYR A 752 -17.63 -0.45 -56.88
C TYR A 752 -18.56 0.74 -56.75
N GLN A 753 -19.72 0.70 -57.40
CA GLN A 753 -20.69 1.76 -57.21
C GLN A 753 -21.21 1.79 -55.78
N VAL A 754 -21.29 0.62 -55.15
CA VAL A 754 -21.73 0.56 -53.76
C VAL A 754 -20.68 1.18 -52.85
N ALA A 755 -19.42 0.76 -53.01
CA ALA A 755 -18.39 1.35 -52.17
C ALA A 755 -18.05 2.78 -52.56
N LYS A 756 -18.53 3.25 -53.71
CA LYS A 756 -18.39 4.64 -54.07
C LYS A 756 -19.51 5.46 -53.46
N SER A 757 -20.72 4.92 -53.46
CA SER A 757 -21.90 5.49 -52.82
C SER A 757 -21.91 5.27 -51.32
N LEU A 758 -20.79 4.75 -50.82
CA LEU A 758 -20.41 4.91 -49.42
C LEU A 758 -20.49 6.37 -48.95
N SER A 759 -20.28 7.33 -49.84
CA SER A 759 -20.33 8.75 -49.55
C SER A 759 -21.76 9.30 -49.42
N LEU A 760 -22.74 8.45 -49.19
CA LEU A 760 -24.14 8.86 -49.13
C LEU A 760 -24.55 9.35 -47.74
N ASP A 761 -23.61 9.84 -46.93
CA ASP A 761 -23.97 10.44 -45.66
C ASP A 761 -23.46 11.87 -45.61
N PRO A 772 -16.55 4.90 -39.54
CA PRO A 772 -17.89 4.53 -39.07
C PRO A 772 -18.96 4.87 -40.07
N HIS A 773 -20.21 4.53 -39.74
CA HIS A 773 -21.38 4.74 -40.58
C HIS A 773 -21.16 4.13 -41.97
N TYR A 774 -21.11 2.79 -41.97
CA TYR A 774 -20.74 1.96 -43.11
C TYR A 774 -19.32 2.25 -43.58
N THR A 775 -18.39 1.90 -42.70
CA THR A 775 -16.98 2.19 -42.88
C THR A 775 -16.37 1.22 -43.89
N VAL A 776 -15.04 1.22 -43.95
CA VAL A 776 -14.31 0.77 -45.13
C VAL A 776 -14.36 -0.74 -45.30
N ARG A 777 -13.77 -1.47 -44.37
CA ARG A 777 -13.54 -2.88 -44.62
C ARG A 777 -14.75 -3.73 -44.27
N THR A 778 -15.89 -3.11 -44.01
CA THR A 778 -17.14 -3.85 -43.96
C THR A 778 -17.45 -4.50 -45.29
N LEU A 779 -17.07 -3.83 -46.39
CA LEU A 779 -17.24 -4.41 -47.72
C LEU A 779 -16.39 -5.66 -47.91
N SER A 780 -15.26 -5.75 -47.21
CA SER A 780 -14.42 -6.94 -47.33
C SER A 780 -15.09 -8.16 -46.73
N ARG A 781 -15.63 -8.03 -45.51
CA ARG A 781 -16.36 -9.13 -44.90
C ARG A 781 -17.64 -9.43 -45.66
N THR A 782 -18.25 -8.39 -46.24
CA THR A 782 -19.43 -8.61 -47.06
C THR A 782 -19.10 -9.41 -48.29
N LEU A 783 -17.95 -9.15 -48.91
CA LEU A 783 -17.53 -9.94 -50.06
C LEU A 783 -17.19 -11.36 -49.64
N SER A 784 -16.66 -11.52 -48.44
CA SER A 784 -16.38 -12.86 -47.93
C SER A 784 -17.66 -13.65 -47.74
N TYR A 785 -18.68 -13.01 -47.18
CA TYR A 785 -19.94 -13.72 -46.97
C TYR A 785 -20.67 -13.96 -48.27
N VAL A 786 -20.49 -13.06 -49.25
CA VAL A 786 -21.06 -13.29 -50.57
C VAL A 786 -20.39 -14.49 -51.22
N THR A 787 -19.08 -14.63 -51.02
CA THR A 787 -18.40 -15.85 -51.45
C THR A 787 -18.90 -17.05 -50.68
N GLU A 788 -19.31 -16.85 -49.44
CA GLU A 788 -19.74 -17.97 -48.61
C GLU A 788 -21.03 -18.56 -49.12
N ILE A 789 -22.05 -17.73 -49.25
CA ILE A 789 -23.36 -18.27 -49.58
C ILE A 789 -23.56 -18.22 -51.09
N ALA A 790 -22.45 -18.18 -51.83
CA ALA A 790 -22.46 -18.06 -53.28
C ALA A 790 -23.14 -19.25 -53.94
N PRO A 791 -22.51 -20.43 -53.92
CA PRO A 791 -23.20 -21.60 -54.45
C PRO A 791 -24.25 -22.11 -53.50
N ILE A 792 -24.07 -21.85 -52.21
CA ILE A 792 -25.01 -22.32 -51.20
C ILE A 792 -26.20 -21.39 -51.23
N TYR A 793 -27.20 -21.76 -52.05
CA TYR A 793 -28.46 -21.03 -52.22
C TYR A 793 -28.22 -19.59 -52.66
N GLY A 794 -27.61 -19.43 -53.82
CA GLY A 794 -27.43 -18.08 -54.29
C GLY A 794 -27.20 -17.89 -55.77
N LEU A 795 -27.98 -17.00 -56.37
CA LEU A 795 -27.50 -16.30 -57.54
C LEU A 795 -26.44 -15.32 -57.11
N ARG A 796 -25.51 -15.01 -58.01
CA ARG A 796 -24.47 -14.03 -57.69
C ARG A 796 -25.08 -12.66 -57.48
N ARG A 797 -26.11 -12.31 -58.25
CA ARG A 797 -26.90 -11.13 -57.94
C ARG A 797 -27.60 -11.29 -56.60
N SER A 798 -28.12 -12.50 -56.32
CA SER A 798 -28.68 -12.75 -55.01
C SER A 798 -27.61 -12.77 -53.93
N LEU A 799 -26.39 -13.19 -54.30
CA LEU A 799 -25.29 -13.15 -53.35
C LEU A 799 -24.96 -11.72 -52.97
N TYR A 800 -24.94 -10.83 -53.94
CA TYR A 800 -24.73 -9.43 -53.60
C TYR A 800 -25.94 -8.84 -52.91
N GLU A 801 -27.13 -9.38 -53.15
CA GLU A 801 -28.32 -8.90 -52.46
C GLU A 801 -28.23 -9.20 -50.97
N GLY A 802 -27.95 -10.46 -50.63
CA GLY A 802 -27.74 -10.82 -49.25
C GLY A 802 -26.51 -10.17 -48.65
N PHE A 803 -25.54 -9.83 -49.50
CA PHE A 803 -24.33 -9.16 -49.02
C PHE A 803 -24.64 -7.75 -48.57
N CYS A 804 -25.22 -6.96 -49.46
CA CYS A 804 -25.51 -5.57 -49.11
C CYS A 804 -26.69 -5.46 -48.15
N MET A 805 -27.43 -6.56 -47.94
CA MET A 805 -28.33 -6.63 -46.79
C MET A 805 -27.57 -6.38 -45.50
N SER A 806 -26.44 -7.06 -45.33
CA SER A 806 -25.57 -6.83 -44.18
C SER A 806 -24.59 -5.69 -44.40
N PHE A 807 -24.79 -4.86 -45.41
CA PHE A 807 -24.20 -3.54 -45.45
C PHE A 807 -25.15 -2.47 -44.97
N LEU A 808 -26.43 -2.79 -44.91
CA LEU A 808 -27.48 -1.88 -44.48
C LEU A 808 -28.34 -2.54 -43.44
N THR A 809 -27.73 -3.36 -42.59
CA THR A 809 -28.45 -3.90 -41.44
C THR A 809 -28.69 -2.82 -40.41
N LEU A 810 -27.65 -2.07 -40.07
CA LEU A 810 -27.70 -1.02 -39.06
C LEU A 810 -27.56 0.31 -39.78
N LEU A 811 -28.69 0.92 -40.11
CA LEU A 811 -28.67 2.12 -40.93
C LEU A 811 -29.82 3.04 -40.51
N ASP A 812 -30.07 4.06 -41.32
CA ASP A 812 -31.09 5.07 -41.04
C ASP A 812 -32.22 5.06 -42.06
N HIS A 813 -31.88 5.13 -43.35
CA HIS A 813 -32.88 5.22 -44.40
C HIS A 813 -32.62 4.18 -45.48
N THR A 814 -33.70 3.61 -46.02
CA THR A 814 -33.62 2.55 -47.00
C THR A 814 -33.54 3.05 -48.42
N SER A 815 -33.36 4.35 -48.61
CA SER A 815 -33.00 4.83 -49.93
C SER A 815 -31.61 4.34 -50.32
N GLU A 816 -30.74 4.14 -49.33
CA GLU A 816 -29.50 3.41 -49.57
C GLU A 816 -29.80 1.96 -49.91
N SER A 817 -30.81 1.39 -49.27
CA SER A 817 -31.22 0.04 -49.64
C SER A 817 -31.89 0.03 -50.99
N LEU A 818 -32.61 1.10 -51.30
CA LEU A 818 -33.22 1.24 -52.62
C LEU A 818 -32.16 1.28 -53.70
N LEU A 819 -31.12 2.10 -53.51
CA LEU A 819 -30.06 2.18 -54.51
C LEU A 819 -29.21 0.93 -54.53
N TYR A 820 -29.09 0.24 -53.40
CA TYR A 820 -28.28 -0.97 -53.35
C TYR A 820 -28.99 -2.10 -54.08
N ASN A 821 -30.28 -2.28 -53.81
CA ASN A 821 -31.06 -3.24 -54.58
C ASN A 821 -31.20 -2.79 -56.03
N HIS A 822 -31.11 -1.49 -56.29
CA HIS A 822 -31.11 -1.00 -57.66
C HIS A 822 -29.86 -1.44 -58.39
N VAL A 823 -28.72 -1.37 -57.69
CA VAL A 823 -27.45 -1.76 -58.29
C VAL A 823 -27.41 -3.27 -58.50
N VAL A 824 -27.56 -4.03 -57.42
CA VAL A 824 -27.55 -5.48 -57.49
C VAL A 824 -28.69 -5.99 -58.36
N ARG A 825 -29.87 -5.39 -58.19
CA ARG A 825 -31.04 -5.78 -58.97
C ARG A 825 -30.79 -5.54 -60.45
N PHE A 826 -30.18 -4.40 -60.76
CA PHE A 826 -29.85 -4.05 -62.15
C PHE A 826 -28.87 -5.05 -62.72
N THR A 827 -27.89 -5.45 -61.91
CA THR A 827 -26.89 -6.41 -62.33
C THR A 827 -27.55 -7.76 -62.63
N LEU A 828 -28.51 -8.14 -61.79
CA LEU A 828 -29.21 -9.41 -61.96
C LEU A 828 -29.92 -9.47 -63.32
N ASN A 832 -38.60 -5.21 -63.60
CA ASN A 832 -37.72 -5.17 -62.45
C ASN A 832 -38.45 -5.58 -61.19
N ARG A 833 -39.71 -5.14 -61.07
CA ARG A 833 -40.55 -5.59 -59.97
C ARG A 833 -40.82 -7.08 -60.08
N ASP A 834 -41.03 -7.56 -61.29
CA ASP A 834 -41.01 -9.00 -61.53
C ASP A 834 -39.63 -9.58 -61.28
N GLN A 835 -38.57 -8.83 -61.58
CA GLN A 835 -37.24 -9.34 -61.30
C GLN A 835 -36.95 -9.34 -59.81
N GLN A 836 -37.43 -8.33 -59.09
CA GLN A 836 -37.27 -8.33 -57.65
C GLN A 836 -38.08 -9.43 -57.00
N ASN A 837 -39.23 -9.78 -57.60
CA ASN A 837 -39.96 -10.94 -57.14
C ASN A 837 -39.22 -12.23 -57.49
N ALA A 838 -38.49 -12.23 -58.60
CA ALA A 838 -37.68 -13.39 -58.94
C ALA A 838 -36.50 -13.53 -57.99
N ILE A 839 -36.10 -12.44 -57.35
CA ILE A 839 -35.13 -12.53 -56.27
C ILE A 839 -35.75 -13.24 -55.06
N LEU A 840 -37.07 -13.17 -54.91
CA LEU A 840 -37.76 -13.85 -53.82
C LEU A 840 -38.08 -15.31 -54.12
N LYS A 841 -37.66 -15.84 -55.27
CA LYS A 841 -37.85 -17.24 -55.60
C LYS A 841 -36.83 -18.05 -54.82
N GLN A 842 -37.25 -18.60 -53.68
CA GLN A 842 -36.35 -19.37 -52.82
C GLN A 842 -36.28 -20.83 -53.22
N ILE A 843 -36.95 -21.22 -54.29
CA ILE A 843 -37.17 -22.61 -54.65
C ILE A 843 -35.86 -23.27 -55.06
N PRO A 844 -35.17 -22.75 -56.08
CA PRO A 844 -33.86 -23.31 -56.40
C PRO A 844 -32.81 -23.01 -55.36
N LYS A 845 -33.02 -21.95 -54.57
CA LYS A 845 -32.14 -21.67 -53.45
C LYS A 845 -32.20 -22.79 -52.42
N VAL A 846 -33.41 -23.07 -51.92
CA VAL A 846 -33.65 -24.13 -50.92
C VAL A 846 -33.30 -25.50 -51.49
N PRO A 847 -33.32 -25.67 -52.83
CA PRO A 847 -32.83 -26.93 -53.39
C PRO A 847 -31.33 -27.05 -53.25
N ASP A 848 -30.90 -27.90 -52.31
CA ASP A 848 -29.50 -28.13 -52.06
C ASP A 848 -29.31 -29.43 -51.28
N TYR A 852 -29.60 -30.26 -43.96
CA TYR A 852 -29.77 -28.82 -43.80
C TYR A 852 -31.24 -28.46 -43.83
N ILE A 853 -31.82 -28.27 -42.64
CA ILE A 853 -33.23 -27.95 -42.51
C ILE A 853 -33.49 -26.55 -43.04
N ALA A 854 -34.34 -26.44 -44.04
CA ALA A 854 -34.54 -25.16 -44.69
C ALA A 854 -35.51 -24.30 -43.91
N PHE A 855 -35.43 -23.00 -44.17
CA PHE A 855 -36.35 -22.01 -43.65
C PHE A 855 -37.19 -21.49 -44.82
N CYS A 856 -37.92 -20.41 -44.58
CA CYS A 856 -39.01 -20.01 -45.47
C CYS A 856 -38.58 -19.48 -46.84
N HIS A 857 -37.90 -18.34 -46.90
CA HIS A 857 -37.71 -17.66 -48.17
C HIS A 857 -36.47 -16.80 -48.10
N TYR A 858 -35.64 -16.92 -49.14
CA TYR A 858 -34.23 -16.49 -49.12
C TYR A 858 -33.52 -17.05 -47.89
N TRP A 859 -33.84 -18.31 -47.58
CA TRP A 859 -33.52 -18.85 -46.27
C TRP A 859 -33.57 -20.36 -46.35
N LEU A 860 -32.41 -21.01 -46.27
CA LEU A 860 -32.39 -22.47 -46.10
C LEU A 860 -31.16 -22.79 -45.26
N ARG A 861 -31.35 -22.83 -43.95
CA ARG A 861 -30.23 -22.95 -43.03
C ARG A 861 -29.86 -24.41 -42.84
N ARG A 862 -29.05 -24.69 -41.84
CA ARG A 862 -28.60 -26.04 -41.54
C ARG A 862 -29.69 -26.80 -40.77
N GLY A 863 -29.34 -27.94 -40.22
CA GLY A 863 -30.31 -28.76 -39.52
C GLY A 863 -30.01 -28.96 -38.04
N PRO A 866 -28.87 -32.25 -33.74
CA PRO A 866 -29.97 -31.29 -33.57
C PRO A 866 -31.21 -31.93 -32.98
N VAL A 867 -31.73 -31.33 -31.91
CA VAL A 867 -33.02 -31.74 -31.38
C VAL A 867 -34.10 -31.30 -32.35
N GLU A 868 -35.10 -32.15 -32.52
CA GLU A 868 -36.22 -31.85 -33.40
C GLU A 868 -37.03 -30.73 -32.78
N GLU A 869 -37.02 -29.57 -33.42
CA GLU A 869 -37.66 -28.39 -32.87
C GLU A 869 -38.67 -27.83 -33.85
N GLN A 870 -39.68 -27.16 -33.33
CA GLN A 870 -40.83 -26.75 -34.14
C GLN A 870 -41.35 -25.42 -33.61
N GLU A 871 -42.55 -25.06 -34.03
CA GLU A 871 -43.03 -23.68 -33.94
C GLU A 871 -43.48 -23.34 -32.53
N HIS A 872 -44.13 -22.19 -32.39
CA HIS A 872 -44.55 -21.68 -31.10
C HIS A 872 -45.75 -20.77 -31.30
N TYR A 873 -46.21 -20.18 -30.21
CA TYR A 873 -47.19 -19.10 -30.26
C TYR A 873 -46.49 -17.74 -30.25
N ILE A 874 -45.73 -17.52 -31.33
CA ILE A 874 -44.77 -16.42 -31.39
C ILE A 874 -45.06 -15.51 -32.57
N ILE A 875 -46.36 -15.31 -32.87
CA ILE A 875 -46.93 -14.73 -34.09
C ILE A 875 -46.21 -13.48 -34.58
N THR A 876 -45.98 -13.41 -35.88
CA THR A 876 -45.00 -12.50 -36.45
C THR A 876 -45.67 -11.46 -37.33
N PRO A 877 -45.49 -10.18 -37.04
CA PRO A 877 -45.96 -9.14 -37.95
C PRO A 877 -44.96 -8.84 -39.06
N PHE A 878 -45.24 -7.76 -39.81
CA PHE A 878 -44.45 -7.37 -40.97
C PHE A 878 -43.01 -7.06 -40.59
N VAL A 879 -42.80 -6.06 -39.72
CA VAL A 879 -41.47 -5.62 -39.35
C VAL A 879 -40.72 -6.71 -38.62
N GLN A 880 -41.46 -7.51 -37.84
CA GLN A 880 -40.87 -8.65 -37.15
C GLN A 880 -40.36 -9.67 -38.14
N LYS A 881 -41.14 -9.97 -39.17
CA LYS A 881 -40.68 -10.91 -40.19
C LYS A 881 -39.50 -10.35 -40.97
N ASN A 882 -39.45 -9.03 -41.13
CA ASN A 882 -38.33 -8.38 -41.79
C ASN A 882 -37.04 -8.57 -41.01
N LEU A 883 -37.06 -8.19 -39.72
CA LEU A 883 -35.87 -8.36 -38.90
C LEU A 883 -35.54 -9.82 -38.67
N LEU A 884 -36.55 -10.69 -38.69
CA LEU A 884 -36.32 -12.11 -38.54
C LEU A 884 -35.58 -12.66 -39.75
N ASN A 885 -36.01 -12.24 -40.94
CA ASN A 885 -35.29 -12.62 -42.15
C ASN A 885 -33.90 -12.02 -42.16
N ILE A 886 -33.72 -10.87 -41.52
CA ILE A 886 -32.40 -10.26 -41.44
C ILE A 886 -31.46 -11.11 -40.61
N ALA A 887 -31.91 -11.47 -39.40
CA ALA A 887 -31.10 -12.30 -38.53
C ALA A 887 -30.90 -13.69 -39.12
N ARG A 888 -31.86 -14.17 -39.88
CA ARG A 888 -31.72 -15.43 -40.59
C ARG A 888 -30.65 -15.33 -41.66
N ALA A 889 -30.64 -14.23 -42.40
CA ALA A 889 -29.65 -14.02 -43.44
C ALA A 889 -28.26 -13.91 -42.86
N CYS A 890 -28.18 -13.42 -41.63
CA CYS A 890 -26.94 -13.60 -40.88
C CYS A 890 -26.70 -15.08 -40.59
N SER A 891 -27.74 -15.79 -40.17
CA SER A 891 -27.57 -17.10 -39.54
C SER A 891 -27.47 -18.22 -40.56
N THR A 892 -26.48 -18.11 -41.44
CA THR A 892 -26.02 -19.28 -42.18
C THR A 892 -24.52 -19.27 -42.41
N ARG A 893 -23.79 -18.29 -41.92
CA ARG A 893 -22.44 -18.04 -42.37
C ARG A 893 -21.38 -18.56 -41.40
N MET A 894 -21.39 -18.07 -40.16
CA MET A 894 -20.28 -18.15 -39.20
C MET A 894 -18.97 -17.65 -39.82
N PRO A 896 -18.94 -14.65 -35.70
CA PRO A 896 -19.75 -14.13 -34.60
C PRO A 896 -20.86 -13.22 -35.09
N ILE A 897 -21.77 -12.82 -34.19
CA ILE A 897 -22.86 -11.92 -34.54
C ILE A 897 -23.38 -11.28 -33.27
N LEU A 898 -23.62 -9.97 -33.30
CA LEU A 898 -24.11 -9.24 -32.16
C LEU A 898 -25.37 -8.50 -32.54
N ILE A 899 -26.27 -8.31 -31.58
CA ILE A 899 -27.55 -7.68 -31.89
C ILE A 899 -27.96 -6.73 -30.78
N GLN A 900 -27.77 -5.43 -31.01
CA GLN A 900 -28.02 -4.44 -29.98
C GLN A 900 -29.36 -3.75 -30.18
N GLY A 901 -29.88 -3.18 -29.10
CA GLY A 901 -31.07 -2.38 -29.17
C GLY A 901 -31.88 -2.35 -27.90
N PRO A 902 -33.21 -2.26 -28.05
CA PRO A 902 -34.09 -2.24 -26.87
C PRO A 902 -34.41 -3.63 -26.38
N THR A 903 -34.36 -3.84 -25.06
CA THR A 903 -34.46 -5.20 -24.51
C THR A 903 -35.89 -5.70 -24.52
N SER A 904 -36.85 -4.81 -24.28
CA SER A 904 -38.25 -5.19 -24.24
C SER A 904 -38.78 -5.65 -25.59
N SER A 905 -38.13 -5.25 -26.68
CA SER A 905 -38.54 -5.64 -28.02
C SER A 905 -38.22 -7.10 -28.36
N GLY A 906 -37.58 -7.85 -27.46
CA GLY A 906 -37.41 -9.26 -27.68
C GLY A 906 -36.37 -9.66 -28.69
N LYS A 907 -35.11 -9.37 -28.38
CA LYS A 907 -34.02 -9.85 -29.23
C LYS A 907 -33.91 -11.37 -29.16
N THR A 908 -33.90 -11.91 -27.94
CA THR A 908 -33.88 -13.36 -27.83
C THR A 908 -35.22 -13.96 -28.17
N SER A 909 -36.29 -13.16 -28.18
CA SER A 909 -37.57 -13.63 -28.71
C SER A 909 -37.44 -13.99 -30.17
N MET A 910 -36.85 -13.11 -30.96
CA MET A 910 -36.59 -13.44 -32.35
C MET A 910 -35.53 -14.53 -32.47
N ILE A 911 -34.54 -14.52 -31.58
CA ILE A 911 -33.47 -15.50 -31.68
C ILE A 911 -34.00 -16.89 -31.41
N GLU A 912 -34.89 -17.04 -30.46
CA GLU A 912 -35.51 -18.32 -30.24
C GLU A 912 -36.61 -18.62 -31.24
N TYR A 913 -37.22 -17.59 -31.85
CA TYR A 913 -38.18 -17.85 -32.90
C TYR A 913 -37.51 -18.44 -34.12
N VAL A 914 -36.27 -18.06 -34.36
CA VAL A 914 -35.49 -18.69 -35.42
C VAL A 914 -34.91 -20.00 -34.96
N ALA A 915 -34.60 -20.13 -33.66
CA ALA A 915 -34.10 -21.40 -33.15
C ALA A 915 -35.19 -22.46 -33.10
N LYS A 916 -36.46 -22.03 -33.16
CA LYS A 916 -37.58 -22.94 -33.35
C LYS A 916 -37.39 -23.78 -34.61
N LYS A 917 -36.99 -23.14 -35.71
CA LYS A 917 -36.36 -23.88 -36.79
C LYS A 917 -35.05 -24.44 -36.27
N THR A 918 -34.90 -25.75 -36.31
CA THR A 918 -33.95 -26.40 -35.42
C THR A 918 -32.49 -26.20 -35.82
N GLY A 919 -32.06 -24.94 -35.87
CA GLY A 919 -30.64 -24.68 -35.83
C GLY A 919 -30.02 -25.19 -34.56
N HIS A 920 -30.63 -24.81 -33.41
CA HIS A 920 -30.31 -25.31 -32.09
C HIS A 920 -31.34 -24.89 -31.03
N LYS A 921 -30.98 -25.05 -29.76
CA LYS A 921 -31.67 -24.43 -28.62
C LYS A 921 -31.03 -23.10 -28.26
N PHE A 922 -31.82 -22.21 -27.66
CA PHE A 922 -31.40 -20.82 -27.41
C PHE A 922 -30.94 -20.66 -25.97
N VAL A 923 -29.70 -21.06 -25.70
CA VAL A 923 -29.15 -21.04 -24.35
C VAL A 923 -28.78 -19.60 -24.02
N ARG A 924 -29.68 -18.89 -23.32
CA ARG A 924 -29.55 -17.47 -23.04
C ARG A 924 -28.75 -17.25 -21.76
N ILE A 925 -27.43 -17.17 -21.88
CA ILE A 925 -26.57 -16.96 -20.72
C ILE A 925 -26.69 -15.48 -20.33
N ASN A 926 -27.46 -15.18 -19.29
CA ASN A 926 -27.86 -13.81 -18.97
C ASN A 926 -26.95 -13.22 -17.90
N ASN A 927 -25.79 -12.74 -18.36
CA ASN A 927 -24.81 -12.12 -17.46
C ASN A 927 -25.34 -10.80 -16.92
N HIS A 928 -25.48 -10.69 -15.60
CA HIS A 928 -26.12 -9.49 -15.05
C HIS A 928 -25.17 -8.32 -14.83
N GLU A 929 -24.37 -8.37 -13.79
CA GLU A 929 -23.41 -7.29 -13.56
C GLU A 929 -22.06 -7.75 -13.03
N HIS A 930 -22.00 -8.89 -12.37
CA HIS A 930 -20.75 -9.45 -11.88
C HIS A 930 -20.79 -10.94 -12.12
N THR A 931 -21.27 -11.33 -13.30
CA THR A 931 -21.26 -12.72 -13.70
C THR A 931 -19.81 -13.16 -13.92
N ASP A 932 -19.40 -14.19 -13.20
CA ASP A 932 -18.03 -14.66 -13.23
C ASP A 932 -17.90 -15.87 -14.14
N LEU A 933 -16.70 -16.45 -14.14
CA LEU A 933 -16.39 -17.53 -15.08
C LEU A 933 -17.15 -18.80 -14.76
N GLN A 934 -17.60 -18.96 -13.51
CA GLN A 934 -18.41 -20.12 -13.14
C GLN A 934 -19.73 -20.15 -13.89
N GLU A 935 -20.24 -18.98 -14.31
CA GLU A 935 -21.37 -18.99 -15.23
C GLU A 935 -20.95 -19.46 -16.61
N TYR A 936 -19.79 -19.00 -17.10
CA TYR A 936 -19.35 -19.33 -18.44
C TYR A 936 -18.71 -20.71 -18.51
N ILE A 937 -17.59 -20.89 -17.81
CA ILE A 937 -16.84 -22.14 -17.94
C ILE A 937 -17.53 -23.25 -17.13
N GLY A 938 -17.99 -22.94 -15.93
CA GLY A 938 -18.77 -23.87 -15.15
C GLY A 938 -17.94 -24.84 -14.31
N THR A 939 -18.30 -24.92 -13.03
CA THR A 939 -17.73 -25.89 -12.12
C THR A 939 -18.88 -26.44 -11.28
N TYR A 940 -18.64 -27.57 -10.60
CA TYR A 940 -19.76 -28.34 -10.07
C TYR A 940 -19.40 -29.04 -8.77
N VAL A 941 -20.46 -29.54 -8.12
CA VAL A 941 -20.40 -30.29 -6.88
C VAL A 941 -19.79 -31.65 -7.15
N THR A 942 -19.46 -32.39 -6.10
CA THR A 942 -18.43 -33.40 -6.28
C THR A 942 -18.90 -34.70 -6.91
N ASP A 943 -19.52 -35.55 -6.11
CA ASP A 943 -19.74 -36.94 -6.47
C ASP A 943 -20.49 -37.62 -5.34
N ASP A 944 -20.56 -38.95 -5.38
CA ASP A 944 -20.91 -39.65 -4.15
C ASP A 944 -19.70 -39.82 -3.24
N ASN A 945 -18.52 -39.92 -3.78
CA ASN A 945 -17.31 -39.94 -2.97
C ASN A 945 -16.23 -38.98 -3.44
N GLY A 946 -16.05 -38.85 -4.76
CA GLY A 946 -14.91 -38.16 -5.34
C GLY A 946 -14.92 -36.64 -5.23
N SER A 947 -14.19 -35.97 -6.13
CA SER A 947 -13.93 -34.55 -5.97
C SER A 947 -14.55 -33.69 -7.07
N LEU A 948 -14.19 -33.92 -8.33
CA LEU A 948 -14.82 -33.38 -9.56
C LEU A 948 -15.12 -31.87 -9.51
N SER A 949 -14.05 -31.07 -9.41
CA SER A 949 -14.12 -29.63 -9.21
C SER A 949 -14.84 -28.90 -10.33
N PHE A 950 -14.26 -28.93 -11.54
CA PHE A 950 -14.88 -28.37 -12.74
C PHE A 950 -15.50 -29.50 -13.54
N ARG A 951 -16.81 -29.61 -13.44
CA ARG A 951 -17.55 -30.74 -14.00
C ARG A 951 -18.85 -30.33 -14.69
N GLU A 952 -18.92 -29.12 -15.22
CA GLU A 952 -20.09 -28.66 -15.95
C GLU A 952 -19.70 -27.46 -16.80
N GLY A 953 -20.69 -26.91 -17.47
CA GLY A 953 -20.47 -25.73 -18.31
C GLY A 953 -21.78 -25.22 -18.86
N VAL A 954 -21.79 -23.94 -19.22
CA VAL A 954 -22.90 -23.36 -19.97
C VAL A 954 -22.45 -22.83 -21.31
N LEU A 955 -21.32 -22.14 -21.35
CA LEU A 955 -20.72 -21.81 -22.63
C LEU A 955 -20.04 -23.02 -23.24
N VAL A 956 -19.24 -23.72 -22.43
CA VAL A 956 -18.48 -24.86 -22.94
C VAL A 956 -19.41 -26.03 -23.26
N GLU A 957 -20.58 -26.07 -22.63
CA GLU A 957 -21.56 -27.07 -23.00
C GLU A 957 -22.11 -26.81 -24.38
N ALA A 958 -22.35 -25.53 -24.69
CA ALA A 958 -22.75 -25.18 -26.04
C ALA A 958 -21.57 -25.26 -27.00
N LEU A 959 -20.35 -25.24 -26.47
CA LEU A 959 -19.21 -25.44 -27.33
C LEU A 959 -19.05 -26.90 -27.71
N ARG A 960 -19.35 -27.82 -26.80
CA ARG A 960 -19.30 -29.24 -27.13
C ARG A 960 -20.52 -29.64 -27.95
N ASN A 961 -21.71 -29.47 -27.39
CA ASN A 961 -22.94 -29.79 -28.08
C ASN A 961 -23.33 -28.66 -29.02
N GLY A 962 -24.58 -28.66 -29.45
CA GLY A 962 -25.10 -27.53 -30.20
C GLY A 962 -25.64 -26.52 -29.22
N TYR A 963 -26.96 -26.29 -29.21
CA TYR A 963 -27.68 -25.50 -28.21
C TYR A 963 -27.10 -24.08 -28.14
N TRP A 964 -27.35 -23.35 -29.23
CA TRP A 964 -26.72 -22.10 -29.60
C TRP A 964 -26.76 -21.04 -28.52
N ILE A 965 -25.60 -20.71 -27.98
CA ILE A 965 -25.53 -19.86 -26.81
C ILE A 965 -25.69 -18.40 -27.22
N VAL A 966 -26.06 -17.58 -26.25
CA VAL A 966 -26.10 -16.15 -26.41
C VAL A 966 -25.61 -15.55 -25.11
N LEU A 967 -24.39 -15.02 -25.10
CA LEU A 967 -23.86 -14.31 -23.93
C LEU A 967 -24.55 -12.95 -23.92
N ASP A 968 -25.72 -12.91 -23.29
CA ASP A 968 -26.59 -11.76 -23.37
C ASP A 968 -26.14 -10.69 -22.38
N GLU A 969 -26.65 -9.47 -22.62
CA GLU A 969 -26.45 -8.29 -21.77
C GLU A 969 -24.99 -7.95 -21.57
N LEU A 970 -24.16 -8.27 -22.57
CA LEU A 970 -22.71 -8.11 -22.47
C LEU A 970 -22.27 -6.66 -22.38
N ASN A 971 -23.19 -5.70 -22.54
CA ASN A 971 -22.93 -4.31 -22.21
C ASN A 971 -22.42 -4.18 -20.79
N LEU A 972 -23.12 -4.77 -19.83
CA LEU A 972 -22.71 -4.74 -18.44
C LEU A 972 -21.92 -6.00 -18.07
N ALA A 973 -20.84 -6.23 -18.81
CA ALA A 973 -20.02 -7.39 -18.56
C ALA A 973 -19.18 -7.17 -17.30
N PRO A 974 -18.75 -8.26 -16.65
CA PRO A 974 -17.97 -8.08 -15.42
C PRO A 974 -16.48 -7.93 -15.68
N THR A 975 -16.13 -7.24 -16.76
CA THR A 975 -14.85 -6.61 -17.00
C THR A 975 -13.66 -7.56 -17.17
N ASP A 976 -13.87 -8.84 -16.98
CA ASP A 976 -12.84 -9.82 -17.32
C ASP A 976 -13.36 -11.02 -18.07
N VAL A 977 -14.61 -11.42 -17.86
CA VAL A 977 -15.21 -12.44 -18.71
C VAL A 977 -15.46 -11.88 -20.09
N LEU A 978 -15.60 -10.56 -20.21
CA LEU A 978 -15.50 -9.93 -21.51
C LEU A 978 -14.13 -10.16 -22.12
N GLU A 979 -13.08 -10.05 -21.32
CA GLU A 979 -11.72 -10.18 -21.85
C GLU A 979 -11.40 -11.63 -22.20
N ALA A 980 -11.79 -12.57 -21.34
CA ALA A 980 -11.56 -13.97 -21.66
C ALA A 980 -12.50 -14.45 -22.76
N LEU A 981 -13.68 -13.84 -22.87
CA LEU A 981 -14.58 -14.18 -23.96
C LEU A 981 -14.02 -13.68 -25.29
N ASN A 982 -13.38 -12.51 -25.28
CA ASN A 982 -12.68 -12.05 -26.47
C ASN A 982 -11.45 -12.90 -26.73
N ARG A 983 -10.86 -13.48 -25.70
CA ARG A 983 -9.81 -14.47 -25.91
C ARG A 983 -10.39 -15.71 -26.57
N LEU A 984 -11.64 -16.05 -26.28
CA LEU A 984 -12.33 -17.11 -26.99
C LEU A 984 -12.79 -16.71 -28.38
N LEU A 985 -12.72 -15.42 -28.71
CA LEU A 985 -12.93 -14.97 -30.08
C LEU A 985 -11.62 -14.81 -30.83
N ASP A 986 -10.54 -15.41 -30.33
CA ASP A 986 -9.30 -15.49 -31.09
C ASP A 986 -9.35 -16.65 -32.07
N ASP A 987 -9.49 -17.87 -31.55
CA ASP A 987 -9.77 -19.02 -32.39
C ASP A 987 -11.27 -19.06 -32.70
N ASN A 988 -11.67 -20.00 -33.56
CA ASN A 988 -13.06 -20.07 -33.97
C ASN A 988 -13.93 -20.65 -32.88
N ARG A 989 -13.71 -21.91 -32.53
CA ARG A 989 -14.51 -22.60 -31.53
C ARG A 989 -13.62 -23.48 -30.65
N GLU A 990 -12.46 -22.96 -30.26
CA GLU A 990 -11.54 -23.67 -29.39
C GLU A 990 -11.50 -22.97 -28.05
N LEU A 991 -11.76 -23.72 -26.98
CA LEU A 991 -11.85 -23.16 -25.64
C LEU A 991 -10.89 -23.90 -24.72
N PHE A 992 -9.84 -23.22 -24.28
CA PHE A 992 -8.89 -23.79 -23.35
C PHE A 992 -9.31 -23.46 -21.93
N ILE A 993 -9.66 -24.47 -21.16
CA ILE A 993 -9.89 -24.32 -19.73
C ILE A 993 -9.39 -25.59 -19.07
N PRO A 994 -8.42 -25.51 -18.14
CA PRO A 994 -7.78 -26.68 -17.51
C PRO A 994 -8.68 -27.40 -16.51
N GLN A 997 -9.09 -30.28 -22.28
CA GLN A 997 -8.95 -29.03 -21.56
C GLN A 997 -8.49 -27.93 -22.49
N VAL A 998 -8.65 -28.16 -23.80
CA VAL A 998 -7.92 -27.42 -24.83
C VAL A 998 -8.85 -26.73 -25.80
N LEU A 999 -9.83 -27.46 -26.33
CA LEU A 999 -10.60 -26.92 -27.45
C LEU A 999 -11.96 -27.57 -27.50
N VAL A 1000 -12.78 -27.10 -28.44
CA VAL A 1000 -14.08 -27.71 -28.68
C VAL A 1000 -14.24 -28.04 -30.16
N LYS A 1001 -13.97 -27.05 -31.02
CA LYS A 1001 -14.18 -27.08 -32.48
C LYS A 1001 -15.61 -27.47 -32.81
N PRO A 1002 -16.57 -26.57 -32.60
CA PRO A 1002 -17.98 -26.94 -32.72
C PRO A 1002 -18.45 -27.07 -34.15
N HIS A 1003 -19.58 -27.74 -34.27
CA HIS A 1003 -20.42 -27.66 -35.47
C HIS A 1003 -21.27 -26.41 -35.33
N PRO A 1004 -22.09 -26.13 -36.32
CA PRO A 1004 -22.82 -24.85 -36.28
C PRO A 1004 -24.11 -24.90 -35.47
N GLU A 1005 -24.20 -24.05 -34.45
CA GLU A 1005 -25.47 -23.80 -33.79
C GLU A 1005 -25.89 -22.34 -33.92
N PHE A 1006 -25.10 -21.43 -33.34
CA PHE A 1006 -24.99 -20.00 -33.58
C PHE A 1006 -23.91 -19.55 -32.60
N MET A 1007 -23.56 -18.28 -32.58
CA MET A 1007 -22.80 -17.74 -31.44
C MET A 1007 -23.24 -16.32 -31.10
N LEU A 1008 -24.55 -16.06 -31.11
CA LEU A 1008 -25.07 -14.70 -31.07
C LEU A 1008 -24.79 -14.02 -29.74
N PHE A 1009 -25.06 -12.72 -29.68
CA PHE A 1009 -24.83 -11.92 -28.49
C PHE A 1009 -25.70 -10.68 -28.56
N ALA A 1010 -25.92 -10.04 -27.42
CA ALA A 1010 -26.89 -8.94 -27.37
C ALA A 1010 -26.44 -7.89 -26.36
N THR A 1011 -25.94 -6.77 -26.86
CA THR A 1011 -25.78 -5.57 -26.05
C THR A 1011 -27.11 -4.83 -26.01
N GLN A 1012 -27.11 -3.59 -25.56
CA GLN A 1012 -28.33 -2.82 -25.46
C GLN A 1012 -28.21 -1.57 -26.32
N ASN A 1013 -29.29 -0.78 -26.33
CA ASN A 1013 -29.36 0.44 -27.11
C ASN A 1013 -28.37 1.46 -26.57
N PRO A 1014 -27.25 1.69 -27.27
CA PRO A 1014 -26.22 2.56 -26.68
C PRO A 1014 -26.51 4.04 -26.84
N GLY A 1020 -24.61 6.38 -19.93
CA GLY A 1020 -23.51 5.62 -20.49
C GLY A 1020 -23.07 4.52 -19.55
N ARG A 1021 -23.95 3.55 -19.34
CA ARG A 1021 -23.71 2.47 -18.37
C ARG A 1021 -22.74 1.46 -18.97
N LYS A 1022 -21.45 1.80 -18.89
CA LYS A 1022 -20.32 0.93 -19.26
C LYS A 1022 -20.38 0.50 -20.72
N HIS A 1023 -20.18 1.49 -21.60
CA HIS A 1023 -20.19 1.27 -23.04
C HIS A 1023 -19.17 0.22 -23.46
N LEU A 1024 -19.59 -0.65 -24.38
CA LEU A 1024 -18.80 -1.81 -24.77
C LEU A 1024 -17.61 -1.40 -25.62
N SER A 1025 -16.76 -2.37 -25.91
CA SER A 1025 -15.54 -2.10 -26.66
C SER A 1025 -15.85 -1.96 -28.14
N ARG A 1026 -15.32 -0.90 -28.76
CA ARG A 1026 -15.47 -0.74 -30.19
C ARG A 1026 -14.63 -1.74 -30.97
N ALA A 1027 -13.56 -2.27 -30.38
CA ALA A 1027 -12.89 -3.42 -30.96
C ALA A 1027 -13.79 -4.65 -30.94
N PHE A 1028 -14.50 -4.84 -29.83
CA PHE A 1028 -15.55 -5.87 -29.80
C PHE A 1028 -16.71 -5.49 -30.70
N ARG A 1029 -17.02 -4.21 -30.81
CA ARG A 1029 -18.02 -3.76 -31.77
C ARG A 1029 -17.46 -3.63 -33.19
N ASN A 1030 -16.25 -4.10 -33.44
CA ASN A 1030 -15.73 -4.27 -34.79
C ASN A 1030 -14.98 -5.59 -34.89
N ARG A 1031 -15.51 -6.63 -34.26
CA ARG A 1031 -15.00 -7.99 -34.45
C ARG A 1031 -16.13 -8.98 -34.71
N PHE A 1032 -17.35 -8.51 -34.94
CA PHE A 1032 -18.49 -9.38 -35.13
C PHE A 1032 -19.46 -8.75 -36.12
N LEU A 1033 -20.12 -9.60 -36.90
CA LEU A 1033 -21.04 -9.14 -37.95
C LEU A 1033 -22.30 -8.62 -37.28
N GLU A 1034 -22.25 -7.36 -36.86
CA GLU A 1034 -23.20 -6.80 -35.91
C GLU A 1034 -24.57 -6.60 -36.55
N ILE A 1035 -25.51 -6.17 -35.73
CA ILE A 1035 -26.89 -5.97 -36.14
C ILE A 1035 -27.54 -5.06 -35.12
N HIS A 1036 -28.56 -4.33 -35.55
CA HIS A 1036 -29.28 -3.42 -34.69
C HIS A 1036 -30.78 -3.71 -34.85
N PHE A 1037 -31.30 -4.58 -34.00
CA PHE A 1037 -32.74 -4.85 -34.00
C PHE A 1037 -33.43 -3.69 -33.31
N ASP A 1038 -33.85 -2.70 -34.10
CA ASP A 1038 -34.53 -1.53 -33.57
C ASP A 1038 -35.94 -1.89 -33.11
N ASP A 1039 -36.62 -0.91 -32.52
CA ASP A 1039 -37.89 -1.17 -31.86
C ASP A 1039 -39.00 -1.46 -32.87
N ILE A 1040 -39.95 -2.29 -32.46
CA ILE A 1040 -41.07 -2.68 -33.29
C ILE A 1040 -41.98 -1.48 -33.47
N PRO A 1041 -42.76 -1.41 -34.54
CA PRO A 1041 -43.63 -0.25 -34.73
C PRO A 1041 -44.84 -0.30 -33.83
N GLU A 1042 -45.69 0.72 -33.91
CA GLU A 1042 -46.80 0.86 -32.97
C GLU A 1042 -47.95 -0.09 -33.32
N ASN A 1043 -48.49 0.06 -34.52
CA ASN A 1043 -49.56 -0.84 -34.94
C ASN A 1043 -49.06 -2.27 -35.12
N GLU A 1044 -47.75 -2.44 -35.30
CA GLU A 1044 -47.12 -3.75 -35.17
C GLU A 1044 -47.42 -4.38 -33.83
N LEU A 1045 -47.22 -3.64 -32.75
CA LEU A 1045 -47.55 -4.15 -31.42
C LEU A 1045 -49.05 -4.31 -31.27
N GLU A 1046 -49.84 -3.44 -31.91
CA GLU A 1046 -51.29 -3.53 -31.84
C GLU A 1046 -51.78 -4.84 -32.44
N THR A 1047 -51.16 -5.26 -33.51
CA THR A 1047 -51.49 -6.55 -34.07
C THR A 1047 -50.91 -7.69 -33.25
N ILE A 1048 -49.71 -7.49 -32.70
CA ILE A 1048 -48.98 -8.58 -32.03
C ILE A 1048 -49.69 -9.00 -30.77
N LEU A 1049 -50.22 -8.03 -30.03
CA LEU A 1049 -50.92 -8.40 -28.81
C LEU A 1049 -52.31 -8.94 -29.08
N HIS A 1050 -52.83 -8.79 -30.28
CA HIS A 1050 -54.21 -9.17 -30.53
C HIS A 1050 -54.44 -10.67 -30.55
N LYS A 1051 -53.38 -11.47 -30.57
CA LYS A 1051 -53.52 -12.92 -30.58
C LYS A 1051 -52.94 -13.57 -29.34
N ARG A 1052 -51.70 -13.22 -28.97
CA ARG A 1052 -51.08 -13.74 -27.75
C ARG A 1052 -51.77 -13.25 -26.49
N CYS A 1053 -52.58 -12.20 -26.59
CA CYS A 1053 -53.58 -11.87 -25.61
C CYS A 1053 -54.95 -12.04 -26.25
N LYS A 1054 -55.97 -12.08 -25.40
CA LYS A 1054 -57.32 -11.89 -25.88
C LYS A 1054 -57.44 -10.49 -26.43
N ILE A 1055 -58.17 -10.34 -27.53
CA ILE A 1055 -58.26 -9.03 -28.18
C ILE A 1055 -59.56 -8.24 -28.10
N ALA A 1056 -59.40 -6.97 -27.76
CA ALA A 1056 -60.49 -6.01 -27.66
C ALA A 1056 -60.13 -4.89 -28.64
N PRO A 1057 -61.12 -4.40 -29.40
CA PRO A 1057 -60.74 -3.38 -30.38
C PRO A 1057 -60.14 -2.08 -29.83
N SER A 1058 -60.72 -1.53 -28.76
CA SER A 1058 -60.20 -0.28 -28.22
C SER A 1058 -59.41 -0.43 -26.90
N TYR A 1059 -59.71 -1.47 -26.13
CA TYR A 1059 -58.95 -1.66 -24.90
C TYR A 1059 -57.49 -1.96 -25.24
N ALA A 1060 -57.31 -2.87 -26.20
CA ALA A 1060 -55.98 -3.26 -26.67
C ALA A 1060 -55.23 -2.17 -27.43
N ALA A 1061 -55.94 -1.49 -28.32
CA ALA A 1061 -55.36 -0.44 -29.15
C ALA A 1061 -54.87 0.76 -28.34
N LYS A 1062 -55.65 1.14 -27.34
CA LYS A 1062 -55.32 2.28 -26.50
C LYS A 1062 -54.20 1.95 -25.55
N ILE A 1063 -54.03 0.68 -25.18
CA ILE A 1063 -52.90 0.30 -24.33
C ILE A 1063 -51.60 0.45 -25.09
N VAL A 1064 -51.59 0.05 -26.36
CA VAL A 1064 -50.41 0.24 -27.19
C VAL A 1064 -50.14 1.72 -27.39
N GLN A 1065 -51.20 2.50 -27.60
CA GLN A 1065 -51.06 3.94 -27.73
C GLN A 1065 -50.56 4.55 -26.44
N VAL A 1066 -50.90 3.96 -25.30
CA VAL A 1066 -50.43 4.47 -24.03
C VAL A 1066 -48.98 4.10 -23.81
N PHE A 1067 -48.54 2.96 -24.35
CA PHE A 1067 -47.12 2.66 -24.35
C PHE A 1067 -46.36 3.67 -25.17
N ARG A 1068 -46.94 4.05 -26.31
CA ARG A 1068 -46.37 5.09 -27.13
C ARG A 1068 -46.36 6.43 -26.41
N GLU A 1069 -47.40 6.70 -25.63
CA GLU A 1069 -47.47 7.96 -24.92
C GLU A 1069 -46.51 8.00 -23.75
N LEU A 1070 -46.30 6.86 -23.09
CA LEU A 1070 -45.27 6.77 -22.07
C LEU A 1070 -43.90 6.93 -22.67
N SER A 1071 -43.72 6.49 -23.92
CA SER A 1071 -42.51 6.86 -24.64
C SER A 1071 -42.52 8.35 -24.98
N LEU A 1072 -43.70 8.94 -25.15
CA LEU A 1072 -43.80 10.29 -25.67
C LEU A 1072 -43.52 11.33 -24.59
N ARG A 1073 -43.84 11.04 -23.33
CA ARG A 1073 -43.54 12.00 -22.27
C ARG A 1073 -42.04 12.14 -22.06
N ARG A 1074 -41.28 11.09 -22.34
CA ARG A 1074 -39.82 11.16 -22.36
C ARG A 1074 -39.35 11.91 -23.60
N ASN A 1084 -32.68 4.91 -14.63
CA ASN A 1084 -32.83 3.74 -15.47
C ASN A 1084 -34.04 2.92 -15.04
N SER A 1085 -35.20 3.57 -15.02
CA SER A 1085 -36.42 2.94 -14.52
C SER A 1085 -37.04 2.05 -15.59
N PHE A 1086 -38.26 1.59 -15.34
CA PHE A 1086 -38.88 0.52 -16.10
C PHE A 1086 -39.96 1.07 -17.02
N ALA A 1087 -39.93 0.62 -18.27
CA ALA A 1087 -41.02 0.80 -19.22
C ALA A 1087 -41.19 -0.43 -20.11
N THR A 1088 -40.92 -1.61 -19.56
CA THR A 1088 -40.77 -2.82 -20.37
C THR A 1088 -42.11 -3.32 -20.91
N LEU A 1089 -42.13 -3.66 -22.19
CA LEU A 1089 -43.33 -4.18 -22.80
C LEU A 1089 -43.58 -5.64 -22.46
N ARG A 1090 -42.62 -6.32 -21.84
CA ARG A 1090 -42.93 -7.58 -21.17
C ARG A 1090 -43.96 -7.33 -20.09
N ASP A 1091 -43.80 -6.23 -19.36
CA ASP A 1091 -44.84 -5.83 -18.44
C ASP A 1091 -46.09 -5.35 -19.17
N LEU A 1092 -45.99 -4.95 -20.43
CA LEU A 1092 -47.22 -4.70 -21.15
C LEU A 1092 -47.94 -5.99 -21.46
N PHE A 1093 -47.19 -7.07 -21.72
CA PHE A 1093 -47.83 -8.36 -21.89
C PHE A 1093 -48.41 -8.84 -20.57
N ARG A 1094 -47.73 -8.53 -19.47
CA ARG A 1094 -48.29 -8.77 -18.15
C ARG A 1094 -49.57 -7.97 -17.95
N TRP A 1095 -49.59 -6.74 -18.45
CA TRP A 1095 -50.77 -5.91 -18.35
C TRP A 1095 -51.91 -6.48 -19.17
N ALA A 1096 -51.58 -7.05 -20.32
CA ALA A 1096 -52.60 -7.60 -21.19
C ALA A 1096 -53.19 -8.86 -20.59
N PHE A 1097 -52.35 -9.89 -20.39
CA PHE A 1097 -52.82 -11.17 -19.90
C PHE A 1097 -53.31 -11.09 -18.47
N ARG A 1098 -52.84 -10.09 -17.71
CA ARG A 1098 -53.36 -9.87 -16.37
C ARG A 1098 -54.78 -9.35 -16.43
N GLU A 1099 -55.03 -8.40 -17.32
CA GLU A 1099 -56.31 -7.70 -17.34
C GLU A 1099 -57.38 -8.64 -17.80
N ALA A 1100 -58.14 -9.16 -16.85
CA ALA A 1100 -59.34 -9.95 -17.14
C ALA A 1100 -60.57 -9.07 -17.11
N VAL A 1101 -60.44 -7.83 -17.59
CA VAL A 1101 -61.35 -6.76 -17.19
C VAL A 1101 -62.71 -6.93 -17.85
N GLY A 1102 -62.75 -6.86 -19.17
CA GLY A 1102 -64.03 -6.66 -19.82
C GLY A 1102 -64.63 -5.31 -19.56
N TYR A 1103 -63.81 -4.30 -19.25
CA TYR A 1103 -64.27 -2.96 -18.95
C TYR A 1103 -63.10 -2.02 -19.15
N GLN A 1104 -63.33 -0.95 -19.93
CA GLN A 1104 -62.26 -0.03 -20.27
C GLN A 1104 -61.74 0.71 -19.05
N GLN A 1105 -62.60 0.99 -18.09
CA GLN A 1105 -62.14 1.62 -16.86
C GLN A 1105 -61.37 0.64 -16.00
N LEU A 1106 -61.84 -0.60 -15.94
CA LEU A 1106 -61.12 -1.63 -15.20
C LEU A 1106 -59.78 -1.92 -15.84
N ALA A 1107 -59.75 -1.98 -17.17
CA ALA A 1107 -58.49 -2.18 -17.86
C ALA A 1107 -57.59 -0.97 -17.70
N GLU A 1108 -58.20 0.21 -17.57
CA GLU A 1108 -57.43 1.41 -17.29
C GLU A 1108 -56.78 1.31 -15.93
N ASN A 1109 -57.53 0.86 -14.93
CA ASN A 1109 -56.97 0.66 -13.61
C ASN A 1109 -55.92 -0.44 -13.60
N GLY A 1110 -56.10 -1.43 -14.47
CA GLY A 1110 -55.14 -2.51 -14.54
C GLY A 1110 -53.81 -2.06 -15.09
N TYR A 1111 -53.84 -1.40 -16.26
CA TYR A 1111 -52.60 -0.87 -16.84
C TYR A 1111 -52.02 0.24 -15.96
N MET A 1112 -52.89 0.92 -15.21
CA MET A 1112 -52.44 1.90 -14.23
C MET A 1112 -51.59 1.26 -13.14
N LEU A 1113 -52.19 0.34 -12.39
CA LEU A 1113 -51.54 -0.25 -11.23
C LEU A 1113 -50.31 -1.06 -11.64
N LEU A 1114 -50.37 -1.72 -12.80
CA LEU A 1114 -49.18 -2.39 -13.30
C LEU A 1114 -48.10 -1.37 -13.66
N ALA A 1115 -48.51 -0.25 -14.22
CA ALA A 1115 -47.55 0.80 -14.42
C ALA A 1115 -47.23 1.50 -13.11
N GLU A 1116 -48.19 1.55 -12.18
CA GLU A 1116 -47.95 2.15 -10.87
C GLU A 1116 -47.28 1.18 -9.90
N ARG A 1117 -46.78 0.06 -10.40
CA ARG A 1117 -45.96 -0.81 -9.58
C ARG A 1117 -44.67 -0.13 -9.16
N ALA A 1118 -43.83 0.21 -10.14
CA ALA A 1118 -42.43 0.56 -9.90
C ALA A 1118 -42.24 2.01 -9.55
N ARG A 1119 -43.26 2.69 -9.01
CA ARG A 1119 -43.21 4.13 -8.83
C ARG A 1119 -42.23 4.55 -7.74
N ASP A 1120 -41.01 4.87 -8.14
CA ASP A 1120 -39.99 5.31 -7.19
C ASP A 1120 -40.22 6.75 -6.72
N GLN A 1121 -41.10 7.50 -7.37
CA GLN A 1121 -41.43 8.86 -6.94
C GLN A 1121 -42.85 9.18 -7.40
N LYS A 1122 -43.52 10.03 -6.62
CA LYS A 1122 -44.92 10.35 -6.90
C LYS A 1122 -45.07 11.25 -8.12
N ASP A 1123 -44.00 11.92 -8.54
CA ASP A 1123 -44.04 12.78 -9.72
C ASP A 1123 -44.36 11.99 -10.98
N LYS A 1124 -43.51 11.00 -11.29
CA LYS A 1124 -43.72 10.16 -12.45
C LYS A 1124 -44.98 9.31 -12.32
N LEU A 1125 -45.37 9.00 -11.08
CA LEU A 1125 -46.61 8.28 -10.84
C LEU A 1125 -47.81 9.11 -11.26
N ALA A 1126 -47.83 10.39 -10.85
CA ALA A 1126 -48.91 11.28 -11.25
C ALA A 1126 -48.88 11.53 -12.76
N VAL A 1127 -47.68 11.58 -13.33
CA VAL A 1127 -47.53 11.80 -14.77
C VAL A 1127 -48.13 10.65 -15.55
N GLN A 1128 -47.79 9.43 -15.18
CA GLN A 1128 -48.35 8.27 -15.85
C GLN A 1128 -49.83 8.13 -15.56
N GLU A 1129 -50.29 8.58 -14.38
CA GLU A 1129 -51.71 8.55 -14.09
C GLU A 1129 -52.47 9.47 -15.03
N VAL A 1130 -51.89 10.64 -15.31
CA VAL A 1130 -52.51 11.56 -16.25
C VAL A 1130 -52.44 11.00 -17.67
N ILE A 1131 -51.35 10.29 -18.00
CA ILE A 1131 -51.20 9.72 -19.33
C ILE A 1131 -52.23 8.64 -19.54
N GLU A 1132 -52.51 7.87 -18.51
CA GLU A 1132 -53.57 6.88 -18.60
C GLU A 1132 -54.92 7.55 -18.62
N LYS A 1133 -55.05 8.69 -17.92
CA LYS A 1133 -56.28 9.44 -17.94
C LYS A 1133 -56.58 10.00 -19.33
N VAL A 1134 -55.54 10.22 -20.13
CA VAL A 1134 -55.74 10.56 -21.53
C VAL A 1134 -56.39 9.41 -22.27
N MET A 1135 -56.13 8.17 -21.85
CA MET A 1135 -56.81 7.04 -22.41
C MET A 1135 -58.13 6.82 -21.69
N SER A 1164 -55.76 -13.86 13.07
CA SER A 1164 -54.93 -13.29 12.02
C SER A 1164 -53.62 -12.75 12.56
N LYS A 1165 -53.64 -12.42 13.86
CA LYS A 1165 -52.50 -12.00 14.67
C LYS A 1165 -51.88 -10.68 14.25
N VAL A 1166 -52.51 -9.93 13.34
CA VAL A 1166 -51.88 -8.78 12.72
C VAL A 1166 -52.80 -7.58 12.88
N VAL A 1167 -52.40 -6.46 12.28
CA VAL A 1167 -53.04 -5.18 12.49
C VAL A 1167 -53.21 -4.48 11.15
N TRP A 1168 -54.45 -4.11 10.83
CA TRP A 1168 -54.74 -3.45 9.57
C TRP A 1168 -54.10 -2.08 9.53
N THR A 1169 -53.84 -1.60 8.32
CA THR A 1169 -53.10 -0.36 8.14
C THR A 1169 -53.39 0.17 6.74
N ARG A 1170 -53.54 1.49 6.63
CA ARG A 1170 -53.81 2.09 5.33
C ARG A 1170 -52.60 2.04 4.41
N PRO A 1171 -51.43 2.52 4.81
CA PRO A 1171 -50.31 2.61 3.85
C PRO A 1171 -49.69 1.29 3.48
N MET A 1172 -50.13 0.18 4.06
CA MET A 1172 -49.72 -1.15 3.61
C MET A 1172 -50.86 -1.92 2.96
N ILE A 1173 -52.07 -1.36 2.98
CA ILE A 1173 -53.17 -1.97 2.27
C ILE A 1173 -52.94 -1.89 0.77
N ARG A 1174 -52.28 -0.82 0.32
CA ARG A 1174 -51.90 -0.70 -1.08
C ARG A 1174 -50.53 -1.33 -1.35
N LEU A 1175 -50.15 -2.29 -0.54
CA LEU A 1175 -49.24 -3.35 -0.90
C LEU A 1175 -49.89 -4.71 -0.80
N PHE A 1176 -50.72 -4.91 0.22
CA PHE A 1176 -51.38 -6.19 0.41
C PHE A 1176 -52.38 -6.47 -0.69
N CYS A 1177 -53.08 -5.44 -1.16
CA CYS A 1177 -54.03 -5.61 -2.24
C CYS A 1177 -53.33 -5.95 -3.55
N LEU A 1178 -52.20 -5.31 -3.80
CA LEU A 1178 -51.46 -5.59 -5.02
C LEU A 1178 -50.86 -6.99 -4.99
N VAL A 1179 -50.38 -7.44 -3.83
CA VAL A 1179 -49.85 -8.78 -3.77
C VAL A 1179 -50.96 -9.81 -3.87
N TRP A 1180 -52.17 -9.47 -3.39
CA TRP A 1180 -53.30 -10.38 -3.54
C TRP A 1180 -53.70 -10.52 -5.00
N ARG A 1181 -53.73 -9.38 -5.71
CA ARG A 1181 -54.09 -9.41 -7.13
C ARG A 1181 -53.05 -10.16 -7.95
N CYS A 1182 -51.77 -9.90 -7.69
CA CYS A 1182 -50.72 -10.60 -8.41
C CYS A 1182 -50.65 -12.07 -8.05
N LEU A 1183 -51.09 -12.42 -6.84
CA LEU A 1183 -51.25 -13.82 -6.47
C LEU A 1183 -52.36 -14.47 -7.28
N LEU A 1184 -53.47 -13.77 -7.47
CA LEU A 1184 -54.57 -14.32 -8.26
C LEU A 1184 -54.16 -14.53 -9.70
N ALA A 1185 -53.36 -13.61 -10.24
CA ALA A 1185 -52.80 -13.81 -11.56
C ALA A 1185 -51.66 -14.81 -11.58
N LYS A 1186 -51.13 -15.15 -10.41
CA LYS A 1186 -49.97 -16.01 -10.24
C LYS A 1186 -48.76 -15.49 -11.02
N GLU A 1187 -48.61 -14.19 -11.07
CA GLU A 1187 -47.45 -13.63 -11.73
C GLU A 1187 -46.25 -13.72 -10.80
N PRO A 1188 -45.04 -13.61 -11.33
CA PRO A 1188 -43.88 -13.48 -10.44
C PRO A 1188 -43.90 -12.10 -9.79
N VAL A 1189 -43.66 -12.07 -8.49
CA VAL A 1189 -43.89 -10.88 -7.67
C VAL A 1189 -42.68 -10.62 -6.80
N LEU A 1190 -41.89 -9.61 -7.15
CA LEU A 1190 -40.84 -9.12 -6.27
C LEU A 1190 -41.45 -8.16 -5.27
N LEU A 1191 -40.58 -7.50 -4.50
CA LEU A 1191 -40.96 -6.45 -3.57
C LEU A 1191 -39.70 -5.68 -3.24
N VAL A 1192 -39.69 -4.39 -3.49
CA VAL A 1192 -38.48 -3.60 -3.27
C VAL A 1192 -38.83 -2.37 -2.45
N GLY A 1193 -37.90 -1.95 -1.61
CA GLY A 1193 -38.13 -0.73 -0.86
C GLY A 1193 -37.36 -0.73 0.46
N ASP A 1194 -37.99 -0.10 1.44
CA ASP A 1194 -37.31 0.26 2.68
C ASP A 1194 -37.07 -0.96 3.54
N THR A 1195 -35.84 -1.06 4.07
CA THR A 1195 -35.42 -2.21 4.86
C THR A 1195 -36.16 -2.19 6.18
N GLY A 1196 -37.22 -3.00 6.27
CA GLY A 1196 -38.04 -2.97 7.44
C GLY A 1196 -39.28 -2.14 7.26
N CYS A 1197 -40.00 -2.34 6.15
CA CYS A 1197 -41.15 -1.52 5.86
C CYS A 1197 -42.49 -2.27 5.90
N GLY A 1198 -42.49 -3.59 5.95
CA GLY A 1198 -43.75 -4.29 5.93
C GLY A 1198 -43.76 -5.54 5.07
N LYS A 1199 -42.59 -5.91 4.55
CA LYS A 1199 -42.50 -6.92 3.49
C LYS A 1199 -42.93 -8.29 3.98
N THR A 1200 -42.19 -8.84 4.95
CA THR A 1200 -42.52 -10.12 5.55
C THR A 1200 -43.86 -10.09 6.25
N THR A 1201 -44.29 -8.92 6.70
CA THR A 1201 -45.61 -8.77 7.29
C THR A 1201 -46.71 -9.08 6.29
N VAL A 1202 -46.64 -8.46 5.11
CA VAL A 1202 -47.67 -8.69 4.10
C VAL A 1202 -47.59 -10.10 3.59
N CYS A 1203 -46.37 -10.65 3.49
CA CYS A 1203 -46.19 -12.02 3.03
C CYS A 1203 -46.85 -13.00 3.99
N GLN A 1204 -46.57 -12.86 5.28
CA GLN A 1204 -47.22 -13.71 6.26
C GLN A 1204 -48.70 -13.39 6.37
N ILE A 1205 -49.12 -12.19 6.02
CA ILE A 1205 -50.54 -11.86 6.03
C ILE A 1205 -51.27 -12.63 4.95
N LEU A 1206 -50.67 -12.72 3.77
CA LEU A 1206 -51.32 -13.44 2.69
C LEU A 1206 -51.30 -14.93 2.95
N ALA A 1207 -50.17 -15.45 3.44
CA ALA A 1207 -50.12 -16.86 3.79
C ALA A 1207 -51.03 -17.20 4.96
N GLU A 1208 -51.39 -16.20 5.77
CA GLU A 1208 -52.49 -16.39 6.70
C GLU A 1208 -53.81 -16.46 5.96
N CYS A 1209 -54.03 -15.53 5.03
CA CYS A 1209 -55.34 -15.42 4.39
C CYS A 1209 -55.58 -16.56 3.42
N LEU A 1210 -54.78 -16.63 2.37
CA LEU A 1210 -54.68 -17.85 1.60
C LEU A 1210 -53.90 -18.83 2.45
N HIS A 1211 -54.60 -19.81 3.04
CA HIS A 1211 -53.99 -20.75 3.96
C HIS A 1211 -52.93 -21.59 3.24
N LYS A 1212 -51.68 -21.42 3.66
CA LYS A 1212 -50.55 -21.90 2.88
C LYS A 1212 -49.35 -22.04 3.81
N GLU A 1213 -48.25 -22.55 3.25
CA GLU A 1213 -47.04 -22.83 4.02
C GLU A 1213 -45.93 -21.99 3.41
N LEU A 1214 -45.79 -20.76 3.89
CA LEU A 1214 -44.81 -19.84 3.33
C LEU A 1214 -43.41 -20.26 3.74
N HIS A 1215 -42.82 -21.17 2.99
CA HIS A 1215 -41.42 -21.49 3.18
C HIS A 1215 -40.59 -20.26 2.82
N ILE A 1216 -39.96 -19.66 3.82
CA ILE A 1216 -39.18 -18.47 3.60
C ILE A 1216 -37.71 -18.88 3.52
N ILE A 1217 -36.86 -17.95 3.10
CA ILE A 1217 -35.43 -18.22 3.05
C ILE A 1217 -34.69 -16.94 3.40
N ASN A 1218 -33.36 -17.00 3.34
CA ASN A 1218 -32.52 -15.86 3.66
C ASN A 1218 -31.18 -16.04 2.97
N ALA A 1219 -30.86 -15.14 2.05
CA ALA A 1219 -29.72 -15.33 1.15
C ALA A 1219 -28.40 -14.87 1.77
N HIS A 1220 -27.37 -14.79 0.92
CA HIS A 1220 -26.00 -14.40 1.24
C HIS A 1220 -25.38 -15.25 2.33
N THR A 1223 -24.04 -19.90 -1.74
CA THR A 1223 -23.23 -21.11 -1.77
C THR A 1223 -24.08 -22.32 -2.12
N GLU A 1224 -24.33 -23.18 -1.13
CA GLU A 1224 -25.10 -24.39 -1.34
C GLU A 1224 -26.58 -24.22 -1.09
N ASN A 1225 -26.96 -23.43 -0.08
CA ASN A 1225 -28.34 -23.27 0.31
C ASN A 1225 -29.14 -22.54 -0.76
N GLY A 1226 -28.46 -21.69 -1.53
CA GLY A 1226 -29.12 -21.07 -2.67
C GLY A 1226 -29.52 -22.08 -3.72
N ASP A 1227 -28.68 -23.09 -3.93
CA ASP A 1227 -29.08 -24.22 -4.75
C ASP A 1227 -30.18 -25.00 -4.06
N ILE A 1228 -30.14 -25.03 -2.72
CA ILE A 1228 -31.10 -25.80 -1.93
C ILE A 1228 -32.45 -25.10 -1.90
N ILE A 1229 -32.50 -23.86 -2.40
CA ILE A 1229 -33.78 -23.32 -2.81
C ILE A 1229 -34.37 -24.20 -3.90
N GLY A 1230 -33.57 -24.60 -4.88
CA GLY A 1230 -34.06 -25.53 -5.86
C GLY A 1230 -33.82 -26.97 -5.47
N ALA A 1231 -32.57 -27.32 -5.09
CA ALA A 1231 -32.23 -28.73 -4.84
C ALA A 1231 -30.95 -28.91 -4.03
N GLN A 1232 -30.83 -30.02 -3.32
CA GLN A 1232 -29.68 -30.25 -2.47
C GLN A 1232 -28.89 -31.46 -2.93
N ARG A 1233 -27.89 -31.81 -2.13
CA ARG A 1233 -27.18 -33.09 -2.20
C ARG A 1233 -26.48 -33.29 -0.86
N PRO A 1234 -27.22 -33.52 0.20
CA PRO A 1234 -26.58 -33.73 1.50
C PRO A 1234 -26.29 -35.19 1.76
N VAL A 1235 -25.56 -35.48 2.83
CA VAL A 1235 -25.38 -36.86 3.26
C VAL A 1235 -26.71 -37.33 3.80
N ARG A 1236 -27.01 -38.62 3.63
CA ARG A 1236 -28.35 -39.12 3.86
C ARG A 1236 -28.55 -39.44 5.34
N ASN A 1237 -29.67 -38.99 5.89
CA ASN A 1237 -30.13 -39.51 7.17
C ASN A 1237 -30.43 -40.99 7.02
N ARG A 1238 -29.82 -41.80 7.89
CA ARG A 1238 -29.61 -43.22 7.61
C ARG A 1238 -30.80 -44.09 7.98
N SER A 1239 -32.01 -43.53 7.95
CA SER A 1239 -33.19 -44.37 7.96
C SER A 1239 -33.25 -45.26 6.72
N ALA A 1240 -32.75 -44.75 5.59
CA ALA A 1240 -32.69 -45.56 4.38
C ALA A 1240 -31.65 -46.67 4.48
N VAL A 1241 -30.68 -46.55 5.37
CA VAL A 1241 -29.73 -47.62 5.60
C VAL A 1241 -30.43 -48.85 6.18
N ASN A 1242 -31.46 -48.62 6.99
CA ASN A 1242 -32.27 -49.73 7.47
C ASN A 1242 -33.38 -50.06 6.48
N TYR A 1243 -33.81 -49.10 5.67
CA TYR A 1243 -34.78 -49.40 4.61
C TYR A 1243 -34.16 -50.25 3.51
N SER A 1244 -32.84 -50.28 3.44
CA SER A 1244 -32.16 -51.22 2.55
C SER A 1244 -32.42 -52.68 2.93
N LEU A 1245 -32.76 -52.95 4.20
CA LEU A 1245 -33.13 -54.32 4.58
C LEU A 1245 -34.44 -54.72 3.94
N HIS A 1246 -35.39 -53.80 3.85
CA HIS A 1246 -36.63 -54.09 3.14
C HIS A 1246 -36.43 -54.04 1.63
N SER A 1247 -35.47 -53.24 1.16
CA SER A 1247 -35.13 -53.24 -0.26
C SER A 1247 -34.48 -54.55 -0.69
N GLN A 1248 -33.69 -55.16 0.20
CA GLN A 1248 -33.21 -56.51 -0.03
C GLN A 1248 -34.32 -57.52 0.14
N LEU A 1249 -35.30 -57.22 1.01
CA LEU A 1249 -36.48 -58.05 1.13
C LEU A 1249 -37.40 -57.93 -0.09
N CYS A 1250 -37.19 -56.94 -0.94
CA CYS A 1250 -37.87 -56.84 -2.23
C CYS A 1250 -36.91 -57.03 -3.40
N GLU A 1251 -35.79 -57.72 -3.19
CA GLU A 1251 -34.75 -57.87 -4.19
C GLU A 1251 -34.77 -59.26 -4.79
N LYS A 1252 -34.19 -59.36 -5.99
CA LYS A 1252 -34.09 -60.64 -6.67
C LYS A 1252 -33.08 -61.54 -5.96
N PHE A 1253 -33.39 -62.85 -5.97
CA PHE A 1253 -32.61 -63.90 -5.30
C PHE A 1253 -32.44 -63.60 -3.81
N ASN A 1254 -33.56 -63.51 -3.10
CA ASN A 1254 -33.57 -63.28 -1.66
C ASN A 1254 -34.18 -64.47 -0.94
N VAL A 1255 -33.67 -64.77 0.25
CA VAL A 1255 -34.10 -65.94 1.00
C VAL A 1255 -34.58 -65.58 2.39
N ILE A 1262 -28.92 -58.83 4.87
CA ILE A 1262 -27.70 -59.56 4.57
C ILE A 1262 -26.92 -58.85 3.46
N ASP A 1263 -25.73 -58.35 3.81
CA ASP A 1263 -24.90 -57.69 2.81
C ASP A 1263 -24.28 -58.69 1.85
N ASP A 1264 -24.10 -59.92 2.30
CA ASP A 1264 -23.71 -60.98 1.36
C ASP A 1264 -24.83 -61.25 0.36
N LEU A 1265 -26.08 -61.03 0.75
CA LEU A 1265 -27.17 -61.10 -0.23
C LEU A 1265 -27.13 -59.91 -1.17
N ILE A 1266 -26.57 -58.77 -0.72
CA ILE A 1266 -26.35 -57.67 -1.65
C ILE A 1266 -25.27 -58.04 -2.65
N GLU A 1267 -24.25 -58.76 -2.20
CA GLU A 1267 -23.26 -59.30 -3.13
C GLU A 1267 -23.87 -60.34 -4.08
N LYS A 1268 -24.84 -61.11 -3.57
CA LYS A 1268 -25.45 -62.16 -4.38
C LYS A 1268 -26.38 -61.58 -5.43
N PHE A 1269 -27.14 -60.55 -5.07
CA PHE A 1269 -27.93 -59.83 -6.06
C PHE A 1269 -27.03 -59.00 -6.98
N GLU A 1270 -25.81 -58.68 -6.54
CA GLU A 1270 -24.84 -58.04 -7.43
C GLU A 1270 -24.17 -59.03 -8.37
N LYS A 1271 -24.24 -60.33 -8.07
CA LYS A 1271 -23.71 -61.33 -8.98
C LYS A 1271 -24.50 -61.38 -10.28
N LEU A 1272 -25.79 -61.68 -10.18
CA LEU A 1272 -26.66 -61.70 -11.36
C LEU A 1272 -27.09 -60.28 -11.72
N ASN A 1283 -31.70 -50.18 -8.28
CA ASN A 1283 -30.45 -49.46 -8.09
C ASN A 1283 -30.26 -49.06 -6.64
N LEU A 1284 -31.09 -49.64 -5.77
CA LEU A 1284 -31.00 -49.34 -4.35
C LEU A 1284 -29.74 -49.92 -3.72
N ILE A 1285 -29.11 -50.88 -4.38
CA ILE A 1285 -27.76 -51.29 -4.01
C ILE A 1285 -26.79 -50.12 -4.16
N GLU A 1286 -26.90 -49.40 -5.28
CA GLU A 1286 -26.05 -48.23 -5.48
C GLU A 1286 -26.46 -47.09 -4.55
N ARG A 1287 -27.73 -47.05 -4.14
CA ARG A 1287 -28.12 -46.12 -3.10
C ARG A 1287 -27.50 -46.50 -1.76
N GLN A 1288 -27.34 -47.80 -1.50
CA GLN A 1288 -26.68 -48.24 -0.28
C GLN A 1288 -25.19 -47.92 -0.32
N ILE A 1289 -24.60 -47.98 -1.51
CA ILE A 1289 -23.18 -47.69 -1.64
C ILE A 1289 -22.90 -46.19 -1.59
N ILE A 1290 -23.92 -45.33 -1.68
CA ILE A 1290 -23.71 -43.89 -1.75
C ILE A 1290 -23.89 -43.20 -0.42
N LYS A 1291 -24.25 -43.93 0.63
CA LYS A 1291 -24.44 -43.35 1.96
C LYS A 1291 -24.33 -44.42 3.05
N HIS A 1299 -31.50 -35.22 -2.14
CA HIS A 1299 -31.31 -34.26 -3.21
C HIS A 1299 -32.58 -33.48 -3.51
N ASP A 1300 -33.34 -33.18 -2.46
CA ASP A 1300 -34.56 -32.41 -2.56
C ASP A 1300 -34.24 -30.93 -2.40
N GLY A 1301 -35.26 -30.09 -2.40
CA GLY A 1301 -35.04 -28.66 -2.35
C GLY A 1301 -36.26 -27.82 -2.00
N ALA A 1302 -36.03 -26.54 -1.67
CA ALA A 1302 -37.07 -25.72 -1.08
C ALA A 1302 -38.16 -25.39 -2.08
N LEU A 1303 -37.78 -24.86 -3.24
CA LEU A 1303 -38.76 -24.66 -4.29
C LEU A 1303 -39.20 -25.98 -4.89
N VAL A 1304 -38.36 -27.00 -4.80
CA VAL A 1304 -38.81 -28.33 -5.17
C VAL A 1304 -39.88 -28.80 -4.21
N THR A 1305 -39.72 -28.46 -2.92
CA THR A 1305 -40.78 -28.78 -1.97
C THR A 1305 -42.00 -27.92 -2.19
N ALA A 1306 -41.79 -26.71 -2.71
CA ALA A 1306 -42.90 -25.79 -2.89
C ALA A 1306 -43.77 -26.23 -4.06
N MET A 1307 -43.14 -26.44 -5.22
CA MET A 1307 -43.84 -26.96 -6.39
C MET A 1307 -44.32 -28.38 -6.13
N LYS A 1308 -43.63 -29.11 -5.27
CA LYS A 1308 -44.15 -30.39 -4.80
C LYS A 1308 -45.43 -30.20 -4.00
N GLN A 1309 -45.35 -29.38 -2.96
CA GLN A 1309 -46.52 -29.08 -2.08
C GLN A 1309 -47.20 -27.80 -2.58
N PHE A 1312 -45.61 -21.34 -1.42
CA PHE A 1312 -45.05 -20.05 -1.90
C PHE A 1312 -43.61 -19.92 -1.38
N PHE A 1313 -42.66 -19.64 -2.28
CA PHE A 1313 -41.23 -19.49 -1.92
C PHE A 1313 -40.89 -18.00 -1.82
N LEU A 1314 -40.69 -17.50 -0.60
CA LEU A 1314 -40.36 -16.09 -0.38
C LEU A 1314 -38.86 -15.92 -0.13
N LEU A 1315 -38.09 -16.00 -1.22
CA LEU A 1315 -36.64 -15.87 -1.14
C LEU A 1315 -36.29 -14.40 -0.95
N ASP A 1316 -36.29 -13.98 0.31
CA ASP A 1316 -36.05 -12.59 0.65
C ASP A 1316 -34.60 -12.18 0.37
N GLU A 1317 -34.42 -10.89 0.10
CA GLU A 1317 -33.14 -10.28 -0.30
C GLU A 1317 -32.58 -10.97 -1.55
N ILE A 1318 -33.36 -10.88 -2.63
CA ILE A 1318 -33.04 -11.62 -3.84
C ILE A 1318 -31.89 -11.00 -4.62
N SER A 1319 -31.54 -9.75 -4.33
CA SER A 1319 -30.44 -9.11 -5.03
C SER A 1319 -29.11 -9.76 -4.68
N LEU A 1320 -28.95 -10.14 -3.42
CA LEU A 1320 -27.76 -10.84 -2.97
C LEU A 1320 -27.90 -12.36 -3.08
N ALA A 1321 -28.79 -12.84 -3.94
CA ALA A 1321 -28.91 -14.28 -4.16
C ALA A 1321 -27.81 -14.75 -5.10
N ASP A 1322 -27.90 -16.00 -5.54
CA ASP A 1322 -26.90 -16.53 -6.45
C ASP A 1322 -27.18 -16.09 -7.88
N ASP A 1323 -26.40 -16.63 -8.80
CA ASP A 1323 -26.58 -16.32 -10.22
C ASP A 1323 -27.13 -17.52 -10.97
N SER A 1324 -26.49 -18.68 -10.80
CA SER A 1324 -26.98 -19.90 -11.44
C SER A 1324 -28.33 -20.30 -10.88
N VAL A 1325 -28.52 -20.09 -9.57
CA VAL A 1325 -29.84 -20.26 -8.99
C VAL A 1325 -30.81 -19.23 -9.57
N LEU A 1326 -30.33 -18.00 -9.74
CA LEU A 1326 -31.16 -17.00 -10.41
C LEU A 1326 -31.36 -17.34 -11.88
N GLU A 1327 -30.39 -18.03 -12.48
CA GLU A 1327 -30.56 -18.45 -13.87
C GLU A 1327 -31.67 -19.48 -13.98
N ARG A 1328 -31.67 -20.48 -13.10
CA ARG A 1328 -32.75 -21.47 -13.15
C ARG A 1328 -34.06 -20.86 -12.67
N LEU A 1329 -33.99 -19.82 -11.86
CA LEU A 1329 -35.20 -19.12 -11.44
C LEU A 1329 -35.78 -18.32 -12.60
N ASN A 1330 -34.92 -17.82 -13.47
CA ASN A 1330 -35.39 -17.22 -14.71
C ASN A 1330 -36.03 -18.28 -15.59
N SER A 1331 -35.46 -19.48 -15.59
CA SER A 1331 -36.13 -20.60 -16.22
C SER A 1331 -37.40 -20.98 -15.47
N VAL A 1332 -37.43 -20.73 -14.16
CA VAL A 1332 -38.63 -21.04 -13.39
C VAL A 1332 -39.69 -19.98 -13.56
N LEU A 1333 -39.31 -18.85 -14.17
CA LEU A 1333 -40.15 -17.67 -14.06
C LEU A 1333 -41.27 -17.68 -15.08
N GLU A 1334 -40.93 -17.68 -16.37
CA GLU A 1334 -41.88 -17.26 -17.40
C GLU A 1334 -42.89 -18.36 -17.69
N LEU A 1335 -44.01 -18.29 -16.95
CA LEU A 1335 -45.23 -19.07 -17.19
C LEU A 1335 -45.04 -20.58 -17.15
N SER A 1336 -43.94 -21.04 -16.55
CA SER A 1336 -43.57 -22.45 -16.59
C SER A 1336 -42.47 -22.68 -15.56
N ARG A 1337 -42.48 -23.85 -14.94
CA ARG A 1337 -41.44 -24.19 -13.99
C ARG A 1337 -40.57 -25.32 -14.53
N THR A 1338 -39.41 -25.51 -13.91
CA THR A 1338 -38.43 -26.45 -14.42
C THR A 1338 -37.50 -26.88 -13.30
N LEU A 1339 -37.16 -28.17 -13.28
CA LEU A 1339 -36.31 -28.73 -12.24
C LEU A 1339 -35.04 -29.27 -12.90
N THR A 1340 -34.08 -28.37 -13.09
CA THR A 1340 -32.87 -28.69 -13.85
C THR A 1340 -31.89 -29.46 -12.97
N LEU A 1341 -32.23 -30.72 -12.71
CA LEU A 1341 -31.38 -31.61 -11.94
C LEU A 1341 -30.11 -31.97 -12.72
N ALA A 1348 -29.20 -35.28 -16.59
CA ALA A 1348 -30.34 -35.97 -16.00
C ALA A 1348 -31.19 -35.00 -15.20
N VAL A 1349 -32.26 -34.50 -15.83
CA VAL A 1349 -33.09 -33.45 -15.25
C VAL A 1349 -34.55 -33.75 -15.57
N SER A 1350 -35.41 -32.84 -15.11
CA SER A 1350 -36.82 -32.86 -15.48
C SER A 1350 -37.32 -31.43 -15.48
N LEU A 1351 -38.63 -31.28 -15.50
CA LEU A 1351 -39.27 -29.97 -15.47
C LEU A 1351 -40.37 -30.02 -14.41
N THR A 1352 -40.24 -29.20 -13.39
CA THR A 1352 -41.23 -29.21 -12.33
C THR A 1352 -42.52 -28.55 -12.79
N ALA A 1353 -43.62 -28.97 -12.18
CA ALA A 1353 -44.91 -28.33 -12.36
C ALA A 1353 -45.03 -27.12 -11.47
N LYS A 1354 -46.25 -26.60 -11.32
CA LYS A 1354 -46.49 -25.51 -10.39
C LYS A 1354 -47.94 -25.57 -9.95
N ASP A 1355 -48.18 -25.70 -8.65
CA ASP A 1355 -49.52 -25.66 -8.09
C ASP A 1355 -49.82 -24.34 -7.40
N GLY A 1356 -48.99 -23.32 -7.61
CA GLY A 1356 -49.07 -22.10 -6.84
C GLY A 1356 -47.74 -21.81 -6.20
N PHE A 1357 -46.68 -22.35 -6.79
CA PHE A 1357 -45.33 -22.16 -6.29
C PHE A 1357 -44.84 -20.77 -6.58
N ALA A 1358 -45.36 -19.80 -5.83
CA ALA A 1358 -45.05 -18.40 -6.07
C ALA A 1358 -43.67 -18.06 -5.55
N PHE A 1359 -42.90 -17.34 -6.35
CA PHE A 1359 -41.63 -16.81 -5.87
C PHE A 1359 -41.85 -15.40 -5.32
N PHE A 1360 -42.67 -15.32 -4.26
CA PHE A 1360 -43.09 -14.04 -3.68
C PHE A 1360 -41.90 -13.44 -2.92
N ALA A 1361 -40.95 -12.93 -3.68
CA ALA A 1361 -39.63 -12.62 -3.16
C ALA A 1361 -39.60 -11.21 -2.57
N THR A 1362 -38.40 -10.72 -2.28
CA THR A 1362 -38.17 -9.36 -1.83
C THR A 1362 -36.70 -9.05 -2.03
N MET A 1363 -36.41 -7.76 -2.18
CA MET A 1363 -35.04 -7.27 -2.24
C MET A 1363 -35.09 -5.79 -1.94
N ASN A 1364 -34.51 -5.38 -0.81
CA ASN A 1364 -34.59 -4.00 -0.37
C ASN A 1364 -33.73 -3.10 -1.25
N PRO A 1365 -34.00 -1.80 -1.22
CA PRO A 1365 -33.38 -0.88 -2.18
C PRO A 1365 -31.93 -0.60 -1.80
N GLY A 1366 -31.32 0.29 -2.57
CA GLY A 1366 -29.94 0.66 -2.35
C GLY A 1366 -29.16 0.81 -3.64
N GLY A 1370 -23.23 -4.90 -1.17
CA GLY A 1370 -23.15 -5.51 -2.48
C GLY A 1370 -24.51 -5.58 -3.15
N LYS A 1371 -25.27 -4.49 -3.04
CA LYS A 1371 -26.65 -4.45 -3.54
C LYS A 1371 -26.67 -4.29 -5.06
N LYS A 1372 -26.22 -5.35 -5.73
CA LYS A 1372 -26.19 -5.39 -7.18
C LYS A 1372 -27.50 -5.98 -7.68
N GLU A 1373 -28.21 -5.23 -8.50
CA GLU A 1373 -29.48 -5.72 -9.03
C GLU A 1373 -29.23 -6.83 -10.05
N LEU A 1374 -30.30 -7.51 -10.43
CA LEU A 1374 -30.20 -8.61 -11.38
C LEU A 1374 -30.13 -8.06 -12.80
N SER A 1375 -30.24 -8.95 -13.79
CA SER A 1375 -30.38 -8.51 -15.16
C SER A 1375 -31.70 -7.76 -15.31
N PRO A 1376 -31.74 -6.74 -16.18
CA PRO A 1376 -32.98 -5.97 -16.34
C PRO A 1376 -34.11 -6.80 -16.90
N ALA A 1377 -33.80 -7.89 -17.59
CA ALA A 1377 -34.79 -8.92 -17.82
C ALA A 1377 -35.25 -9.53 -16.52
N LEU A 1378 -34.30 -9.94 -15.67
CA LEU A 1378 -34.64 -10.68 -14.46
C LEU A 1378 -35.36 -9.79 -13.46
N ARG A 1379 -35.09 -8.50 -13.50
CA ARG A 1379 -35.98 -7.57 -12.82
C ARG A 1379 -37.32 -7.52 -13.52
N ASN A 1380 -37.31 -7.34 -14.85
CA ASN A 1380 -38.53 -7.14 -15.61
C ASN A 1380 -39.34 -8.42 -15.73
N ARG A 1381 -38.73 -9.58 -15.52
CA ARG A 1381 -39.49 -10.83 -15.58
C ARG A 1381 -40.35 -11.05 -14.34
N PHE A 1382 -40.24 -10.21 -13.32
CA PHE A 1382 -41.08 -10.30 -12.13
C PHE A 1382 -41.82 -8.99 -11.95
N THR A 1383 -43.11 -9.08 -11.64
CA THR A 1383 -43.93 -7.90 -11.42
C THR A 1383 -43.60 -7.32 -10.05
N GLU A 1384 -42.75 -6.30 -10.02
CA GLU A 1384 -42.23 -5.75 -8.79
C GLU A 1384 -43.26 -4.86 -8.10
N ILE A 1385 -42.89 -4.33 -6.93
CA ILE A 1385 -43.74 -3.44 -6.17
C ILE A 1385 -42.84 -2.62 -5.25
N TRP A 1386 -43.13 -1.33 -5.16
CA TRP A 1386 -42.37 -0.41 -4.32
C TRP A 1386 -43.26 0.12 -3.21
N VAL A 1387 -42.62 0.52 -2.11
CA VAL A 1387 -43.36 0.81 -0.90
C VAL A 1387 -42.75 2.01 -0.18
N PRO A 1388 -43.32 2.43 0.95
CA PRO A 1388 -42.73 3.53 1.72
C PRO A 1388 -41.44 3.14 2.41
N THR A 1393 -47.32 7.91 10.61
CA THR A 1393 -48.68 8.27 11.00
C THR A 1393 -49.02 7.67 12.35
N GLU A 1394 -50.22 7.99 12.84
CA GLU A 1394 -50.65 7.55 14.16
C GLU A 1394 -50.85 6.05 14.26
N ASP A 1395 -51.02 5.39 13.13
CA ASP A 1395 -51.14 3.94 13.19
C ASP A 1395 -49.81 3.26 13.44
N ILE A 1396 -48.68 3.94 13.27
CA ILE A 1396 -47.43 3.40 13.76
C ILE A 1396 -47.47 3.31 15.27
N LEU A 1397 -48.10 4.29 15.91
CA LEU A 1397 -48.31 4.22 17.35
C LEU A 1397 -49.30 3.12 17.70
N LYS A 1398 -50.35 2.96 16.91
CA LYS A 1398 -51.28 1.86 17.14
C LYS A 1398 -50.60 0.51 16.95
N ILE A 1399 -49.65 0.45 16.03
CA ILE A 1399 -48.86 -0.76 15.79
C ILE A 1399 -47.97 -1.05 16.98
N VAL A 1400 -47.40 0.01 17.56
CA VAL A 1400 -46.61 -0.19 18.76
C VAL A 1400 -47.49 -0.62 19.92
N GLU A 1401 -48.74 -0.15 19.93
CA GLU A 1401 -49.69 -0.55 20.96
C GLU A 1401 -49.99 -2.03 20.87
N GLY A 1402 -50.09 -2.55 19.65
CA GLY A 1402 -50.09 -3.98 19.49
C GLY A 1402 -48.76 -4.59 19.88
N LYS A 1403 -47.68 -3.89 19.64
CA LYS A 1403 -46.36 -4.43 19.86
C LYS A 1403 -45.95 -4.43 21.31
N LEU A 1404 -46.70 -3.77 22.18
CA LEU A 1404 -46.23 -3.53 23.54
C LEU A 1404 -46.80 -4.56 24.51
N HIS A 1405 -46.55 -4.33 25.80
CA HIS A 1405 -47.04 -5.20 26.86
C HIS A 1405 -48.53 -4.94 27.10
N ASN A 1406 -49.05 -5.59 28.14
CA ASN A 1406 -50.49 -5.60 28.41
C ASN A 1406 -51.08 -4.23 28.72
N ASN A 1407 -50.74 -3.63 29.85
CA ASN A 1407 -51.28 -2.31 30.08
C ASN A 1407 -50.40 -1.27 29.41
N LYS A 1408 -49.28 -0.91 30.08
CA LYS A 1408 -48.04 -0.29 29.60
C LYS A 1408 -48.17 0.67 28.41
N ILE A 1409 -49.21 1.48 28.36
CA ILE A 1409 -49.68 1.96 27.06
C ILE A 1409 -49.01 3.25 26.62
N GLU A 1410 -49.26 4.34 27.36
CA GLU A 1410 -49.13 5.66 26.77
C GLU A 1410 -47.68 6.11 26.61
N LEU A 1411 -46.73 5.32 27.12
CA LEU A 1411 -45.31 5.59 26.91
C LEU A 1411 -44.97 5.59 25.44
N ALA A 1412 -45.57 4.68 24.68
CA ALA A 1412 -45.34 4.65 23.25
C ALA A 1412 -45.92 5.88 22.57
N ARG A 1413 -47.11 6.32 23.00
CA ARG A 1413 -47.67 7.56 22.49
C ARG A 1413 -46.77 8.75 22.78
N PRO A 1414 -46.05 8.77 23.87
CA PRO A 1414 -44.90 9.66 23.96
C PRO A 1414 -43.81 9.22 23.02
N LEU A 1415 -43.45 7.93 23.03
CA LEU A 1415 -42.26 7.44 22.32
C LEU A 1415 -42.39 7.60 20.81
N VAL A 1416 -43.63 7.55 20.31
CA VAL A 1416 -43.86 7.77 18.88
C VAL A 1416 -43.43 9.16 18.48
N GLU A 1417 -44.01 10.17 19.13
CA GLU A 1417 -43.65 11.53 18.79
C GLU A 1417 -42.24 11.87 19.23
N TYR A 1418 -41.71 11.14 20.21
CA TYR A 1418 -40.32 11.32 20.60
C TYR A 1418 -39.39 10.88 19.50
N ALA A 1419 -39.71 9.75 18.88
CA ALA A 1419 -39.00 9.32 17.69
C ALA A 1419 -39.20 10.30 16.55
N LYS A 1420 -40.38 10.93 16.48
CA LYS A 1420 -40.62 11.91 15.42
C LYS A 1420 -39.73 13.13 15.58
N TRP A 1421 -39.64 13.66 16.80
CA TRP A 1421 -38.82 14.82 17.04
C TRP A 1421 -37.34 14.47 16.99
N HIS A 1422 -37.01 13.22 17.35
CA HIS A 1422 -35.65 12.75 17.16
C HIS A 1422 -35.32 12.64 15.68
N ALA A 1423 -36.31 12.29 14.88
CA ALA A 1423 -36.11 12.10 13.45
C ALA A 1423 -35.90 13.43 12.76
N ASN A 1424 -36.79 14.38 13.01
CA ASN A 1424 -36.63 15.70 12.40
C ASN A 1424 -35.43 16.43 12.99
N GLU A 1425 -35.11 16.16 14.26
CA GLU A 1425 -33.94 16.78 14.86
C GLU A 1425 -32.66 16.12 14.38
N TYR A 1426 -32.49 14.84 14.68
CA TYR A 1426 -31.29 14.12 14.31
C TYR A 1426 -31.55 13.35 13.03
N LEU A 1427 -30.68 13.55 12.03
CA LEU A 1427 -30.77 12.95 10.70
C LEU A 1427 -32.13 13.25 10.07
N TYR A 1428 -32.30 14.54 9.77
CA TYR A 1428 -33.61 15.13 9.47
C TYR A 1428 -34.29 14.53 8.25
N THR A 1429 -35.36 13.77 8.50
CA THR A 1429 -36.23 13.15 7.52
C THR A 1429 -37.47 12.64 8.24
N ASP A 1430 -38.59 12.56 7.53
CA ASP A 1430 -39.86 12.19 8.15
C ASP A 1430 -40.14 10.70 7.99
N VAL A 1431 -39.22 9.89 8.50
CA VAL A 1431 -39.36 8.43 8.49
C VAL A 1431 -39.38 7.96 9.93
N ILE A 1432 -40.33 7.06 10.24
CA ILE A 1432 -40.51 6.63 11.62
C ILE A 1432 -39.38 5.73 12.11
N SER A 1433 -38.58 5.16 11.18
CA SER A 1433 -37.35 4.41 11.47
C SER A 1433 -37.61 3.22 12.39
N ILE A 1434 -38.52 2.35 11.94
CA ILE A 1434 -39.21 1.43 12.83
C ILE A 1434 -38.33 0.34 13.41
N ARG A 1435 -37.08 0.20 12.96
CA ARG A 1435 -36.12 -0.62 13.68
C ARG A 1435 -35.89 -0.07 15.07
N ASP A 1436 -35.70 1.25 15.15
CA ASP A 1436 -35.47 1.91 16.43
C ASP A 1436 -36.69 1.80 17.33
N VAL A 1437 -37.86 2.19 16.83
CA VAL A 1437 -39.09 2.14 17.62
C VAL A 1437 -39.43 0.70 17.98
N LEU A 1438 -39.07 -0.25 17.14
CA LEU A 1438 -39.31 -1.66 17.44
C LEU A 1438 -38.44 -2.12 18.60
N SER A 1439 -37.15 -1.82 18.56
CA SER A 1439 -36.27 -2.20 19.65
C SER A 1439 -36.63 -1.47 20.94
N ALA A 1440 -37.18 -0.26 20.79
CA ALA A 1440 -37.62 0.48 21.96
C ALA A 1440 -38.85 -0.16 22.58
N VAL A 1441 -39.79 -0.60 21.75
CA VAL A 1441 -40.95 -1.32 22.27
C VAL A 1441 -40.54 -2.63 22.88
N GLU A 1442 -39.44 -3.22 22.37
CA GLU A 1442 -38.90 -4.44 22.95
C GLU A 1442 -38.41 -4.21 24.36
N PHE A 1443 -37.57 -3.19 24.54
CA PHE A 1443 -37.07 -2.91 25.89
C PHE A 1443 -38.15 -2.37 26.81
N ILE A 1444 -39.15 -1.68 26.25
CA ILE A 1444 -40.20 -1.12 27.07
C ILE A 1444 -41.12 -2.23 27.58
N ASN A 1445 -41.43 -3.19 26.72
CA ASN A 1445 -42.10 -4.37 27.21
C ASN A 1445 -41.16 -5.29 27.98
N ALA A 1446 -39.86 -5.02 27.97
CA ALA A 1446 -38.91 -5.72 28.83
C ALA A 1446 -38.55 -4.93 30.07
N CYS A 1447 -39.31 -3.89 30.39
CA CYS A 1447 -39.05 -3.11 31.60
C CYS A 1447 -39.45 -3.92 32.83
N GLU A 1448 -38.45 -4.49 33.51
CA GLU A 1448 -38.70 -5.21 34.76
C GLU A 1448 -38.80 -4.28 35.97
N ILE A 1449 -38.85 -2.97 35.74
CA ILE A 1449 -38.90 -1.98 36.80
C ILE A 1449 -40.25 -1.30 36.77
N LEU A 1450 -40.49 -0.36 37.66
CA LEU A 1450 -41.70 0.45 37.73
C LEU A 1450 -41.35 1.88 37.30
N ASP A 1451 -42.29 2.80 37.54
CA ASP A 1451 -42.16 4.23 37.20
C ASP A 1451 -42.00 4.40 35.70
N LEU A 1452 -43.14 4.20 35.03
CA LEU A 1452 -43.30 4.19 33.58
C LEU A 1452 -42.49 5.25 32.84
N ASN A 1453 -42.53 6.49 33.32
CA ASN A 1453 -41.79 7.54 32.64
C ASN A 1453 -40.30 7.36 32.81
N LEU A 1454 -39.86 6.75 33.90
CA LEU A 1454 -38.45 6.44 34.01
C LEU A 1454 -38.07 5.30 33.11
N VAL A 1455 -39.00 4.38 32.87
CA VAL A 1455 -38.75 3.29 31.94
C VAL A 1455 -38.57 3.85 30.53
N LEU A 1456 -39.45 4.78 30.14
CA LEU A 1456 -39.32 5.40 28.84
C LEU A 1456 -38.10 6.31 28.79
N PHE A 1457 -37.73 6.87 29.93
CA PHE A 1457 -36.54 7.69 30.01
C PHE A 1457 -35.30 6.88 29.71
N ASN A 1458 -35.11 5.79 30.45
CA ASN A 1458 -33.99 4.90 30.20
C ASN A 1458 -34.07 4.25 28.84
N ALA A 1459 -35.29 4.08 28.32
CA ALA A 1459 -35.46 3.46 27.02
C ALA A 1459 -34.97 4.37 25.90
N VAL A 1460 -35.53 5.58 25.82
CA VAL A 1460 -35.11 6.50 24.78
C VAL A 1460 -33.70 6.97 25.00
N SER A 1461 -33.20 6.90 26.24
CA SER A 1461 -31.78 7.03 26.48
C SER A 1461 -31.02 5.90 25.81
N MET A 1462 -31.56 4.68 25.89
CA MET A 1462 -30.82 3.53 25.40
C MET A 1462 -30.83 3.45 23.88
N VAL A 1463 -31.91 3.88 23.23
CA VAL A 1463 -32.03 3.65 21.80
C VAL A 1463 -31.68 4.92 21.03
N PHE A 1464 -32.46 5.97 21.22
CA PHE A 1464 -32.29 7.16 20.40
C PHE A 1464 -31.19 8.07 20.92
N ILE A 1465 -31.25 8.43 22.21
CA ILE A 1465 -30.58 9.62 22.72
C ILE A 1465 -29.07 9.44 22.74
N ASP A 1466 -28.61 8.45 23.48
CA ASP A 1466 -27.17 8.24 23.63
C ASP A 1466 -26.51 7.79 22.33
N ALA A 1467 -27.30 7.36 21.35
CA ALA A 1467 -26.74 7.06 20.03
C ALA A 1467 -26.25 8.32 19.35
N LEU A 1468 -26.89 9.45 19.60
CA LEU A 1468 -26.55 10.68 18.94
C LEU A 1468 -25.23 11.23 19.46
N LEU A 1480 -20.29 17.51 19.15
CA LEU A 1480 -19.49 17.97 20.28
C LEU A 1480 -20.20 17.72 21.59
N ALA A 1481 -19.73 18.40 22.64
CA ALA A 1481 -20.36 18.28 23.95
C ALA A 1481 -21.71 18.98 24.01
N SER A 1482 -21.99 19.86 23.05
CA SER A 1482 -23.29 20.51 22.94
C SER A 1482 -24.41 19.52 22.71
N LEU A 1483 -24.09 18.37 22.12
CA LEU A 1483 -25.05 17.28 22.03
C LEU A 1483 -25.50 16.81 23.40
N HIS A 1484 -24.59 16.81 24.38
CA HIS A 1484 -24.94 16.70 25.79
C HIS A 1484 -26.05 17.68 26.15
N ALA A 1485 -25.81 18.96 25.85
CA ALA A 1485 -26.86 19.97 25.90
C ALA A 1485 -28.07 19.58 25.08
N GLU A 1486 -27.84 19.10 23.84
CA GLU A 1486 -28.95 18.67 23.01
C GLU A 1486 -29.62 17.44 23.58
N ARG A 1487 -28.86 16.62 24.33
CA ARG A 1487 -29.45 15.51 25.07
C ARG A 1487 -30.46 16.02 26.07
N GLN A 1488 -30.10 17.11 26.76
CA GLN A 1488 -31.06 17.83 27.58
C GLN A 1488 -32.24 18.30 26.75
N ARG A 1489 -31.96 18.84 25.56
CA ARG A 1489 -33.02 19.18 24.61
C ARG A 1489 -33.83 17.94 24.27
N CYS A 1490 -33.13 16.83 24.03
CA CYS A 1490 -33.79 15.55 23.88
C CYS A 1490 -34.57 15.19 25.12
N PHE A 1491 -33.95 15.38 26.28
CA PHE A 1491 -34.63 15.16 27.55
C PHE A 1491 -35.79 16.13 27.69
N ALA A 1492 -35.65 17.33 27.11
CA ALA A 1492 -36.75 18.28 27.03
C ALA A 1492 -37.93 17.68 26.32
N LYS A 1493 -37.69 17.08 25.14
CA LYS A 1493 -38.76 16.40 24.44
C LYS A 1493 -39.21 15.17 25.21
N LEU A 1494 -38.31 14.59 26.00
CA LEU A 1494 -38.73 13.57 26.95
C LEU A 1494 -39.59 14.19 28.04
N ASN A 1495 -39.14 15.31 28.59
CA ASN A 1495 -39.92 15.97 29.62
C ASN A 1495 -41.18 16.58 29.05
N GLU A 1496 -41.16 16.98 27.78
CA GLU A 1496 -42.40 17.35 27.10
C GLU A 1496 -43.30 16.14 26.94
N LEU A 1497 -42.70 14.97 26.75
CA LEU A 1497 -43.47 13.74 26.78
C LEU A 1497 -43.93 13.42 28.19
N ALA A 1498 -43.19 13.87 29.19
CA ALA A 1498 -43.60 13.68 30.57
C ALA A 1498 -44.74 14.61 30.92
N HIS A 1541 -13.28 -0.10 39.05
CA HIS A 1541 -14.47 0.67 39.38
C HIS A 1541 -14.15 2.16 39.47
N THR A 1542 -15.05 2.98 38.95
CA THR A 1542 -14.88 4.42 38.95
C THR A 1542 -16.27 5.06 38.99
N ASP A 1543 -16.36 6.33 38.63
CA ASP A 1543 -17.63 7.04 38.59
C ASP A 1543 -18.24 6.99 37.20
N THR A 1544 -17.52 7.51 36.20
CA THR A 1544 -18.02 7.46 34.83
C THR A 1544 -18.04 6.03 34.31
N THR A 1545 -17.05 5.24 34.70
CA THR A 1545 -17.04 3.82 34.36
C THR A 1545 -18.26 3.12 34.94
N LEU A 1546 -18.71 3.57 36.10
CA LEU A 1546 -19.96 3.03 36.64
C LEU A 1546 -21.16 3.48 35.82
N MET A 1547 -21.10 4.65 35.18
CA MET A 1547 -22.21 5.05 34.32
C MET A 1547 -22.26 4.20 33.06
N ASN A 1548 -21.09 3.94 32.47
CA ASN A 1548 -21.03 3.07 31.31
C ASN A 1548 -21.45 1.64 31.66
N ALA A 1549 -21.05 1.19 32.84
CA ALA A 1549 -21.49 -0.13 33.28
C ALA A 1549 -22.97 -0.15 33.59
N SER A 1550 -23.54 0.97 34.02
CA SER A 1550 -24.97 1.05 34.20
C SER A 1550 -25.68 0.97 32.87
N LYS A 1551 -25.08 1.54 31.83
CA LYS A 1551 -25.62 1.40 30.49
C LYS A 1551 -25.59 -0.05 30.02
N VAL A 1552 -24.49 -0.75 30.28
CA VAL A 1552 -24.40 -2.16 29.89
C VAL A 1552 -25.36 -3.03 30.70
N LEU A 1553 -25.63 -2.63 31.94
CA LEU A 1553 -26.63 -3.34 32.73
C LEU A 1553 -28.02 -3.11 32.17
N ARG A 1554 -28.30 -1.90 31.71
CA ARG A 1554 -29.56 -1.64 31.01
C ARG A 1554 -29.63 -2.42 29.72
N ALA A 1555 -28.48 -2.65 29.11
CA ALA A 1555 -28.42 -3.37 27.84
C ALA A 1555 -28.71 -4.85 28.02
N LEU A 1556 -28.21 -5.44 29.11
CA LEU A 1556 -28.39 -6.88 29.30
C LEU A 1556 -29.83 -7.27 29.59
N GLN A 1557 -30.71 -6.31 29.88
CA GLN A 1557 -32.12 -6.56 30.14
C GLN A 1557 -32.92 -7.00 28.92
N VAL A 1558 -32.30 -7.09 27.74
CA VAL A 1558 -32.97 -7.55 26.53
C VAL A 1558 -32.04 -8.52 25.82
N LEU A 1559 -32.57 -9.69 25.47
CA LEU A 1559 -31.74 -10.77 24.97
C LEU A 1559 -31.22 -10.50 23.57
N LYS A 1560 -30.01 -9.94 23.47
CA LYS A 1560 -29.38 -9.73 22.18
C LYS A 1560 -27.88 -9.63 22.42
N PRO A 1561 -27.08 -9.57 21.35
CA PRO A 1561 -25.65 -9.32 21.53
C PRO A 1561 -25.41 -7.86 21.88
N ILE A 1562 -24.50 -7.63 22.82
CA ILE A 1562 -24.20 -6.30 23.33
C ILE A 1562 -22.96 -5.78 22.62
N LEU A 1563 -23.12 -4.71 21.86
CA LEU A 1563 -22.02 -4.13 21.10
C LEU A 1563 -21.53 -2.85 21.78
N LEU A 1564 -20.22 -2.64 21.75
CA LEU A 1564 -19.61 -1.50 22.40
C LEU A 1564 -19.34 -0.41 21.35
N GLU A 1565 -20.28 0.52 21.23
CA GLU A 1565 -20.21 1.54 20.19
C GLU A 1565 -19.51 2.79 20.74
N GLY A 1566 -18.20 2.66 20.93
CA GLY A 1566 -17.44 3.67 21.62
C GLY A 1566 -16.25 4.16 20.80
N SER A 1567 -15.77 5.35 21.18
CA SER A 1567 -14.59 5.91 20.58
C SER A 1567 -13.36 5.12 21.00
N PRO A 1568 -12.27 5.25 20.29
CA PRO A 1568 -11.16 4.30 20.46
C PRO A 1568 -10.32 4.55 21.69
N GLY A 1569 -9.24 3.77 21.82
CA GLY A 1569 -8.30 3.92 22.90
C GLY A 1569 -8.60 3.06 24.11
N VAL A 1570 -9.88 2.73 24.34
CA VAL A 1570 -10.25 2.06 25.58
C VAL A 1570 -9.84 0.60 25.54
N GLY A 1571 -10.43 -0.17 24.62
CA GLY A 1571 -10.47 -1.60 24.75
C GLY A 1571 -11.65 -2.02 25.60
N LYS A 1572 -11.85 -3.34 25.69
CA LYS A 1572 -13.03 -3.89 26.33
C LYS A 1572 -12.85 -4.08 27.83
N THR A 1573 -11.95 -3.29 28.44
CA THR A 1573 -11.75 -3.34 29.88
C THR A 1573 -13.03 -3.02 30.62
N SER A 1574 -13.82 -2.09 30.08
CA SER A 1574 -15.13 -1.74 30.63
C SER A 1574 -16.12 -2.89 30.59
N LEU A 1575 -15.79 -3.98 29.92
CA LEU A 1575 -16.48 -5.24 30.11
C LEU A 1575 -15.57 -6.35 30.56
N ILE A 1576 -14.25 -6.17 30.48
CA ILE A 1576 -13.36 -7.20 31.00
C ILE A 1576 -13.40 -7.21 32.52
N THR A 1577 -13.72 -6.08 33.12
CA THR A 1577 -13.76 -5.97 34.58
C THR A 1577 -15.13 -6.29 35.15
N ALA A 1578 -16.20 -5.96 34.44
CA ALA A 1578 -17.53 -6.02 35.01
C ALA A 1578 -18.00 -7.44 35.31
N LEU A 1579 -17.38 -8.44 34.68
CA LEU A 1579 -17.77 -9.82 34.90
C LEU A 1579 -17.42 -10.27 36.32
N ALA A 1580 -16.30 -9.76 36.85
CA ALA A 1580 -15.92 -10.06 38.22
C ALA A 1580 -16.97 -9.56 39.19
N ARG A 1581 -17.58 -8.41 38.89
CA ARG A 1581 -18.73 -7.92 39.64
C ARG A 1581 -20.04 -8.43 39.07
N GLU A 1582 -20.05 -9.57 38.39
CA GLU A 1582 -21.27 -10.10 37.79
C GLU A 1582 -21.35 -11.61 38.02
N THR A 1583 -21.93 -11.99 39.18
CA THR A 1583 -22.57 -13.28 39.49
C THR A 1583 -21.86 -14.53 38.99
N GLY A 1584 -20.54 -14.50 38.94
CA GLY A 1584 -19.76 -15.59 38.40
C GLY A 1584 -19.96 -15.84 36.93
N HIS A 1585 -19.73 -14.83 36.09
CA HIS A 1585 -19.93 -14.93 34.65
C HIS A 1585 -18.56 -15.01 33.98
N GLN A 1586 -18.28 -16.14 33.34
CA GLN A 1586 -16.96 -16.39 32.78
C GLN A 1586 -16.70 -15.54 31.54
N LEU A 1587 -15.43 -15.20 31.32
CA LEU A 1587 -15.03 -14.22 30.31
C LEU A 1587 -14.46 -14.94 29.09
N VAL A 1588 -15.35 -15.34 28.19
CA VAL A 1588 -14.89 -15.98 26.96
C VAL A 1588 -14.44 -14.88 25.99
N ARG A 1589 -13.17 -14.52 26.06
CA ARG A 1589 -12.64 -13.45 25.21
C ARG A 1589 -12.30 -14.05 23.85
N ILE A 1590 -13.33 -14.18 23.01
CA ILE A 1590 -13.19 -14.80 21.69
C ILE A 1590 -12.53 -13.76 20.78
N ASN A 1591 -11.22 -13.86 20.60
CA ASN A 1591 -10.48 -12.94 19.74
C ASN A 1591 -10.69 -13.36 18.29
N LEU A 1592 -11.85 -12.98 17.76
CA LEU A 1592 -12.21 -13.32 16.39
C LEU A 1592 -11.33 -12.55 15.42
N SER A 1593 -10.64 -13.27 14.55
CA SER A 1593 -9.63 -12.69 13.69
C SER A 1593 -9.82 -13.24 12.28
N ASP A 1594 -8.81 -13.00 11.43
CA ASP A 1594 -8.90 -13.38 10.02
C ASP A 1594 -8.88 -14.88 9.86
N GLN A 1595 -7.80 -15.53 10.27
CA GLN A 1595 -7.71 -16.99 10.23
C GLN A 1595 -8.60 -17.53 11.35
N THR A 1596 -9.89 -17.61 11.06
CA THR A 1596 -10.85 -18.12 12.03
C THR A 1596 -12.02 -18.71 11.24
N ASP A 1597 -11.99 -20.02 11.05
CA ASP A 1597 -13.06 -20.72 10.35
C ASP A 1597 -14.26 -20.89 11.27
N LEU A 1598 -15.40 -21.19 10.65
CA LEU A 1598 -16.56 -21.57 11.44
C LEU A 1598 -16.33 -22.89 12.13
N MET A 1599 -15.52 -23.76 11.55
CA MET A 1599 -15.08 -24.97 12.22
C MET A 1599 -14.19 -24.68 13.42
N ASP A 1600 -13.59 -23.49 13.48
CA ASP A 1600 -12.96 -23.02 14.68
C ASP A 1600 -13.95 -22.30 15.60
N LEU A 1601 -15.24 -22.47 15.37
CA LEU A 1601 -16.26 -21.91 16.25
C LEU A 1601 -17.44 -22.83 16.49
N PHE A 1602 -17.46 -24.03 15.94
CA PHE A 1602 -18.49 -24.98 16.34
C PHE A 1602 -17.85 -26.34 16.63
N GLY A 1603 -16.78 -26.67 15.89
CA GLY A 1603 -15.96 -27.84 16.16
C GLY A 1603 -16.68 -29.15 16.02
N SER A 1604 -16.39 -30.07 16.95
CA SER A 1604 -17.05 -31.34 17.21
C SER A 1604 -16.93 -32.36 16.09
N ASP A 1605 -16.24 -32.02 14.99
CA ASP A 1605 -16.22 -32.88 13.81
C ASP A 1605 -15.11 -33.92 13.96
N VAL A 1606 -15.46 -35.02 14.62
CA VAL A 1606 -14.47 -36.05 14.93
C VAL A 1606 -14.78 -37.31 14.14
N PRO A 1607 -13.77 -37.96 13.58
CA PRO A 1607 -14.00 -39.18 12.80
C PRO A 1607 -14.21 -40.38 13.72
N VAL A 1608 -15.45 -40.84 13.79
CA VAL A 1608 -15.81 -41.92 14.69
C VAL A 1608 -15.35 -43.26 14.13
N GLU A 1609 -14.99 -44.16 15.01
CA GLU A 1609 -14.55 -45.48 14.62
C GLU A 1609 -14.88 -46.52 15.68
N ALA A 1621 -13.00 -25.01 20.93
CA ALA A 1621 -14.39 -25.18 21.31
C ALA A 1621 -14.81 -24.09 22.26
N PRO A 1622 -14.09 -22.96 22.21
CA PRO A 1622 -14.40 -21.86 23.14
C PRO A 1622 -15.76 -21.27 22.91
N PHE A 1623 -16.09 -20.93 21.66
CA PHE A 1623 -17.46 -20.53 21.34
C PHE A 1623 -18.42 -21.69 21.50
N LEU A 1624 -17.94 -22.92 21.34
CA LEU A 1624 -18.79 -24.08 21.57
C LEU A 1624 -19.08 -24.25 23.06
N ALA A 1625 -18.06 -24.10 23.91
CA ALA A 1625 -18.29 -24.18 25.34
C ALA A 1625 -19.17 -23.04 25.83
N ALA A 1626 -19.04 -21.87 25.22
CA ALA A 1626 -19.89 -20.75 25.58
C ALA A 1626 -21.33 -20.97 25.12
N MET A 1627 -21.51 -21.71 24.04
CA MET A 1627 -22.86 -22.15 23.72
C MET A 1627 -23.32 -23.24 24.66
N ARG A 1628 -22.38 -23.97 25.28
CA ARG A 1628 -22.72 -25.05 26.20
C ARG A 1628 -22.87 -24.53 27.62
N ASN A 1629 -21.80 -24.01 28.20
CA ASN A 1629 -21.86 -23.37 29.49
C ASN A 1629 -22.16 -21.90 29.28
N GLY A 1630 -23.05 -21.35 30.10
CA GLY A 1630 -23.37 -19.94 29.98
C GLY A 1630 -22.20 -19.08 30.42
N HIS A 1631 -21.90 -18.06 29.63
CA HIS A 1631 -20.76 -17.21 29.93
C HIS A 1631 -20.95 -15.87 29.25
N TRP A 1632 -20.12 -14.92 29.66
CA TRP A 1632 -19.92 -13.70 28.89
C TRP A 1632 -18.93 -14.04 27.79
N VAL A 1633 -19.39 -13.97 26.54
CA VAL A 1633 -18.57 -14.34 25.40
C VAL A 1633 -18.13 -13.02 24.75
N LEU A 1634 -16.91 -12.59 25.03
CA LEU A 1634 -16.39 -11.33 24.52
C LEU A 1634 -15.82 -11.59 23.13
N LEU A 1635 -16.53 -11.13 22.10
CA LEU A 1635 -16.11 -11.36 20.71
C LEU A 1635 -15.28 -10.18 20.27
N ASP A 1636 -13.96 -10.33 20.28
CA ASP A 1636 -13.06 -9.26 19.91
C ASP A 1636 -12.90 -9.20 18.39
N GLU A 1637 -12.97 -7.97 17.86
CA GLU A 1637 -12.67 -7.65 16.45
C GLU A 1637 -13.60 -8.38 15.49
N LEU A 1638 -14.89 -8.03 15.57
CA LEU A 1638 -15.86 -8.55 14.62
C LEU A 1638 -15.63 -8.03 13.21
N ASN A 1639 -15.08 -6.82 13.08
CA ASN A 1639 -14.87 -6.23 11.78
C ASN A 1639 -13.76 -6.92 10.99
N LEU A 1640 -12.88 -7.65 11.65
CA LEU A 1640 -11.80 -8.36 10.98
C LEU A 1640 -12.16 -9.80 10.64
N ALA A 1641 -13.44 -10.10 10.45
CA ALA A 1641 -13.89 -11.47 10.26
C ALA A 1641 -13.98 -11.85 8.78
N SER A 1642 -13.99 -13.14 8.54
CA SER A 1642 -14.31 -13.70 7.23
C SER A 1642 -15.82 -13.86 7.12
N GLN A 1643 -16.39 -13.38 6.02
CA GLN A 1643 -17.83 -13.15 6.01
C GLN A 1643 -18.65 -14.41 5.74
N SER A 1644 -18.33 -15.48 6.40
CA SER A 1644 -19.17 -16.63 6.69
C SER A 1644 -19.08 -16.99 8.15
N VAL A 1645 -17.93 -16.75 8.77
CA VAL A 1645 -17.87 -16.68 10.22
C VAL A 1645 -18.74 -15.55 10.70
N LEU A 1646 -18.80 -14.46 9.94
CA LEU A 1646 -19.79 -13.43 10.16
C LEU A 1646 -21.20 -14.00 10.03
N GLU A 1647 -21.40 -14.88 9.05
CA GLU A 1647 -22.70 -15.50 8.92
C GLU A 1647 -22.97 -16.49 10.05
N GLY A 1648 -21.92 -17.12 10.56
CA GLY A 1648 -22.09 -18.01 11.70
C GLY A 1648 -22.47 -17.26 12.96
N LEU A 1649 -21.82 -16.13 13.21
CA LEU A 1649 -22.18 -15.29 14.34
C LEU A 1649 -23.56 -14.68 14.16
N ASN A 1650 -23.96 -14.45 12.91
CA ASN A 1650 -25.35 -14.05 12.64
C ASN A 1650 -26.31 -15.18 12.97
N ALA A 1651 -25.90 -16.41 12.74
CA ALA A 1651 -26.78 -17.53 13.07
C ALA A 1651 -26.89 -17.72 14.57
N CYS A 1652 -25.77 -17.63 15.28
CA CYS A 1652 -25.73 -17.95 16.69
C CYS A 1652 -26.48 -16.93 17.54
N LEU A 1653 -26.68 -15.74 17.04
CA LEU A 1653 -27.27 -14.63 17.78
C LEU A 1653 -28.74 -14.78 18.05
N ASP A 1654 -29.39 -15.90 17.76
CA ASP A 1654 -30.80 -16.03 18.06
C ASP A 1654 -31.03 -16.21 19.55
N HIS A 1655 -32.21 -15.79 20.01
CA HIS A 1655 -32.62 -15.96 21.42
C HIS A 1655 -32.80 -17.46 21.72
N ARG A 1656 -33.40 -18.17 20.75
CA ARG A 1656 -33.68 -19.63 20.82
C ARG A 1656 -32.41 -20.42 20.46
N ASN A 1657 -32.41 -21.72 20.71
CA ASN A 1657 -31.22 -22.56 20.39
C ASN A 1657 -30.94 -22.45 18.89
N GLU A 1658 -29.65 -22.29 18.53
CA GLU A 1658 -29.22 -22.10 17.13
C GLU A 1658 -29.40 -23.38 16.30
N ALA A 1659 -29.73 -23.20 15.02
CA ALA A 1659 -29.90 -24.29 14.03
C ALA A 1659 -29.07 -23.90 12.81
N TYR A 1660 -27.75 -23.97 12.95
CA TYR A 1660 -26.79 -23.53 11.95
C TYR A 1660 -27.04 -24.30 10.66
N ILE A 1661 -26.88 -23.62 9.54
CA ILE A 1661 -26.80 -24.26 8.23
C ILE A 1661 -25.36 -24.64 7.92
N PRO A 1662 -24.39 -23.79 8.23
CA PRO A 1662 -23.14 -23.77 7.46
C PRO A 1662 -22.22 -24.95 7.69
N GLU A 1663 -22.24 -25.56 8.86
CA GLU A 1663 -21.44 -26.76 9.10
C GLU A 1663 -22.30 -27.95 9.49
N LEU A 1664 -23.11 -27.71 10.53
CA LEU A 1664 -24.08 -28.66 11.16
C LEU A 1664 -25.44 -27.97 11.25
N ASP A 1665 -26.51 -28.74 11.53
CA ASP A 1665 -27.88 -28.17 11.64
C ASP A 1665 -28.05 -27.21 12.83
N LYS A 1666 -27.59 -27.57 14.03
CA LYS A 1666 -27.78 -26.66 15.22
C LYS A 1666 -26.82 -27.00 16.37
N VAL A 1667 -26.59 -26.05 17.27
CA VAL A 1667 -25.68 -26.26 18.43
C VAL A 1667 -26.29 -25.61 19.67
N PHE A 1668 -27.42 -26.14 20.14
CA PHE A 1668 -28.10 -25.59 21.34
C PHE A 1668 -27.17 -25.65 22.55
N HIS A 1671 -26.35 -23.86 27.65
CA HIS A 1671 -26.68 -22.99 28.81
C HIS A 1671 -27.70 -21.95 28.36
N PRO A 1672 -28.72 -21.55 29.17
CA PRO A 1672 -29.69 -20.62 28.58
C PRO A 1672 -29.62 -19.21 29.17
N ASN A 1673 -28.40 -18.71 29.36
CA ASN A 1673 -28.22 -17.30 29.65
C ASN A 1673 -26.95 -16.76 29.01
N PHE A 1674 -26.41 -17.44 28.00
CA PHE A 1674 -25.07 -17.18 27.49
C PHE A 1674 -25.00 -15.89 26.69
N ARG A 1675 -25.14 -14.74 27.36
CA ARG A 1675 -25.11 -13.47 26.68
C ARG A 1675 -23.71 -13.20 26.15
N VAL A 1676 -23.62 -12.82 24.88
CA VAL A 1676 -22.36 -12.68 24.17
C VAL A 1676 -22.16 -11.20 23.86
N PHE A 1677 -21.08 -10.64 24.37
CA PHE A 1677 -20.78 -9.23 24.19
C PHE A 1677 -19.88 -9.04 22.98
N ALA A 1678 -20.00 -7.89 22.34
CA ALA A 1678 -19.45 -7.66 21.01
C ALA A 1678 -18.54 -6.45 20.99
N ALA A 1679 -17.28 -6.66 20.66
CA ALA A 1679 -16.32 -5.57 20.57
C ALA A 1679 -16.47 -4.90 19.22
N GLN A 1680 -17.33 -3.89 19.16
CA GLN A 1680 -17.47 -3.10 17.94
C GLN A 1680 -16.22 -2.27 17.77
N ASN A 1681 -15.29 -2.76 16.96
CA ASN A 1681 -13.92 -2.28 16.88
C ASN A 1681 -13.81 -0.96 16.14
N PRO A 1682 -12.60 -0.45 15.93
CA PRO A 1682 -12.42 0.83 15.22
C PRO A 1682 -12.89 0.77 13.78
N GLN A 1683 -13.98 1.47 13.50
CA GLN A 1683 -14.58 1.48 12.18
C GLN A 1683 -14.07 2.64 11.34
N GLY A 1691 -18.19 -1.15 8.21
CA GLY A 1691 -17.37 -2.33 8.12
C GLY A 1691 -18.16 -3.59 8.42
N LEU A 1692 -18.82 -3.59 9.57
CA LEU A 1692 -19.70 -4.70 9.91
C LEU A 1692 -20.92 -4.69 8.99
N PRO A 1693 -21.50 -5.85 8.72
CA PRO A 1693 -22.70 -5.90 7.88
C PRO A 1693 -23.89 -5.30 8.59
N ARG A 1694 -24.74 -4.63 7.81
CA ARG A 1694 -25.90 -3.95 8.36
C ARG A 1694 -26.99 -4.91 8.86
N SER A 1695 -26.83 -6.21 8.68
CA SER A 1695 -27.69 -7.17 9.34
C SER A 1695 -27.07 -7.71 10.63
N PHE A 1696 -25.76 -7.91 10.63
CA PHE A 1696 -25.09 -8.28 11.88
C PHE A 1696 -25.03 -7.10 12.83
N ILE A 1697 -24.98 -5.88 12.30
CA ILE A 1697 -24.93 -4.69 13.11
C ILE A 1697 -26.32 -4.06 13.27
N ASN A 1698 -27.38 -4.83 13.04
CA ASN A 1698 -28.72 -4.39 13.41
C ASN A 1698 -29.54 -5.51 14.01
N ARG A 1699 -28.93 -6.65 14.31
CA ARG A 1699 -29.54 -7.67 15.14
C ARG A 1699 -29.03 -7.63 16.57
N PHE A 1700 -27.84 -7.06 16.76
CA PHE A 1700 -27.23 -6.95 18.09
C PHE A 1700 -27.86 -5.76 18.82
N SER A 1701 -27.26 -5.36 19.93
CA SER A 1701 -27.63 -4.12 20.59
C SER A 1701 -26.35 -3.36 20.86
N VAL A 1702 -26.33 -2.07 20.55
CA VAL A 1702 -25.12 -1.27 20.59
C VAL A 1702 -25.15 -0.41 21.85
N VAL A 1703 -24.05 -0.44 22.60
CA VAL A 1703 -23.91 0.34 23.82
C VAL A 1703 -22.80 1.36 23.57
N TYR A 1704 -23.10 2.62 23.87
CA TYR A 1704 -22.18 3.71 23.57
C TYR A 1704 -21.26 3.92 24.77
N VAL A 1705 -20.03 3.44 24.65
CA VAL A 1705 -19.04 3.61 25.70
C VAL A 1705 -18.46 5.01 25.57
N GLU A 1706 -18.71 5.86 26.56
CA GLU A 1706 -18.25 7.24 26.55
C GLU A 1706 -16.84 7.35 27.14
N ALA A 1707 -16.36 8.59 27.25
CA ALA A 1707 -15.00 8.85 27.69
C ALA A 1707 -14.95 9.02 29.20
N LEU A 1708 -13.83 9.54 29.70
CA LEU A 1708 -13.61 9.68 31.14
C LEU A 1708 -13.89 11.11 31.59
N LYS A 1709 -14.62 11.25 32.70
CA LYS A 1709 -14.90 12.54 33.29
C LYS A 1709 -13.66 13.07 34.03
N GLU A 1710 -13.65 14.39 34.22
CA GLU A 1710 -12.44 15.05 34.68
C GLU A 1710 -12.19 14.81 36.17
N LYS A 1711 -13.21 14.97 37.00
CA LYS A 1711 -13.06 14.58 38.41
C LYS A 1711 -12.90 13.07 38.53
N ASP A 1712 -13.53 12.33 37.63
CA ASP A 1712 -13.24 10.90 37.53
C ASP A 1712 -11.82 10.66 37.04
N MET A 1713 -11.27 11.56 36.21
CA MET A 1713 -9.88 11.40 35.85
C MET A 1713 -8.96 11.67 37.03
N ILE A 1714 -9.38 12.54 37.95
CA ILE A 1714 -8.64 12.73 39.19
C ILE A 1714 -8.73 11.49 40.05
N GLU A 1715 -9.89 10.83 40.03
CA GLU A 1715 -10.03 9.58 40.76
C GLU A 1715 -9.12 8.49 40.20
N ILE A 1716 -8.97 8.47 38.88
CA ILE A 1716 -8.04 7.52 38.27
C ILE A 1716 -6.60 7.94 38.55
N ALA A 1717 -6.37 9.24 38.75
CA ALA A 1717 -5.04 9.72 39.10
C ALA A 1717 -4.68 9.44 40.55
N ALA A 1718 -5.69 9.16 41.38
CA ALA A 1718 -5.45 8.91 42.80
C ALA A 1718 -4.64 7.64 43.06
N CYS A 1719 -4.55 6.74 42.09
CA CYS A 1719 -3.61 5.62 42.17
C CYS A 1719 -2.18 6.03 41.84
N ASN A 1720 -1.96 7.29 41.43
CA ASN A 1720 -0.64 7.78 41.15
C ASN A 1720 -0.21 8.91 42.07
N TYR A 1721 -1.07 9.39 42.94
CA TYR A 1721 -0.78 10.60 43.72
C TYR A 1721 -0.09 10.29 45.04
N HIS A 1722 0.94 9.46 44.98
CA HIS A 1722 1.83 9.26 46.11
C HIS A 1722 2.98 10.26 46.03
N GLN A 1723 3.74 10.21 44.95
CA GLN A 1723 4.73 11.23 44.64
C GLN A 1723 4.16 12.25 43.67
N VAL A 1724 3.13 12.95 44.12
CA VAL A 1724 2.51 13.99 43.32
C VAL A 1724 2.00 15.08 44.24
N ASN A 1725 2.42 16.31 44.00
CA ASN A 1725 1.71 17.46 44.55
C ASN A 1725 0.29 17.45 43.99
N GLU A 1726 -0.69 17.30 44.88
CA GLU A 1726 -2.05 16.94 44.46
C GLU A 1726 -2.71 18.08 43.66
N ASP A 1727 -2.43 19.32 44.04
CA ASP A 1727 -2.90 20.42 43.23
C ASP A 1727 -2.16 20.49 41.90
N TRP A 1728 -0.87 20.13 41.89
CA TRP A 1728 -0.15 20.04 40.63
C TRP A 1728 -0.67 18.87 39.80
N ARG A 1729 -1.19 17.82 40.45
CA ARG A 1729 -1.85 16.74 39.73
C ARG A 1729 -3.13 17.23 39.08
N LEU A 1730 -3.94 17.99 39.83
CA LEU A 1730 -5.15 18.57 39.25
C LEU A 1730 -4.82 19.57 38.16
N LYS A 1731 -3.67 20.23 38.28
CA LYS A 1731 -3.23 21.15 37.24
C LYS A 1731 -2.85 20.42 35.96
N ILE A 1732 -2.14 19.29 36.08
CA ILE A 1732 -1.75 18.52 34.90
C ILE A 1732 -2.98 17.93 34.21
N ILE A 1733 -3.96 17.49 35.00
CA ILE A 1733 -5.17 16.92 34.42
C ILE A 1733 -5.98 17.99 33.71
N LYS A 1734 -6.18 19.13 34.36
CA LYS A 1734 -6.91 20.23 33.73
C LYS A 1734 -6.15 20.78 32.54
N PHE A 1735 -4.81 20.69 32.57
CA PHE A 1735 -4.01 21.20 31.48
C PHE A 1735 -4.16 20.34 30.23
N MET A 1736 -4.13 19.01 30.39
CA MET A 1736 -4.34 18.15 29.23
C MET A 1736 -5.75 18.28 28.69
N PHE A 1737 -6.74 18.41 29.58
CA PHE A 1737 -8.13 18.51 29.14
C PHE A 1737 -8.37 19.80 28.36
N ARG A 1738 -8.00 20.94 28.93
CA ARG A 1738 -8.18 22.19 28.22
C ARG A 1738 -7.23 22.33 27.05
N LEU A 1739 -6.11 21.59 27.04
CA LEU A 1739 -5.21 21.61 25.89
C LEU A 1739 -5.86 20.96 24.69
N GLN A 1740 -6.47 19.79 24.89
CA GLN A 1740 -7.18 19.15 23.78
C GLN A 1740 -8.41 19.96 23.39
N ASP A 1741 -9.11 20.53 24.37
CA ASP A 1741 -10.33 21.27 24.08
C ASP A 1741 -10.04 22.59 23.37
N ASN A 1742 -8.85 23.14 23.54
CA ASN A 1742 -8.49 24.33 22.79
C ASN A 1742 -7.80 24.00 21.48
N ILE A 1743 -7.10 22.87 21.40
CA ILE A 1743 -6.44 22.49 20.16
C ILE A 1743 -7.43 21.96 19.13
N GLU A 1744 -8.60 21.50 19.56
CA GLU A 1744 -9.62 21.03 18.63
C GLU A 1744 -10.57 22.13 18.20
N LYS A 1745 -10.08 23.37 18.14
CA LYS A 1745 -10.95 24.48 17.74
C LYS A 1745 -10.25 25.52 16.88
N ASP A 1746 -9.08 25.22 16.33
CA ASP A 1746 -8.29 26.25 15.65
C ASP A 1746 -7.38 25.60 14.60
N ILE A 1747 -6.38 26.36 14.15
CA ILE A 1747 -5.47 25.85 13.11
C ILE A 1747 -4.55 24.78 13.69
N SER A 1748 -3.98 25.04 14.86
CA SER A 1748 -3.05 24.08 15.46
C SER A 1748 -3.03 24.21 16.97
N GLY A 1753 0.37 19.98 11.22
CA GLY A 1753 -0.99 19.53 11.45
C GLY A 1753 -1.10 18.03 11.55
N SER A 1754 -2.01 17.57 12.39
CA SER A 1754 -2.28 16.16 12.65
C SER A 1754 -3.60 16.04 13.38
N PRO A 1755 -4.05 14.84 13.74
CA PRO A 1755 -5.31 14.72 14.49
C PRO A 1755 -5.24 15.27 15.92
N TRP A 1756 -4.05 15.33 16.54
CA TRP A 1756 -3.81 15.94 17.86
C TRP A 1756 -4.65 15.28 18.96
N GLU A 1757 -4.27 14.05 19.28
CA GLU A 1757 -5.10 13.17 20.11
C GLU A 1757 -5.25 13.70 21.55
N PHE A 1758 -4.14 13.76 22.30
CA PHE A 1758 -4.07 14.31 23.66
C PHE A 1758 -5.02 13.61 24.62
N ASN A 1759 -4.69 12.35 24.91
CA ASN A 1759 -5.58 11.46 25.64
C ASN A 1759 -5.15 11.29 27.10
N LEU A 1760 -5.99 10.57 27.86
CA LEU A 1760 -5.77 10.38 29.29
C LEU A 1760 -4.58 9.48 29.58
N ARG A 1761 -4.18 8.64 28.62
CA ARG A 1761 -2.97 7.86 28.77
C ARG A 1761 -1.76 8.76 28.85
N ASP A 1762 -1.79 9.89 28.15
CA ASP A 1762 -0.73 10.87 28.28
C ASP A 1762 -0.76 11.55 29.64
N THR A 1763 -1.95 11.76 30.20
CA THR A 1763 -2.05 12.37 31.52
C THR A 1763 -1.46 11.46 32.58
N LEU A 1764 -1.82 10.18 32.54
CA LEU A 1764 -1.23 9.22 33.45
C LEU A 1764 0.25 9.01 33.17
N ARG A 1765 0.66 9.22 31.92
CA ARG A 1765 2.08 9.13 31.60
C ARG A 1765 2.85 10.27 32.23
N TRP A 1766 2.29 11.48 32.21
CA TRP A 1766 2.98 12.61 32.83
C TRP A 1766 3.00 12.46 34.34
N LEU A 1767 1.90 11.97 34.91
CA LEU A 1767 1.82 11.76 36.36
C LEU A 1767 2.86 10.74 36.82
N GLN A 1768 2.93 9.60 36.14
CA GLN A 1768 3.96 8.61 36.47
C GLN A 1768 5.33 8.99 35.96
N LEU A 1769 5.45 10.06 35.17
CA LEU A 1769 6.77 10.60 34.89
C LEU A 1769 7.22 11.50 36.01
N LEU A 1770 6.27 12.14 36.70
CA LEU A 1770 6.61 13.07 37.78
C LEU A 1770 7.24 12.35 38.95
N ASN A 1771 6.93 11.08 39.15
CA ASN A 1771 7.34 10.36 40.35
C ASN A 1771 8.77 9.85 40.28
N ASP A 1772 9.62 10.42 39.44
CA ASP A 1772 11.01 9.98 39.30
C ASP A 1772 11.96 11.17 39.18
N ALA A 1773 11.80 12.17 40.05
CA ALA A 1773 12.63 13.38 40.01
C ALA A 1773 14.10 13.13 40.28
N ALA A 1782 7.90 21.89 37.50
CA ALA A 1782 7.10 21.35 36.41
C ALA A 1782 7.67 21.69 35.04
N ASP A 1783 8.78 21.04 34.68
CA ASP A 1783 9.45 21.38 33.43
C ASP A 1783 9.52 20.20 32.47
N TYR A 1784 9.92 19.02 32.96
CA TYR A 1784 10.06 17.84 32.13
C TYR A 1784 8.72 17.41 31.54
N LEU A 1785 7.64 17.64 32.29
CA LEU A 1785 6.30 17.40 31.78
C LEU A 1785 6.00 18.26 30.57
N GLU A 1786 6.37 19.54 30.63
CA GLU A 1786 6.16 20.40 29.47
C GLU A 1786 7.09 20.02 28.34
N VAL A 1787 8.28 19.52 28.66
CA VAL A 1787 9.26 19.20 27.61
C VAL A 1787 8.80 17.99 26.81
N MET A 1788 8.43 16.92 27.48
CA MET A 1788 7.96 15.74 26.77
C MET A 1788 6.44 15.65 26.77
N VAL A 1789 5.76 16.79 26.82
CA VAL A 1789 4.37 16.80 26.38
C VAL A 1789 4.10 17.98 25.45
N LEU A 1790 5.13 18.77 25.15
CA LEU A 1790 5.00 19.73 24.07
C LEU A 1790 6.29 19.86 23.29
N HIS A 1791 7.12 18.82 23.26
CA HIS A 1791 8.10 18.73 22.20
C HIS A 1791 7.46 18.18 20.94
N ARG A 1792 6.27 17.59 21.08
CA ARG A 1792 5.53 16.95 20.01
C ARG A 1792 4.46 17.86 19.43
N MET A 1793 4.75 19.15 19.34
CA MET A 1793 4.01 20.08 18.51
C MET A 1793 5.01 20.62 17.49
N ARG A 1794 4.81 20.28 16.22
CA ARG A 1794 5.88 20.40 15.24
C ARG A 1794 6.06 21.84 14.74
N THR A 1795 4.96 22.49 14.37
CA THR A 1795 5.05 23.88 13.92
C THR A 1795 5.33 24.81 15.09
N VAL A 1796 6.37 25.62 14.95
CA VAL A 1796 6.91 26.39 16.07
C VAL A 1796 5.93 27.44 16.55
N GLU A 1797 5.06 27.93 15.66
CA GLU A 1797 4.00 28.84 16.07
C GLU A 1797 3.01 28.14 17.01
N ASP A 1798 2.69 26.89 16.71
CA ASP A 1798 1.83 26.12 17.59
C ASP A 1798 2.53 25.80 18.90
N ARG A 1799 3.87 25.69 18.87
CA ARG A 1799 4.61 25.53 20.11
C ARG A 1799 4.53 26.79 20.97
N VAL A 1800 4.58 27.95 20.33
CA VAL A 1800 4.43 29.22 21.06
C VAL A 1800 3.05 29.32 21.67
N ARG A 1801 2.02 28.92 20.92
CA ARG A 1801 0.66 28.95 21.45
C ARG A 1801 0.47 27.95 22.58
N THR A 1802 1.14 26.81 22.50
CA THR A 1802 1.04 25.83 23.58
C THR A 1802 1.74 26.34 24.84
N CYS A 1803 2.88 27.01 24.67
CA CYS A 1803 3.54 27.62 25.81
C CYS A 1803 2.66 28.70 26.44
N GLU A 1804 1.93 29.45 25.60
CA GLU A 1804 0.99 30.44 26.11
C GLU A 1804 -0.14 29.79 26.89
N LEU A 1805 -0.61 28.63 26.42
CA LEU A 1805 -1.64 27.92 27.17
C LEU A 1805 -1.09 27.35 28.47
N PHE A 1806 0.19 26.96 28.46
CA PHE A 1806 0.83 26.49 29.68
C PHE A 1806 0.95 27.61 30.70
N LYS A 1807 1.19 28.83 30.23
CA LYS A 1807 1.17 29.98 31.13
C LYS A 1807 -0.24 30.28 31.60
N GLU A 1808 -1.23 30.06 30.73
CA GLU A 1808 -2.62 30.31 31.11
C GLU A 1808 -3.08 29.35 32.20
N VAL A 1809 -2.57 28.12 32.18
CA VAL A 1809 -3.04 27.13 33.14
C VAL A 1809 -2.06 26.99 34.30
N PHE A 1810 -0.84 26.56 34.00
CA PHE A 1810 0.14 26.26 35.03
C PHE A 1810 0.75 27.50 35.66
N ASP A 1811 0.58 28.68 35.05
CA ASP A 1811 1.03 29.98 35.57
C ASP A 1811 2.55 30.02 35.80
N ILE A 1812 3.29 29.81 34.71
CA ILE A 1812 4.74 29.94 34.74
C ILE A 1812 5.19 30.47 33.38
N ASP A 1813 6.50 30.63 33.19
CA ASP A 1813 7.07 31.02 31.92
C ASP A 1813 7.92 29.89 31.38
N TYR A 1814 7.55 29.35 30.23
CA TYR A 1814 8.20 28.16 29.68
C TYR A 1814 9.47 28.52 28.92
N GLU A 1815 10.39 29.18 29.62
CA GLU A 1815 11.72 29.40 29.08
C GLU A 1815 12.40 28.06 28.91
N PRO A 1816 13.05 27.81 27.77
CA PRO A 1816 13.56 26.46 27.51
C PRO A 1816 14.80 26.19 28.34
N ARG A 1817 14.73 25.17 29.18
CA ARG A 1817 15.90 24.69 29.91
C ARG A 1817 16.93 24.20 28.93
N THR A 1818 18.05 24.90 28.84
CA THR A 1818 19.12 24.53 27.94
C THR A 1818 19.75 23.21 28.37
N ILE A 1819 19.93 22.31 27.42
CA ILE A 1819 20.51 21.02 27.70
C ILE A 1819 21.99 21.07 27.31
N GLY A 1820 22.75 20.07 27.74
CA GLY A 1820 24.18 20.05 27.46
C GLY A 1820 24.71 18.64 27.48
N PHE A 1821 25.74 18.40 26.66
CA PHE A 1821 26.20 17.04 26.39
C PHE A 1821 27.32 16.66 27.34
N SER A 1822 26.94 16.13 28.50
CA SER A 1822 27.90 15.54 29.43
C SER A 1822 28.02 14.07 29.10
N LEU A 1823 29.22 13.63 28.73
CA LEU A 1823 29.39 12.36 28.04
C LEU A 1823 30.50 11.54 28.67
N SER A 1824 30.43 11.35 29.98
CA SER A 1824 31.48 10.64 30.70
C SER A 1824 31.43 9.15 30.42
N SER A 1825 32.32 8.42 31.09
CA SER A 1825 32.53 7.01 30.78
C SER A 1825 31.32 6.18 31.19
N GLN A 1826 31.02 6.16 32.48
CA GLN A 1826 29.93 5.33 32.94
C GLN A 1826 28.56 5.92 32.66
N CYS A 1827 28.50 7.17 32.22
CA CYS A 1827 27.22 7.77 31.90
C CYS A 1827 27.43 8.90 30.91
N PHE A 1828 26.56 8.96 29.91
CA PHE A 1828 26.42 10.13 29.05
C PHE A 1828 25.03 10.70 29.29
N LYS A 1829 24.95 12.01 29.50
CA LYS A 1829 23.74 12.61 30.01
C LYS A 1829 23.53 13.97 29.41
N VAL A 1830 22.26 14.34 29.31
CA VAL A 1830 21.87 15.62 28.76
C VAL A 1830 20.62 16.06 29.52
N GLY A 1831 20.74 17.13 30.30
CA GLY A 1831 19.62 17.95 30.72
C GLY A 1831 18.46 17.26 31.41
N HIS A 1832 18.63 16.85 32.66
CA HIS A 1832 17.61 16.14 33.44
C HIS A 1832 17.31 14.78 32.83
N SER A 1833 18.36 14.13 32.32
CA SER A 1833 18.26 12.79 31.73
C SER A 1833 19.65 12.19 31.65
N LEU A 1834 19.83 11.02 32.22
CA LEU A 1834 21.07 10.26 32.15
C LEU A 1834 20.86 9.02 31.29
N LEU A 1835 21.93 8.26 31.08
CA LEU A 1835 21.84 7.05 30.28
C LEU A 1835 22.90 6.06 30.72
N VAL A 1836 22.53 4.79 30.78
CA VAL A 1836 23.39 3.76 31.37
C VAL A 1836 24.32 3.30 30.25
N ARG A 1837 25.39 4.07 30.06
CA ARG A 1837 26.26 3.93 28.88
C ARG A 1837 27.29 2.82 29.07
N ASP A 1838 26.79 1.61 29.31
CA ASP A 1838 27.67 0.48 29.65
C ASP A 1838 28.53 0.00 28.49
N GLN A 1842 30.86 -4.96 24.41
CA GLN A 1842 29.66 -4.43 25.06
C GLN A 1842 29.18 -3.20 24.31
N LYS A 1843 29.93 -2.80 23.31
CA LYS A 1843 29.51 -1.79 22.36
C LYS A 1843 29.57 -2.35 20.96
N THR A 1844 28.42 -2.37 20.29
CA THR A 1844 28.25 -3.11 19.05
C THR A 1844 28.46 -2.25 17.82
N LEU A 1845 27.85 -1.06 17.75
CA LEU A 1845 27.58 -0.40 16.48
C LEU A 1845 28.83 0.13 15.80
N LEU A 1846 29.67 0.84 16.54
CA LEU A 1846 30.90 1.48 16.05
C LEU A 1846 30.59 2.44 14.89
N ASP A 1847 29.85 3.48 15.22
CA ASP A 1847 29.12 4.28 14.23
C ASP A 1847 30.01 5.28 13.51
N SER A 1848 29.39 6.13 12.67
CA SER A 1848 30.11 7.13 11.90
C SER A 1848 29.37 8.47 11.78
N GLN A 1849 28.37 8.73 12.61
CA GLN A 1849 27.73 10.03 12.68
C GLN A 1849 28.10 10.69 14.00
N ASN A 1850 28.18 12.02 14.01
CA ASN A 1850 28.73 12.75 15.13
C ASN A 1850 27.63 13.21 16.09
N ILE A 1851 27.97 14.10 17.03
CA ILE A 1851 27.11 14.36 18.17
C ILE A 1851 25.90 15.21 17.79
N LEU A 1852 26.04 16.12 16.82
CA LEU A 1852 24.97 16.96 16.26
C LEU A 1852 24.27 17.80 17.35
N GLN A 1853 25.05 18.74 17.87
CA GLN A 1853 24.72 19.43 19.12
C GLN A 1853 23.40 20.18 19.05
N SER A 1854 23.02 20.65 17.86
CA SER A 1854 21.74 21.30 17.72
C SER A 1854 20.58 20.35 17.91
N GLN A 1855 20.79 19.05 17.66
CA GLN A 1855 19.79 18.05 17.97
C GLN A 1855 19.76 17.69 19.44
N LEU A 1856 20.64 18.30 20.25
CA LEU A 1856 20.66 18.05 21.68
C LEU A 1856 19.36 18.41 22.39
N PRO A 1857 18.55 19.32 21.88
CA PRO A 1857 17.29 19.62 22.57
C PRO A 1857 16.26 18.53 22.44
N VAL A 1858 16.38 17.67 21.44
CA VAL A 1858 15.47 16.55 21.29
C VAL A 1858 16.13 15.19 21.49
N LEU A 1859 17.45 15.10 21.35
CA LEU A 1859 18.16 13.86 21.65
C LEU A 1859 18.00 13.48 23.12
N GLU A 1860 17.79 14.46 23.98
CA GLU A 1860 17.46 14.16 25.37
C GLU A 1860 16.06 13.61 25.50
N SER A 1861 15.11 14.18 24.75
CA SER A 1861 13.70 13.85 24.99
C SER A 1861 13.37 12.44 24.54
N VAL A 1862 14.21 11.82 23.73
CA VAL A 1862 14.04 10.39 23.46
C VAL A 1862 14.88 9.55 24.42
N ILE A 1863 15.98 10.11 24.92
CA ILE A 1863 16.83 9.38 25.85
C ILE A 1863 16.08 9.10 27.14
N THR A 1864 15.33 10.10 27.62
CA THR A 1864 14.36 9.88 28.68
C THR A 1864 13.33 8.85 28.24
N CYS A 1865 12.87 8.96 27.00
CA CYS A 1865 11.99 7.94 26.47
C CYS A 1865 12.68 6.60 26.29
N ILE A 1866 14.00 6.59 26.15
CA ILE A 1866 14.69 5.31 26.13
C ILE A 1866 14.79 4.73 27.53
N ASN A 1867 14.71 5.56 28.57
CA ASN A 1867 14.86 5.05 29.93
C ASN A 1867 13.53 4.66 30.56
N LYS A 1868 12.44 5.35 30.23
CA LYS A 1868 11.15 5.07 30.85
C LYS A 1868 10.44 3.85 30.27
N LYS A 1869 11.10 3.14 29.34
CA LYS A 1869 10.55 1.99 28.62
C LYS A 1869 9.21 2.32 27.96
N TRP A 1870 9.09 3.55 27.47
CA TRP A 1870 7.93 3.97 26.69
C TRP A 1870 8.18 3.66 25.22
N PRO A 1871 7.17 3.80 24.39
CA PRO A 1871 7.33 3.45 22.97
C PRO A 1871 7.99 4.57 22.20
N CYS A 1872 9.21 4.32 21.71
CA CYS A 1872 10.00 5.38 21.10
C CYS A 1872 9.49 5.67 19.70
N ILE A 1873 9.14 6.92 19.42
CA ILE A 1873 8.60 7.32 18.12
C ILE A 1873 9.34 8.57 17.68
N LEU A 1874 10.37 8.40 16.86
CA LEU A 1874 11.16 9.54 16.37
C LEU A 1874 10.48 10.18 15.17
N VAL A 1875 9.26 10.64 15.39
CA VAL A 1875 8.32 11.04 14.34
C VAL A 1875 8.75 12.34 13.71
N GLY A 1876 8.09 12.73 12.63
CA GLY A 1876 8.33 14.06 12.13
C GLY A 1876 8.49 14.19 10.63
N ASP A 1877 9.63 14.71 10.18
CA ASP A 1877 9.78 15.15 8.81
C ASP A 1877 11.09 14.65 8.20
N THR A 1878 11.08 14.55 6.88
CA THR A 1878 12.08 13.80 6.15
C THR A 1878 13.38 14.57 6.05
N ALA A 1879 14.48 13.82 6.02
CA ALA A 1879 15.86 14.26 5.86
C ALA A 1879 16.33 15.22 6.95
N THR A 1880 15.55 15.38 8.02
CA THR A 1880 15.96 16.28 9.09
C THR A 1880 16.97 15.62 10.01
N GLY A 1881 17.16 14.32 9.86
CA GLY A 1881 18.02 13.57 10.73
C GLY A 1881 17.12 12.92 11.77
N LYS A 1882 16.78 11.66 11.54
CA LYS A 1882 16.06 10.87 12.51
C LYS A 1882 16.70 9.52 12.75
N THR A 1883 17.23 8.89 11.71
CA THR A 1883 17.99 7.67 11.91
C THR A 1883 19.29 7.94 12.63
N CYS A 1884 19.83 9.15 12.48
CA CYS A 1884 21.05 9.48 13.20
C CYS A 1884 20.78 9.72 14.67
N ILE A 1885 19.58 10.15 15.04
CA ILE A 1885 19.27 10.37 16.44
C ILE A 1885 19.26 9.05 17.20
N LEU A 1886 18.50 8.08 16.71
CA LEU A 1886 18.49 6.79 17.36
C LEU A 1886 19.79 6.05 17.14
N ARG A 1887 20.44 6.29 16.01
CA ARG A 1887 21.75 5.71 15.75
C ARG A 1887 22.76 6.17 16.78
N LEU A 1888 22.82 7.48 17.04
CA LEU A 1888 23.78 8.01 17.99
C LEU A 1888 23.40 7.64 19.41
N LEU A 1889 22.11 7.66 19.73
CA LEU A 1889 21.65 7.32 21.07
C LEU A 1889 22.04 5.89 21.43
N ALA A 1890 21.58 4.92 20.65
CA ALA A 1890 21.98 3.55 20.96
C ALA A 1890 23.36 3.21 20.43
N ALA A 1891 24.04 4.16 19.81
CA ALA A 1891 25.44 3.95 19.49
C ALA A 1891 26.32 4.21 20.69
N ILE A 1892 26.07 5.34 21.36
CA ILE A 1892 26.77 5.63 22.60
C ILE A 1892 26.35 4.65 23.68
N ALA A 1893 25.07 4.25 23.67
CA ALA A 1893 24.66 3.24 24.63
C ALA A 1893 25.16 1.87 24.23
N GLY A 1894 25.37 1.63 22.94
CA GLY A 1894 25.81 0.33 22.50
C GLY A 1894 24.72 -0.71 22.40
N ALA A 1895 23.47 -0.29 22.23
CA ALA A 1895 22.34 -1.19 22.37
C ALA A 1895 22.03 -1.98 21.10
N LYS A 1896 22.97 -2.13 20.16
CA LYS A 1896 22.88 -3.03 19.01
C LYS A 1896 21.67 -2.71 18.13
N ILE A 1897 21.76 -1.56 17.46
CA ILE A 1897 20.68 -1.11 16.60
C ILE A 1897 20.49 -2.09 15.46
N LYS A 1898 19.22 -2.38 15.14
CA LYS A 1898 18.90 -3.25 14.02
C LYS A 1898 17.53 -2.86 13.49
N GLU A 1899 17.42 -2.65 12.19
CA GLU A 1899 16.31 -1.91 11.61
C GLU A 1899 15.56 -2.73 10.58
N MET A 1900 14.26 -2.46 10.49
CA MET A 1900 13.37 -3.13 9.55
C MET A 1900 12.51 -2.05 8.90
N ALA A 1901 12.54 -1.99 7.58
CA ALA A 1901 11.91 -0.88 6.86
C ALA A 1901 10.46 -1.24 6.57
N VAL A 1902 9.62 -1.08 7.59
CA VAL A 1902 8.25 -1.55 7.45
C VAL A 1902 7.45 -0.49 6.73
N ASN A 1903 7.62 -0.42 5.43
CA ASN A 1903 6.74 0.33 4.55
C ASN A 1903 6.56 -0.42 3.23
N SER A 1904 7.09 -1.63 3.14
CA SER A 1904 7.05 -2.42 1.92
C SER A 1904 5.78 -3.26 1.81
N ASP A 1905 4.69 -2.80 2.44
CA ASP A 1905 3.44 -3.54 2.61
C ASP A 1905 3.70 -4.91 3.24
N THR A 1906 4.56 -4.92 4.26
CA THR A 1906 4.95 -6.13 4.95
C THR A 1906 3.80 -6.66 5.81
N ASP A 1907 3.94 -7.89 6.28
CA ASP A 1907 2.85 -8.60 6.91
C ASP A 1907 3.19 -8.93 8.36
N THR A 1908 2.14 -9.28 9.11
CA THR A 1908 2.29 -9.59 10.53
C THR A 1908 3.14 -10.83 10.74
N MET A 1909 3.10 -11.76 9.79
CA MET A 1909 4.02 -12.88 9.83
C MET A 1909 5.44 -12.47 9.50
N ASP A 1910 5.63 -11.33 8.83
CA ASP A 1910 6.99 -10.92 8.53
C ASP A 1910 7.71 -10.34 9.74
N LEU A 1911 6.97 -9.82 10.72
CA LEU A 1911 7.61 -9.39 11.97
C LEU A 1911 7.78 -10.57 12.92
N ILE A 1912 6.68 -11.18 13.32
CA ILE A 1912 6.72 -12.32 14.21
C ILE A 1912 7.00 -13.59 13.42
N ASP A 1919 18.31 -24.19 3.06
CA ASP A 1919 17.72 -23.98 4.38
C ASP A 1919 18.65 -24.51 5.45
N ILE A 1920 19.48 -25.47 5.06
CA ILE A 1920 20.55 -25.89 5.97
C ILE A 1920 21.60 -24.80 6.07
N SER A 1921 21.96 -24.22 4.93
CA SER A 1921 23.00 -23.21 4.89
C SER A 1921 22.61 -21.92 5.58
N ARG A 1922 21.31 -21.63 5.68
CA ARG A 1922 20.87 -20.45 6.43
C ARG A 1922 21.21 -20.60 7.91
N LYS A 1923 20.87 -21.75 8.48
CA LYS A 1923 21.24 -22.04 9.85
C LYS A 1923 22.74 -22.13 10.01
N ALA A 1924 23.46 -22.61 8.99
CA ALA A 1924 24.91 -22.67 9.06
C ALA A 1924 25.54 -21.29 9.10
N SER A 1925 25.00 -20.36 8.31
CA SER A 1925 25.52 -19.00 8.30
C SER A 1925 25.18 -18.27 9.59
N GLU A 1926 23.96 -18.45 10.09
CA GLU A 1926 23.60 -17.88 11.38
C GLU A 1926 24.48 -18.43 12.49
N LEU A 1927 24.84 -19.72 12.39
CA LEU A 1927 25.75 -20.33 13.34
C LEU A 1927 27.13 -19.72 13.28
N PHE A 1928 27.64 -19.49 12.07
CA PHE A 1928 28.95 -18.87 11.92
C PHE A 1928 28.96 -17.46 12.49
N THR A 1929 27.88 -16.72 12.27
CA THR A 1929 27.80 -15.35 12.76
C THR A 1929 27.70 -15.30 14.27
N ASP A 1930 26.88 -16.18 14.85
CA ASP A 1930 26.75 -16.18 16.30
C ASP A 1930 28.01 -16.70 16.97
N LEU A 1931 28.71 -17.62 16.32
CA LEU A 1931 30.01 -18.08 16.80
C LEU A 1931 31.00 -16.93 16.84
N SER A 1932 30.96 -16.10 15.80
CA SER A 1932 31.83 -14.93 15.78
C SER A 1932 31.45 -13.93 16.86
N GLN A 1933 30.16 -13.74 17.10
CA GLN A 1933 29.71 -12.81 18.14
C GLN A 1933 30.14 -13.27 19.52
N GLN A 1934 29.98 -14.57 19.79
CA GLN A 1934 30.36 -15.09 21.09
C GLN A 1934 31.87 -15.10 21.27
N LEU A 1935 32.63 -15.36 20.20
CA LEU A 1935 34.07 -15.26 20.30
C LEU A 1935 34.52 -13.82 20.53
N LEU A 1936 33.76 -12.87 19.97
CA LEU A 1936 34.07 -11.47 20.18
C LEU A 1936 33.88 -11.08 21.64
N ASN A 1937 32.72 -11.45 22.19
CA ASN A 1937 32.46 -11.14 23.60
C ASN A 1937 33.39 -11.91 24.53
N ILE A 1938 33.88 -13.07 24.07
CA ILE A 1938 34.87 -13.83 24.84
C ILE A 1938 36.17 -13.07 24.89
N VAL A 1939 36.69 -12.68 23.73
CA VAL A 1939 37.97 -11.99 23.66
C VAL A 1939 37.89 -10.57 24.19
N ILE A 1940 36.69 -10.05 24.43
CA ILE A 1940 36.53 -8.78 25.13
C ILE A 1940 37.14 -8.86 26.53
N LYS A 1941 36.61 -9.77 27.36
CA LYS A 1941 37.03 -9.80 28.76
C LYS A 1941 38.37 -10.52 28.93
N TYR A 1942 38.40 -11.81 28.67
CA TYR A 1942 39.59 -12.61 28.93
C TYR A 1942 40.46 -12.64 27.68
N ARG A 1943 41.15 -11.52 27.44
CA ARG A 1943 41.96 -11.35 26.24
C ARG A 1943 43.23 -12.18 26.37
N ASN A 1944 43.08 -13.49 26.11
CA ASN A 1944 44.19 -14.42 26.18
C ASN A 1944 44.25 -15.38 25.00
N PHE A 1945 43.14 -15.61 24.30
CA PHE A 1945 43.10 -16.66 23.28
C PHE A 1945 43.88 -16.25 22.04
N ASP A 1946 44.18 -17.25 21.21
CA ASP A 1946 44.85 -17.02 19.94
C ASP A 1946 43.94 -17.52 18.83
N ILE A 1948 47.70 -21.74 17.90
CA ILE A 1948 46.31 -22.14 17.97
C ILE A 1948 45.56 -21.72 16.72
N PHE A 1949 44.76 -22.62 16.18
CA PHE A 1949 43.88 -22.30 15.06
C PHE A 1949 42.54 -21.74 15.52
N ARG A 1950 42.46 -21.30 16.78
CA ARG A 1950 41.26 -20.64 17.26
C ARG A 1950 41.06 -19.31 16.54
N GLU A 1951 42.14 -18.61 16.25
CA GLU A 1951 42.02 -17.44 15.39
C GLU A 1951 41.73 -17.87 13.96
N THR A 1952 42.24 -19.03 13.54
CA THR A 1952 41.85 -19.57 12.24
C THR A 1952 40.40 -20.04 12.28
N SER A 1953 39.94 -20.48 13.44
CA SER A 1953 38.52 -20.75 13.61
C SER A 1953 37.69 -19.48 13.53
N LEU A 1954 38.25 -18.35 13.97
CA LEU A 1954 37.53 -17.09 13.88
C LEU A 1954 37.50 -16.59 12.43
N TYR A 1955 38.63 -16.71 11.74
CA TYR A 1955 38.69 -16.35 10.33
C TYR A 1955 37.76 -17.23 9.50
N THR A 1956 37.69 -18.52 9.87
CA THR A 1956 36.72 -19.41 9.26
C THR A 1956 35.31 -19.01 9.63
N LEU A 1957 35.10 -18.45 10.83
CA LEU A 1957 33.77 -18.09 11.26
C LEU A 1957 33.20 -16.94 10.44
N THR A 1958 34.07 -16.08 9.92
CA THR A 1958 33.64 -15.02 9.01
C THR A 1958 33.92 -15.37 7.56
N THR A 1959 33.82 -16.63 7.19
CA THR A 1959 34.07 -17.04 5.82
C THR A 1959 32.82 -17.63 5.18
N SER A 1966 23.90 -26.94 0.28
CA SER A 1966 25.04 -26.43 1.03
C SER A 1966 26.25 -27.32 0.89
N GLN A 1967 27.44 -26.71 0.93
CA GLN A 1967 28.69 -27.45 0.91
C GLN A 1967 29.46 -27.19 2.20
N ALA A 1968 28.74 -27.20 3.32
CA ALA A 1968 29.21 -26.61 4.57
C ALA A 1968 29.96 -27.60 5.45
N PHE A 1969 30.63 -28.59 4.84
CA PHE A 1969 31.39 -29.59 5.58
C PHE A 1969 32.53 -28.99 6.40
N THR A 1970 33.05 -27.83 5.98
CA THR A 1970 34.08 -27.14 6.76
C THR A 1970 33.57 -26.69 8.12
N LEU A 1971 32.24 -26.50 8.26
CA LEU A 1971 31.67 -26.18 9.56
C LEU A 1971 31.89 -27.30 10.56
N LEU A 1972 31.95 -28.55 10.07
CA LEU A 1972 32.31 -29.67 10.94
C LEU A 1972 33.73 -29.51 11.46
N GLN A 1973 34.64 -28.99 10.62
CA GLN A 1973 35.98 -28.64 11.08
C GLN A 1973 35.91 -27.60 12.18
N LYS A 1974 34.94 -26.68 12.09
CA LYS A 1974 34.65 -25.71 13.14
C LYS A 1974 34.37 -26.41 14.47
N VAL A 1975 33.59 -27.49 14.44
CA VAL A 1975 33.26 -28.19 15.67
C VAL A 1975 34.48 -28.86 16.26
N VAL A 1976 35.45 -29.21 15.40
CA VAL A 1976 36.72 -29.74 15.88
C VAL A 1976 37.44 -28.67 16.69
N ASP A 1977 37.37 -27.42 16.23
CA ASP A 1977 37.90 -26.33 17.02
C ASP A 1977 37.04 -26.10 18.26
N GLN A 1978 35.74 -26.36 18.15
CA GLN A 1978 34.92 -26.38 19.36
C GLN A 1978 35.24 -27.57 20.24
N LEU A 1979 35.88 -28.61 19.67
CA LEU A 1979 36.35 -29.73 20.44
C LEU A 1979 37.49 -29.34 21.37
N ASP A 1980 38.60 -28.88 20.79
CA ASP A 1980 39.80 -28.60 21.57
C ASP A 1980 39.69 -27.24 22.26
N GLU A 1986 38.81 -24.73 28.96
CA GLU A 1986 38.64 -24.10 30.26
C GLU A 1986 37.19 -23.70 30.50
N THR A 1987 36.95 -23.02 31.61
CA THR A 1987 35.58 -22.69 31.99
C THR A 1987 35.00 -21.58 31.12
N LEU A 1988 35.83 -20.65 30.65
CA LEU A 1988 35.36 -19.67 29.68
C LEU A 1988 35.14 -20.34 28.34
N VAL A 1989 36.03 -21.27 27.98
CA VAL A 1989 35.80 -22.13 26.84
C VAL A 1989 34.57 -22.98 27.05
N HIS A 1990 34.27 -23.34 28.29
CA HIS A 1990 33.04 -24.08 28.58
C HIS A 1990 31.82 -23.20 28.38
N SER A 1991 31.90 -21.92 28.76
CA SER A 1991 30.77 -21.03 28.61
C SER A 1991 30.52 -20.68 27.15
N LEU A 1992 31.58 -20.64 26.34
CA LEU A 1992 31.40 -20.43 24.90
C LEU A 1992 30.84 -21.70 24.24
N GLY A 1993 31.46 -22.85 24.53
CA GLY A 1993 31.03 -24.11 23.98
C GLY A 1993 29.67 -24.59 24.44
N ASP A 1994 29.13 -23.99 25.51
CA ASP A 1994 27.75 -24.23 25.92
C ASP A 1994 26.77 -23.94 24.78
N ILE A 1995 26.90 -22.78 24.15
CA ILE A 1995 26.12 -22.53 22.95
C ILE A 1995 26.74 -23.25 21.76
N HIS A 1996 28.08 -23.27 21.70
CA HIS A 1996 28.75 -23.61 20.46
C HIS A 1996 28.70 -25.11 20.15
N GLU A 1997 29.15 -25.94 21.09
CA GLU A 1997 29.12 -27.38 20.91
C GLU A 1997 27.70 -27.90 20.80
N LYS A 1998 26.75 -27.23 21.45
CA LYS A 1998 25.35 -27.64 21.33
C LYS A 1998 24.82 -27.38 19.94
N ALA A 1999 25.06 -26.16 19.43
CA ALA A 1999 24.61 -25.84 18.08
C ALA A 1999 25.38 -26.64 17.03
N ARG A 2000 26.64 -27.00 17.31
CA ARG A 2000 27.41 -27.75 16.34
C ARG A 2000 27.06 -29.22 16.35
N LYS A 2001 26.72 -29.77 17.53
CA LYS A 2001 26.23 -31.14 17.61
C LYS A 2001 24.86 -31.24 16.96
N LEU A 2002 24.07 -30.16 17.01
CA LEU A 2002 22.89 -30.10 16.17
C LEU A 2002 23.27 -29.98 14.69
N LEU A 2003 24.38 -29.29 14.40
CA LEU A 2003 24.81 -29.10 13.02
C LEU A 2003 25.47 -30.34 12.45
N ALA A 2004 25.67 -31.37 13.28
CA ALA A 2004 26.05 -32.69 12.77
C ALA A 2004 24.97 -33.26 11.88
N GLU A 2005 23.73 -32.80 12.05
CA GLU A 2005 22.59 -33.17 11.23
C GLU A 2005 22.53 -32.40 9.91
N PHE A 2006 23.66 -31.92 9.40
CA PHE A 2006 23.70 -31.20 8.14
C PHE A 2006 23.72 -32.13 6.94
N SER A 2007 23.30 -33.38 7.11
CA SER A 2007 23.00 -34.31 6.04
C SER A 2007 21.67 -35.02 6.28
N ALA A 2008 20.64 -34.26 6.63
CA ALA A 2008 19.40 -34.85 7.11
C ALA A 2008 18.22 -34.18 6.40
N SER A 2009 17.01 -34.41 6.90
CA SER A 2009 15.79 -33.96 6.25
C SER A 2009 15.41 -32.56 6.74
N PRO A 2010 15.11 -31.63 5.83
CA PRO A 2010 14.70 -30.29 6.26
C PRO A 2010 13.19 -30.12 6.38
N ALA A 2011 12.75 -28.92 6.79
CA ALA A 2011 11.33 -28.58 6.82
C ALA A 2011 11.10 -27.14 6.36
N GLY A 2012 12.06 -26.54 5.67
CA GLY A 2012 11.94 -25.17 5.21
C GLY A 2012 10.91 -25.02 4.10
N GLY A 2019 11.90 -15.13 13.94
CA GLY A 2019 11.16 -13.98 13.48
C GLY A 2019 12.03 -12.75 13.30
N TYR A 2020 11.42 -11.63 12.91
CA TYR A 2020 12.17 -10.40 12.78
C TYR A 2020 12.32 -9.69 14.12
N LEU A 2021 11.20 -9.29 14.73
CA LEU A 2021 11.25 -8.65 16.04
C LEU A 2021 11.48 -9.66 17.15
N LEU A 2022 10.99 -10.88 16.97
CA LEU A 2022 11.17 -11.93 17.97
C LEU A 2022 12.61 -12.37 18.11
N LYS A 2023 13.49 -11.99 17.19
CA LYS A 2023 14.91 -12.05 17.45
C LYS A 2023 15.31 -11.01 18.49
N ALA A 2024 14.95 -9.75 18.24
CA ALA A 2024 15.35 -8.67 19.13
C ALA A 2024 14.56 -8.70 20.43
N VAL A 2025 13.31 -9.15 20.40
CA VAL A 2025 12.53 -9.25 21.62
C VAL A 2025 13.03 -10.36 22.51
N GLU A 2026 13.77 -11.32 21.98
CA GLU A 2026 14.37 -12.36 22.80
C GLU A 2026 15.85 -12.15 23.04
N GLU A 2027 16.53 -11.46 22.14
CA GLU A 2027 17.90 -11.04 22.41
C GLU A 2027 17.85 -9.70 23.14
N GLY A 2028 18.98 -9.01 23.22
CA GLY A 2028 19.04 -7.71 23.84
C GLY A 2028 19.27 -6.54 22.92
N HIS A 2029 19.03 -6.68 21.62
CA HIS A 2029 19.29 -5.60 20.68
C HIS A 2029 18.17 -4.55 20.74
N TRP A 2030 18.38 -3.44 20.05
CA TRP A 2030 17.38 -2.38 19.96
C TRP A 2030 16.86 -2.29 18.54
N PHE A 2031 15.55 -2.38 18.38
CA PHE A 2031 14.91 -2.57 17.07
C PHE A 2031 14.40 -1.23 16.55
N VAL A 2032 14.60 -1.00 15.27
CA VAL A 2032 14.33 0.27 14.63
C VAL A 2032 13.36 0.00 13.48
N LEU A 2033 12.07 0.14 13.73
CA LEU A 2033 11.10 0.01 12.65
C LEU A 2033 11.15 1.29 11.83
N ASP A 2034 12.05 1.33 10.87
CA ASP A 2034 12.35 2.56 10.15
C ASP A 2034 11.35 2.82 9.03
N ASN A 2035 11.20 4.10 8.69
CA ASN A 2035 10.35 4.58 7.57
C ASN A 2035 8.93 4.08 7.66
N ALA A 2036 8.45 3.87 8.88
CA ALA A 2036 7.34 2.97 9.12
C ALA A 2036 6.01 3.67 9.10
N ASN A 2037 5.86 4.68 8.25
CA ASN A 2037 4.60 5.38 8.18
C ASN A 2037 3.52 4.52 7.55
N LEU A 2038 3.79 3.98 6.36
CA LEU A 2038 2.77 3.33 5.54
C LEU A 2038 3.15 1.88 5.30
N CYS A 2039 2.79 1.01 6.24
CA CYS A 2039 2.84 -0.43 5.99
C CYS A 2039 1.45 -1.06 6.03
N SER A 2040 0.75 -0.96 7.16
CA SER A 2040 -0.56 -1.54 7.40
C SER A 2040 -1.08 -1.04 8.72
N PRO A 2041 -2.39 -0.90 8.88
CA PRO A 2041 -2.91 -0.68 10.24
C PRO A 2041 -2.79 -1.90 11.12
N ALA A 2042 -3.06 -3.08 10.59
CA ALA A 2042 -3.13 -4.26 11.44
C ALA A 2042 -1.76 -4.78 11.85
N VAL A 2043 -0.73 -4.51 11.06
CA VAL A 2043 0.62 -4.90 11.44
C VAL A 2043 1.06 -4.14 12.68
N LEU A 2044 0.84 -2.83 12.68
CA LEU A 2044 1.08 -2.05 13.88
C LEU A 2044 0.08 -2.36 14.98
N ASP A 2045 -1.09 -2.94 14.66
CA ASP A 2045 -2.01 -3.36 15.72
C ASP A 2045 -1.48 -4.58 16.47
N ARG A 2046 -0.96 -5.56 15.73
CA ARG A 2046 -0.32 -6.69 16.39
C ARG A 2046 0.99 -6.28 17.05
N LEU A 2047 1.61 -5.20 16.59
CA LEU A 2047 2.73 -4.64 17.34
C LEU A 2047 2.27 -4.00 18.64
N ASN A 2048 1.14 -3.28 18.61
CA ASN A 2048 0.65 -2.59 19.80
C ASN A 2048 0.04 -3.55 20.80
N SER A 2049 -0.29 -4.76 20.36
CA SER A 2049 -0.60 -5.82 21.31
C SER A 2049 0.61 -6.13 22.20
N LEU A 2050 1.81 -5.96 21.65
CA LEU A 2050 3.07 -6.22 22.39
C LEU A 2050 3.61 -4.90 22.96
N LEU A 2051 3.01 -3.78 22.54
CA LEU A 2051 3.44 -2.44 23.01
C LEU A 2051 3.22 -2.34 24.53
N GLU A 2052 2.09 -2.87 25.01
CA GLU A 2052 1.77 -2.84 26.47
C GLU A 2052 1.92 -4.25 27.05
N LEU A 2057 6.79 -7.13 29.14
CA LEU A 2057 5.65 -7.41 28.22
C LEU A 2057 5.68 -8.89 27.82
N ILE A 2058 4.52 -9.45 27.47
CA ILE A 2058 4.40 -10.88 27.04
C ILE A 2058 3.96 -10.88 25.57
N VAL A 2059 4.64 -11.67 24.73
CA VAL A 2059 4.31 -11.73 23.27
C VAL A 2059 3.68 -13.09 22.95
N ASN A 2060 2.50 -13.07 22.32
CA ASN A 2060 1.79 -14.32 21.94
C ASN A 2060 2.07 -14.64 20.46
N GLU A 2061 2.95 -15.61 20.20
CA GLU A 2061 3.30 -15.99 18.84
C GLU A 2061 2.32 -17.04 18.33
N LYS A 2062 2.60 -17.54 17.13
CA LYS A 2062 1.89 -18.70 16.61
C LYS A 2062 2.84 -19.72 15.99
N THR A 2063 4.14 -19.44 15.99
CA THR A 2063 5.17 -20.41 15.60
C THR A 2063 5.54 -21.37 16.72
N THR A 2064 4.71 -21.44 17.77
CA THR A 2064 4.88 -22.40 18.83
C THR A 2064 4.11 -23.68 18.46
N GLU A 2065 4.01 -24.62 19.38
CA GLU A 2065 3.59 -25.96 18.96
C GLU A 2065 2.09 -26.20 18.88
N ASP A 2066 1.42 -26.37 20.02
CA ASP A 2066 0.03 -26.84 19.95
C ASP A 2066 -0.98 -25.96 20.68
N GLY A 2067 -0.78 -25.76 21.98
CA GLY A 2067 -1.80 -25.16 22.81
C GLY A 2067 -1.24 -24.09 23.73
N HIS A 2068 0.07 -23.85 23.67
CA HIS A 2068 0.71 -22.88 24.60
C HIS A 2068 1.25 -21.61 23.92
N PRO A 2069 0.91 -20.41 24.42
CA PRO A 2069 1.40 -19.14 23.85
C PRO A 2069 2.91 -18.87 23.96
N LYS A 2070 3.51 -19.19 25.11
CA LYS A 2070 4.97 -19.02 25.36
C LYS A 2070 5.45 -17.57 25.10
N THR A 2071 4.81 -16.56 25.70
CA THR A 2071 5.22 -15.14 25.49
C THR A 2071 6.66 -14.93 25.97
N ILE A 2072 7.48 -14.21 25.18
CA ILE A 2072 8.90 -14.02 25.61
C ILE A 2072 9.02 -12.72 26.43
N LYS A 2073 9.20 -12.85 27.75
CA LYS A 2073 9.35 -11.67 28.65
C LYS A 2073 10.83 -11.34 28.83
N PRO A 2074 11.60 -11.09 27.76
CA PRO A 2074 13.02 -10.73 27.91
C PRO A 2074 13.21 -9.24 27.56
N HIS A 2075 12.08 -8.53 27.43
CA HIS A 2075 12.04 -7.13 27.03
C HIS A 2075 13.15 -6.24 27.59
N PRO A 2076 13.81 -6.59 28.70
CA PRO A 2076 14.97 -5.82 29.19
C PRO A 2076 16.05 -5.63 28.13
N ASN A 2077 16.26 -4.35 27.78
CA ASN A 2077 16.97 -3.89 26.58
C ASN A 2077 16.31 -4.43 25.30
N PHE A 2078 15.06 -4.00 25.08
CA PHE A 2078 14.36 -4.27 23.81
C PHE A 2078 13.33 -3.15 23.62
N ARG A 2079 13.72 -2.14 22.85
CA ARG A 2079 12.96 -0.90 22.70
C ARG A 2079 12.47 -0.75 21.27
N LEU A 2080 11.15 -0.62 21.12
CA LEU A 2080 10.51 -0.35 19.83
C LEU A 2080 10.72 1.12 19.48
N PHE A 2081 11.68 1.38 18.62
CA PHE A 2081 11.99 2.72 18.16
C PHE A 2081 11.51 2.85 16.72
N LEU A 2082 10.44 3.61 16.53
CA LEU A 2082 9.77 3.73 15.24
C LEU A 2082 10.04 5.10 14.65
N THR A 2083 10.74 5.13 13.52
CA THR A 2083 10.81 6.36 12.76
C THR A 2083 9.47 6.58 12.05
N VAL A 2084 9.30 7.78 11.53
CA VAL A 2084 8.16 8.08 10.66
C VAL A 2084 8.62 9.19 9.73
N ASN A 2085 7.74 9.61 8.83
CA ASN A 2085 7.93 10.86 8.10
C ASN A 2085 6.57 11.49 7.91
N PRO A 2086 6.51 12.70 7.42
CA PRO A 2086 5.19 13.31 7.19
C PRO A 2086 4.78 13.19 5.73
N VAL A 2087 5.71 12.70 4.90
CA VAL A 2087 5.47 12.61 3.46
C VAL A 2087 4.34 11.63 3.16
N TYR A 2088 4.42 10.43 3.72
CA TYR A 2088 3.32 9.48 3.60
C TYR A 2088 2.25 9.84 4.62
N GLY A 2089 1.28 8.94 4.78
CA GLY A 2089 0.28 9.13 5.81
C GLY A 2089 0.86 8.93 7.20
N GLU A 2090 0.28 9.61 8.17
CA GLU A 2090 0.78 9.55 9.53
C GLU A 2090 0.51 8.18 10.13
N LEU A 2091 1.16 7.91 11.27
CA LEU A 2091 0.86 6.70 12.02
C LEU A 2091 -0.57 6.76 12.52
N SER A 2092 -1.21 5.59 12.59
CA SER A 2092 -2.62 5.52 12.95
C SER A 2092 -2.84 5.95 14.39
N ARG A 2093 -4.08 6.38 14.67
CA ARG A 2093 -4.41 7.01 15.95
C ARG A 2093 -4.27 6.07 17.12
N ALA A 2094 -4.29 4.76 16.89
CA ALA A 2094 -4.04 3.82 17.98
C ALA A 2094 -2.59 3.86 18.41
N MET A 2095 -1.68 3.65 17.47
CA MET A 2095 -0.26 3.71 17.79
C MET A 2095 0.20 5.13 18.10
N ARG A 2096 -0.53 6.13 17.63
CA ARG A 2096 -0.28 7.47 18.12
C ARG A 2096 -0.73 7.62 19.56
N ASN A 2097 -1.85 7.00 19.91
CA ASN A 2097 -2.39 7.08 21.26
C ASN A 2097 -1.71 6.13 22.23
N ARG A 2098 -0.75 5.34 21.78
CA ARG A 2098 -0.03 4.43 22.66
C ARG A 2098 1.46 4.55 22.42
N GLY A 2099 1.97 5.77 22.39
CA GLY A 2099 3.39 5.95 22.20
C GLY A 2099 3.84 7.33 22.63
N VAL A 2100 5.15 7.55 22.56
CA VAL A 2100 5.76 8.82 22.93
C VAL A 2100 6.13 9.52 21.64
N GLU A 2101 5.24 10.40 21.17
CA GLU A 2101 5.48 11.12 19.94
C GLU A 2101 6.56 12.17 20.15
N ILE A 2102 7.53 12.22 19.25
CA ILE A 2102 8.65 13.13 19.38
C ILE A 2102 9.00 13.64 17.99
N PHE A 2103 8.69 14.90 17.72
CA PHE A 2103 9.01 15.48 16.43
C PHE A 2103 10.51 15.76 16.33
N LEU A 2104 10.92 16.33 15.20
CA LEU A 2104 12.27 16.82 15.01
C LEU A 2104 12.18 17.93 13.98
N LEU A 2105 13.21 18.77 13.94
CA LEU A 2105 13.19 19.93 13.04
C LEU A 2105 14.63 20.24 12.65
N LYS A 2106 14.86 21.43 12.10
CA LYS A 2106 16.18 21.85 11.64
C LYS A 2106 16.55 23.18 12.26
N GLU A 2107 17.74 23.25 12.87
CA GLU A 2107 18.22 24.47 13.49
C GLU A 2107 19.55 24.96 12.92
N ALA A 2108 20.57 24.09 12.88
CA ALA A 2108 21.94 24.39 12.40
C ALA A 2108 22.60 25.53 13.19
N LEU A 2109 22.92 25.22 14.44
CA LEU A 2109 23.67 26.13 15.30
C LEU A 2109 25.14 26.20 14.88
N THR A 2110 25.92 26.98 15.63
CA THR A 2110 27.22 27.45 15.14
C THR A 2110 28.26 26.36 15.17
N GLU A 2111 28.59 25.87 16.37
CA GLU A 2111 29.50 24.74 16.47
C GLU A 2111 28.87 23.47 15.92
N ILE A 2112 27.53 23.41 15.93
CA ILE A 2112 26.80 22.31 15.31
C ILE A 2112 27.11 22.21 13.82
N ASP A 2113 26.88 23.30 13.09
CA ASP A 2113 27.19 23.32 11.67
C ASP A 2113 28.69 23.25 11.44
N LYS A 2114 29.49 23.66 12.41
CA LYS A 2114 30.93 23.52 12.29
C LYS A 2114 31.35 22.06 12.31
N LYS A 2115 30.66 21.26 13.12
CA LYS A 2115 31.11 19.88 13.30
C LYS A 2115 30.42 18.93 12.35
N GLN A 2116 29.19 19.23 11.95
CA GLN A 2116 28.46 18.33 11.05
C GLN A 2116 29.10 18.33 9.68
N MET A 2117 29.30 19.51 9.12
CA MET A 2117 29.94 19.67 7.83
C MET A 2117 31.44 19.78 7.92
N SER A 2118 32.03 19.20 8.94
CA SER A 2118 33.43 19.43 9.24
C SER A 2118 34.38 18.79 8.29
N LEU A 2119 33.96 18.10 7.22
CA LEU A 2119 34.90 17.36 6.38
C LEU A 2119 35.88 18.27 5.64
N LEU A 2120 35.60 19.57 5.57
CA LEU A 2120 36.58 20.54 5.11
C LEU A 2120 37.36 21.16 6.25
N GLU A 2121 36.71 21.47 7.36
CA GLU A 2121 37.34 22.18 8.47
C GLU A 2121 38.22 21.22 9.27
N PRO A 2122 38.93 21.73 10.28
CA PRO A 2122 39.93 20.90 10.96
C PRO A 2122 39.39 20.19 12.18
N ALA A 2123 38.25 20.62 12.68
CA ALA A 2123 37.91 20.18 13.98
C ALA A 2123 36.40 20.12 14.20
N PRO A 2124 35.92 19.08 14.83
CA PRO A 2124 34.59 19.17 15.45
C PRO A 2124 34.72 19.67 16.87
N ILE A 2125 33.61 19.72 17.59
CA ILE A 2125 33.68 20.02 19.00
C ILE A 2125 33.73 18.70 19.78
N SER A 2126 32.66 17.91 19.67
CA SER A 2126 32.59 16.63 20.34
C SER A 2126 32.88 15.55 19.30
N SER A 2127 34.17 15.30 19.09
CA SER A 2127 34.62 14.57 17.91
C SER A 2127 34.80 13.08 18.14
N ALA A 2128 34.04 12.46 19.04
CA ALA A 2128 34.10 11.01 19.20
C ALA A 2128 32.81 10.52 19.87
N VAL A 2129 32.84 9.26 20.29
CA VAL A 2129 31.87 8.67 21.22
C VAL A 2129 32.68 8.02 22.32
N ASP A 2130 33.91 8.48 22.51
CA ASP A 2130 34.78 8.06 23.58
C ASP A 2130 35.27 9.28 24.35
N THR A 2131 35.09 9.27 25.68
CA THR A 2131 35.18 10.49 26.47
C THR A 2131 36.61 11.00 26.60
N LEU A 2132 37.60 10.12 26.55
CA LEU A 2132 38.97 10.58 26.69
C LEU A 2132 39.45 11.33 25.47
N ALA A 2133 38.76 11.15 24.34
CA ALA A 2133 39.02 11.96 23.15
C ALA A 2133 38.21 13.25 23.15
N SER A 2134 36.94 13.15 23.53
CA SER A 2134 36.06 14.32 23.58
C SER A 2134 36.56 15.36 24.57
N ASN A 2135 37.22 14.91 25.64
CA ASN A 2135 37.80 15.83 26.61
C ASN A 2135 38.86 16.71 25.97
N ILE A 2136 39.86 16.08 25.34
CA ILE A 2136 40.93 16.85 24.72
C ILE A 2136 40.42 17.64 23.54
N SER A 2137 39.33 17.18 22.90
CA SER A 2137 38.72 17.94 21.81
C SER A 2137 38.12 19.25 22.30
N TYR A 2138 37.18 19.16 23.25
CA TYR A 2138 36.53 20.37 23.74
C TYR A 2138 37.52 21.28 24.48
N ILE A 2139 38.54 20.69 25.10
CA ILE A 2139 39.56 21.50 25.75
C ILE A 2139 40.47 22.14 24.73
N LYS A 2140 40.60 21.55 23.55
CA LYS A 2140 41.31 22.27 22.51
C LYS A 2140 40.43 23.32 21.87
N TYR A 2141 39.11 23.18 21.99
CA TYR A 2141 38.25 24.16 21.36
C TYR A 2141 38.06 25.40 22.22
N VAL A 2142 37.58 25.22 23.45
CA VAL A 2142 37.19 26.38 24.24
C VAL A 2142 38.38 27.09 24.83
N PHE A 2143 39.52 26.43 24.97
CA PHE A 2143 40.75 27.15 25.25
C PHE A 2143 41.31 27.81 24.01
N GLU A 2144 40.70 27.59 22.85
CA GLU A 2144 41.01 28.36 21.66
C GLU A 2144 39.82 29.19 21.20
N THR A 2145 38.66 29.04 21.83
CA THR A 2145 37.52 29.90 21.55
C THR A 2145 37.50 31.13 22.45
N MET A 2146 38.65 31.51 23.02
CA MET A 2146 38.69 32.59 23.99
C MET A 2146 38.65 33.97 23.36
N GLY A 2147 38.93 34.09 22.08
CA GLY A 2147 39.01 35.39 21.43
C GLY A 2147 37.70 36.12 21.29
N ASN A 2154 42.53 45.33 32.89
CA ASN A 2154 41.60 44.65 33.77
C ASN A 2154 40.73 43.70 32.98
N TYR A 2155 41.38 42.90 32.13
CA TYR A 2155 40.62 42.03 31.25
C TYR A 2155 40.46 40.63 31.80
N MET A 2156 41.57 39.93 32.04
CA MET A 2156 41.59 38.47 32.11
C MET A 2156 40.91 37.87 33.32
N TYR A 2157 40.38 38.71 34.21
CA TYR A 2157 39.71 38.27 35.42
C TYR A 2157 38.48 37.42 35.11
N ILE A 2158 37.47 38.05 34.50
CA ILE A 2158 36.23 37.35 34.20
C ILE A 2158 36.45 36.28 33.16
N ALA A 2159 37.46 36.47 32.30
CA ALA A 2159 37.81 35.47 31.30
C ALA A 2159 38.30 34.19 31.94
N HIS A 2160 39.36 34.28 32.74
CA HIS A 2160 39.92 33.11 33.39
C HIS A 2160 38.92 32.49 34.35
N ALA A 2161 38.06 33.31 34.93
CA ALA A 2161 37.05 32.77 35.84
C ALA A 2161 36.02 31.94 35.09
N ILE A 2162 35.45 32.49 34.02
CA ILE A 2162 34.42 31.75 33.32
C ILE A 2162 35.00 30.56 32.59
N ILE A 2163 36.26 30.66 32.15
CA ILE A 2163 36.89 29.55 31.45
C ILE A 2163 37.15 28.40 32.39
N LEU A 2164 37.71 28.68 33.57
CA LEU A 2164 37.81 27.66 34.59
C LEU A 2164 36.50 27.45 35.31
N ALA A 2165 35.40 28.00 34.82
CA ALA A 2165 34.08 27.71 35.33
C ALA A 2165 33.23 26.86 34.40
N LEU A 2166 33.51 26.84 33.11
CA LEU A 2166 32.71 26.05 32.17
C LEU A 2166 33.31 24.70 31.86
N PHE A 2167 34.63 24.57 31.89
CA PHE A 2167 35.25 23.29 31.63
C PHE A 2167 34.95 22.32 32.77
N SER A 2168 34.92 21.03 32.44
CA SER A 2168 34.53 20.00 33.40
C SER A 2168 35.65 19.75 34.41
N PRO A 2169 35.34 19.16 35.56
CA PRO A 2169 36.41 18.85 36.52
C PRO A 2169 37.36 17.81 36.00
N ARG A 2170 36.84 16.79 35.32
CA ARG A 2170 37.71 15.89 34.59
C ARG A 2170 38.42 16.64 33.49
N GLN A 2171 37.72 17.59 32.88
CA GLN A 2171 38.39 18.43 31.90
C GLN A 2171 39.35 19.38 32.58
N LEU A 2172 39.10 19.72 33.84
CA LEU A 2172 40.04 20.57 34.55
C LEU A 2172 41.34 19.83 34.81
N LYS A 2173 41.24 18.59 35.25
CA LYS A 2173 42.40 17.73 35.38
C LYS A 2173 43.09 17.54 34.03
N LEU A 2174 42.30 17.47 32.96
CA LEU A 2174 42.87 17.24 31.65
C LEU A 2174 43.59 18.48 31.13
N LEU A 2175 43.08 19.66 31.46
CA LEU A 2175 43.74 20.89 31.04
C LEU A 2175 45.03 21.05 31.79
N ARG A 2176 45.05 20.61 33.05
CA ARG A 2176 46.30 20.58 33.79
C ARG A 2176 47.25 19.57 33.19
N LYS A 2177 46.69 18.48 32.65
CA LYS A 2177 47.53 17.44 32.06
C LYS A 2177 48.09 17.89 30.74
N VAL A 2178 47.40 18.80 30.05
CA VAL A 2178 47.81 19.21 28.71
C VAL A 2178 48.82 20.34 28.80
N LEU A 2179 49.21 20.73 30.00
CA LEU A 2179 50.25 21.71 30.21
C LEU A 2179 51.62 21.18 29.80
N THR A 2198 48.48 33.10 24.70
CA THR A 2198 48.67 34.15 25.68
C THR A 2198 48.08 33.78 27.03
N LEU A 2199 46.78 34.06 27.20
CA LEU A 2199 46.13 33.91 28.50
C LEU A 2199 46.06 32.45 28.93
N LYS A 2200 45.99 31.53 27.97
CA LYS A 2200 45.93 30.11 28.29
C LYS A 2200 47.21 29.64 28.95
N ASN A 2201 48.34 30.28 28.64
CA ASN A 2201 49.60 29.94 29.31
C ASN A 2201 49.56 30.35 30.78
N LEU A 2202 49.02 31.53 31.05
CA LEU A 2202 48.87 31.97 32.43
C LEU A 2202 47.80 31.19 33.17
N VAL A 2203 46.89 30.55 32.45
CA VAL A 2203 45.89 29.70 33.08
C VAL A 2203 46.48 28.49 33.77
N GLN A 2204 47.73 28.11 33.46
CA GLN A 2204 48.37 27.01 34.19
C GLN A 2204 48.68 27.41 35.62
N LYS A 2205 49.01 28.68 35.83
CA LYS A 2205 49.10 29.20 37.18
C LYS A 2205 47.75 29.15 37.87
N ILE A 2206 46.68 29.45 37.12
CA ILE A 2206 45.33 29.34 37.68
C ILE A 2206 44.97 27.88 37.92
N TYR A 2207 45.57 26.97 37.16
CA TYR A 2207 45.30 25.55 37.34
C TYR A 2207 45.97 25.04 38.61
N CYS A 2208 47.23 25.42 38.83
CA CYS A 2208 47.91 25.09 40.07
C CYS A 2208 47.20 25.72 41.26
N ALA A 2209 46.81 26.98 41.14
CA ALA A 2209 46.11 27.63 42.24
C ALA A 2209 44.68 27.12 42.40
N ASP A 2210 44.08 26.52 41.38
CA ASP A 2210 42.74 25.99 41.50
C ASP A 2210 42.77 24.63 42.16
N TYR A 2211 43.67 23.76 41.71
CA TYR A 2211 43.89 22.48 42.39
C TYR A 2211 44.40 22.70 43.81
N PHE A 2212 44.99 23.86 44.08
CA PHE A 2212 45.13 24.30 45.47
C PHE A 2212 43.76 24.62 46.08
N ASN A 2213 43.06 25.61 45.53
CA ASN A 2213 41.86 26.15 46.16
C ASN A 2213 40.73 26.54 45.21
N HIS A 2214 40.37 25.71 44.23
CA HIS A 2214 39.20 26.04 43.41
C HIS A 2214 37.91 25.92 44.21
N MET A 2215 37.62 24.73 44.71
CA MET A 2215 36.49 24.57 45.59
C MET A 2215 36.94 23.61 46.69
N ASP A 2216 37.51 24.17 47.76
CA ASP A 2216 37.96 23.31 48.85
C ASP A 2216 36.80 22.91 49.73
N LEU A 2217 36.17 23.87 50.35
CA LEU A 2217 34.89 23.62 50.98
C LEU A 2217 33.75 24.21 50.16
N LYS A 2218 34.06 24.96 49.10
CA LYS A 2218 33.01 25.37 48.17
C LYS A 2218 32.38 24.15 47.53
N ALA A 2219 33.21 23.13 47.28
CA ALA A 2219 32.66 21.86 46.83
C ALA A 2219 31.89 21.17 47.95
N SER A 2220 32.14 21.52 49.21
CA SER A 2220 31.34 20.93 50.28
C SER A 2220 29.96 21.55 50.33
N ARG A 2221 29.88 22.85 50.10
CA ARG A 2221 28.58 23.50 49.93
C ARG A 2221 27.88 22.94 48.70
N PHE A 2222 28.64 22.70 47.63
CA PHE A 2222 28.06 22.19 46.40
C PHE A 2222 27.59 20.77 46.57
N MET A 2223 28.31 19.99 47.36
CA MET A 2223 27.92 18.61 47.59
C MET A 2223 26.68 18.56 48.46
N ASP A 2224 26.75 19.27 49.60
CA ASP A 2224 25.61 19.37 50.54
C ASP A 2224 24.49 20.18 49.88
N ILE A 2225 24.86 21.29 49.24
CA ILE A 2225 23.87 22.17 48.54
C ILE A 2225 23.28 21.38 47.38
N TYR A 2226 24.14 20.66 46.64
CA TYR A 2226 23.75 19.78 45.50
C TYR A 2226 22.98 18.55 46.00
N GLU A 2227 23.37 18.03 47.16
CA GLU A 2227 22.83 16.77 47.75
C GLU A 2227 21.34 16.84 48.11
N TYR A 2228 20.88 17.95 48.70
CA TYR A 2228 19.46 18.05 49.13
C TYR A 2228 18.54 17.93 47.91
N PRO A 2229 18.85 18.60 46.78
CA PRO A 2229 18.05 18.47 45.56
C PRO A 2229 18.44 17.16 44.86
N VAL A 2230 17.57 16.61 44.00
CA VAL A 2230 17.94 15.34 43.30
C VAL A 2230 19.20 15.66 42.49
N GLN A 2231 20.23 14.81 42.59
CA GLN A 2231 21.50 15.10 41.88
C GLN A 2231 22.16 13.81 41.36
N LEU A 2232 23.00 13.98 40.35
CA LEU A 2232 23.77 12.91 39.71
C LEU A 2232 24.61 12.11 40.70
N ARG A 2233 25.41 11.21 40.15
CA ARG A 2233 26.21 10.34 41.01
C ARG A 2233 27.64 10.85 41.16
N GLU A 2234 28.10 11.69 40.23
CA GLU A 2234 29.50 12.07 40.16
C GLU A 2234 29.68 13.53 39.80
N VAL A 2235 30.90 13.88 39.43
CA VAL A 2235 31.27 15.24 39.06
C VAL A 2235 31.66 15.24 37.60
N VAL A 2236 30.68 15.54 36.73
CA VAL A 2236 30.92 15.67 35.31
C VAL A 2236 30.66 17.08 34.82
N GLY A 2237 29.50 17.65 35.13
CA GLY A 2237 29.21 18.98 34.62
C GLY A 2237 29.12 20.04 35.70
N LEU A 2238 29.56 21.27 35.41
CA LEU A 2238 29.51 22.36 36.38
C LEU A 2238 28.63 23.53 35.96
N ILE A 2239 28.90 24.17 34.83
CA ILE A 2239 28.06 25.29 34.44
C ILE A 2239 26.75 24.77 33.92
N GLN A 2240 26.79 23.57 33.35
CA GLN A 2240 25.57 22.85 33.04
C GLN A 2240 24.87 22.44 34.31
N THR A 2241 25.63 22.25 35.40
CA THR A 2241 24.97 22.07 36.68
C THR A 2241 24.43 23.39 37.17
N ILE A 2242 25.16 24.47 36.88
CA ILE A 2242 24.66 25.79 37.19
C ILE A 2242 23.45 26.09 36.34
N ASN A 2243 23.46 25.68 35.09
CA ASN A 2243 22.29 25.87 34.26
C ASN A 2243 21.22 24.82 34.55
N ASP A 2244 21.54 23.76 35.28
CA ASP A 2244 20.69 22.59 35.28
C ASP A 2244 19.60 22.68 36.32
N PHE A 2245 19.87 23.31 37.44
CA PHE A 2245 18.83 23.53 38.44
C PHE A 2245 18.09 24.82 38.15
N GLN A 2246 17.64 24.93 36.90
CA GLN A 2246 17.16 26.20 36.38
C GLN A 2246 15.83 26.58 36.97
N SER A 2247 15.07 25.63 37.48
CA SER A 2247 13.92 26.06 38.25
C SER A 2247 14.30 26.29 39.69
N VAL A 2248 15.29 25.55 40.19
CA VAL A 2248 15.63 25.59 41.60
C VAL A 2248 16.29 26.91 41.94
N ILE A 2249 17.21 27.34 41.11
CA ILE A 2249 17.83 28.65 41.29
C ILE A 2249 16.89 29.73 40.78
N LEU A 2250 15.76 29.34 40.21
CA LEU A 2250 14.69 30.29 40.07
C LEU A 2250 13.75 30.26 41.26
N THR A 2251 14.19 29.58 42.32
CA THR A 2251 13.45 29.51 43.61
C THR A 2251 14.04 30.57 44.57
N SER A 2252 15.06 31.30 44.11
CA SER A 2252 15.81 32.40 44.78
C SER A 2252 16.83 31.86 45.79
N HIS A 2253 17.01 30.55 45.87
CA HIS A 2253 17.99 29.95 46.82
C HIS A 2253 19.41 30.37 46.42
N LEU A 2254 19.71 30.33 45.11
CA LEU A 2254 21.02 30.71 44.52
C LEU A 2254 22.17 29.87 45.11
N GLU A 2255 21.92 28.59 45.40
CA GLU A 2255 22.96 27.69 45.96
C GLU A 2255 24.08 27.48 44.94
N LEU A 2256 23.71 27.32 43.67
CA LEU A 2256 24.66 27.06 42.55
C LEU A 2256 25.25 28.39 42.06
N PRO A 2257 24.44 29.47 41.95
CA PRO A 2257 24.96 30.75 41.45
C PRO A 2257 26.02 31.39 42.35
N GLU A 2258 25.82 31.32 43.68
CA GLU A 2258 26.76 31.92 44.61
C GLU A 2258 28.11 31.24 44.55
N THR A 2259 28.11 29.94 44.24
CA THR A 2259 29.38 29.28 43.99
C THR A 2259 30.06 29.85 42.76
N TYR A 2260 29.26 30.20 41.74
CA TYR A 2260 29.83 30.75 40.52
C TYR A 2260 30.45 32.09 40.78
N ALA A 2261 29.78 32.93 41.54
CA ALA A 2261 30.38 34.22 41.84
C ALA A 2261 31.54 34.09 42.79
N SER A 2262 31.51 33.07 43.64
CA SER A 2262 32.59 32.86 44.58
C SER A 2262 33.86 32.49 43.86
N GLY A 2263 33.71 31.76 42.75
CA GLY A 2263 34.86 31.48 41.92
C GLY A 2263 35.49 32.74 41.37
N LEU A 2264 34.64 33.66 40.90
CA LEU A 2264 35.14 34.93 40.40
C LEU A 2264 35.78 35.73 41.52
N LEU A 2265 35.25 35.60 42.72
CA LEU A 2265 35.84 36.26 43.87
C LEU A 2265 37.23 35.72 44.13
N PHE A 2266 37.40 34.41 44.00
CA PHE A 2266 38.69 33.81 44.28
C PHE A 2266 39.71 34.20 43.22
N VAL A 2267 39.29 34.24 41.96
CA VAL A 2267 40.23 34.55 40.90
C VAL A 2267 40.61 36.02 40.92
N SER A 2268 39.62 36.89 41.07
CA SER A 2268 39.89 38.32 41.19
C SER A 2268 40.71 38.62 42.41
N ALA A 2269 40.47 37.86 43.48
CA ALA A 2269 41.24 37.99 44.69
C ALA A 2269 42.70 37.65 44.44
N HIS A 2270 42.93 36.57 43.69
CA HIS A 2270 44.30 36.18 43.39
C HIS A 2270 44.99 37.24 42.54
N GLU A 2271 44.22 37.91 41.66
CA GLU A 2271 44.79 38.99 40.87
C GLU A 2271 45.16 40.18 41.74
N ILE A 2272 44.26 40.55 42.66
CA ILE A 2272 44.50 41.69 43.54
C ILE A 2272 45.64 41.38 44.49
N LEU A 2273 45.76 40.13 44.90
CA LEU A 2273 46.79 39.76 45.85
C LEU A 2273 48.16 39.72 45.19
N ASP A 2274 48.23 39.27 43.94
CA ASP A 2274 49.51 39.30 43.25
C ASP A 2274 49.90 40.74 42.93
N LEU A 2275 48.90 41.56 42.62
CA LEU A 2275 49.16 42.99 42.46
C LEU A 2275 49.68 43.61 43.74
N THR A 2276 49.14 43.18 44.87
CA THR A 2276 49.58 43.74 46.15
C THR A 2276 50.96 43.22 46.53
N GLU A 2277 51.29 42.00 46.15
CA GLU A 2277 52.66 41.53 46.37
C GLU A 2277 53.62 42.28 45.48
N GLU A 2278 53.16 42.69 44.29
CA GLU A 2278 53.94 43.62 43.50
C GLU A 2278 54.04 44.98 44.20
N VAL A 2279 53.02 45.36 44.96
CA VAL A 2279 53.11 46.59 45.73
C VAL A 2279 54.12 46.44 46.84
N ASN A 2280 54.32 45.22 47.33
CA ASN A 2280 55.40 44.96 48.24
C ASN A 2280 56.74 44.96 47.49
N THR A 2290 52.32 56.01 40.46
CA THR A 2290 53.65 56.49 40.82
C THR A 2290 53.62 57.02 42.23
N TYR A 2291 52.50 57.63 42.59
CA TYR A 2291 52.30 58.06 43.96
C TYR A 2291 52.09 56.85 44.86
N LEU A 2292 51.35 55.86 44.38
CA LEU A 2292 51.22 54.61 45.10
C LEU A 2292 52.55 53.90 45.15
N LEU A 2293 53.33 54.02 44.08
CA LEU A 2293 54.71 53.54 44.10
C LEU A 2293 55.50 54.27 45.17
N LYS A 2294 55.24 55.55 45.37
CA LYS A 2294 55.95 56.29 46.39
C LYS A 2294 55.54 55.84 47.78
N SER A 2295 54.25 55.59 48.00
CA SER A 2295 53.81 55.15 49.32
C SER A 2295 54.32 53.74 49.62
N ALA A 2296 54.22 52.85 48.63
CA ALA A 2296 54.67 51.48 48.80
C ALA A 2296 56.18 51.42 48.99
N SER A 2297 56.90 52.35 48.38
CA SER A 2297 58.32 52.47 48.69
C SER A 2297 58.50 52.98 50.10
N ALA A 2298 57.61 53.88 50.52
CA ALA A 2298 57.75 54.52 51.83
C ALA A 2298 57.28 53.58 52.95
N VAL A 2299 56.92 52.35 52.60
CA VAL A 2299 57.01 51.26 53.55
C VAL A 2299 58.42 51.16 54.12
N TYR A 2300 59.42 51.23 53.26
CA TYR A 2300 60.80 51.15 53.72
C TYR A 2300 61.22 52.45 54.37
N GLY A 2308 58.65 62.20 48.24
CA GLY A 2308 57.59 62.07 49.23
C GLY A 2308 57.98 61.24 50.43
N SER A 2309 57.29 61.47 51.55
CA SER A 2309 57.51 60.74 52.78
C SER A 2309 56.19 60.64 53.53
N THR A 2310 56.19 59.87 54.65
CA THR A 2310 55.05 59.56 55.49
C THR A 2310 53.88 58.98 54.68
N PRO A 2311 53.93 57.70 54.31
CA PRO A 2311 52.89 57.15 53.43
C PRO A 2311 51.58 56.97 54.17
N SER A 2312 50.49 57.07 53.42
CA SER A 2312 49.16 56.72 53.90
C SER A 2312 48.43 55.82 52.92
N LEU A 2313 48.85 55.81 51.66
CA LEU A 2313 48.15 55.04 50.66
C LEU A 2313 48.54 53.56 50.72
N TRP A 2314 49.81 53.29 51.04
CA TRP A 2314 50.32 51.93 50.94
C TRP A 2314 49.67 51.02 51.95
N ASN A 2315 49.52 51.49 53.19
CA ASN A 2315 48.79 50.71 54.17
C ASN A 2315 47.32 50.65 53.81
N LEU A 2316 46.79 51.75 53.26
CA LEU A 2316 45.38 51.80 52.86
C LEU A 2316 45.08 50.81 51.74
N LEU A 2317 46.09 50.44 50.97
CA LEU A 2317 45.93 49.41 49.95
C LEU A 2317 46.24 48.03 50.50
N ASN A 2318 47.35 47.89 51.23
CA ASN A 2318 47.85 46.58 51.58
C ASN A 2318 46.96 45.90 52.61
N GLN A 2319 46.36 46.68 53.51
CA GLN A 2319 45.48 46.06 54.49
C GLN A 2319 44.17 45.63 53.87
N PHE A 2320 43.67 46.42 52.91
CA PHE A 2320 42.44 46.04 52.24
C PHE A 2320 42.67 44.83 51.33
N SER A 2321 43.85 44.72 50.74
CA SER A 2321 44.15 43.54 49.92
C SER A 2321 44.32 42.32 50.79
N LYS A 2322 44.86 42.51 51.99
CA LYS A 2322 44.86 41.45 52.98
C LYS A 2322 43.44 41.06 53.35
N PHE A 2323 42.52 42.05 53.39
CA PHE A 2323 41.12 41.74 53.63
C PHE A 2323 40.53 40.96 52.46
N LEU A 2324 40.99 41.25 51.25
CA LEU A 2324 40.54 40.51 50.09
C LEU A 2324 40.95 39.06 50.17
N ILE A 2325 42.25 38.81 50.33
CA ILE A 2325 42.77 37.45 50.39
C ILE A 2325 42.24 36.73 51.62
N GLU A 2326 41.87 37.48 52.65
CA GLU A 2326 41.12 36.89 53.75
C GLU A 2326 39.74 36.47 53.30
N ILE A 2327 39.12 37.27 52.44
CA ILE A 2327 37.78 36.91 51.98
C ILE A 2327 37.86 35.81 50.92
N ALA A 2328 39.07 35.48 50.46
CA ALA A 2328 39.21 34.41 49.48
C ALA A 2328 39.24 33.03 50.14
N SER A 2329 40.22 32.80 50.98
CA SER A 2329 40.41 31.48 51.58
C SER A 2329 39.48 31.25 52.75
N SER A 2332 37.08 30.54 57.82
CA SER A 2332 36.83 30.44 56.39
C SER A 2332 35.49 29.75 56.13
N ASN A 2333 34.84 29.32 57.20
CA ASN A 2333 33.55 28.66 57.05
C ASN A 2333 32.48 29.65 56.64
N ILE A 2334 32.45 30.81 57.29
CA ILE A 2334 31.49 31.84 56.92
C ILE A 2334 31.87 32.46 55.59
N VAL A 2335 33.14 32.29 55.17
CA VAL A 2335 33.54 32.68 53.83
C VAL A 2335 32.82 31.82 52.80
N TYR A 2336 32.65 30.54 53.09
CA TYR A 2336 31.75 29.73 52.29
C TYR A 2336 30.32 30.20 52.49
N LYS A 2337 30.00 30.64 53.70
CA LYS A 2337 28.62 31.03 53.97
C LYS A 2337 28.37 32.48 53.59
N LEU A 2338 29.33 33.12 52.94
CA LEU A 2338 29.21 34.54 52.61
C LEU A 2338 28.11 34.82 51.58
N ASP A 2341 24.81 36.53 47.46
CA ASP A 2341 24.52 37.75 46.70
C ASP A 2341 25.40 38.83 47.22
N VAL A 2342 25.81 38.64 48.48
CA VAL A 2342 26.69 39.61 49.12
C VAL A 2342 28.09 39.54 48.53
N ILE A 2343 28.40 38.40 47.90
CA ILE A 2343 29.68 38.25 47.22
C ILE A 2343 29.79 39.23 46.07
N ARG A 2344 28.65 39.58 45.48
CA ARG A 2344 28.66 40.64 44.47
C ARG A 2344 29.02 41.97 45.09
N HIS A 2345 28.56 42.23 46.31
CA HIS A 2345 28.89 43.49 46.96
C HIS A 2345 30.36 43.53 47.34
N PHE A 2346 30.94 42.37 47.68
CA PHE A 2346 32.36 42.32 47.93
C PHE A 2346 33.14 42.53 46.64
N LEU A 2347 32.63 41.98 45.54
CA LEU A 2347 33.30 42.15 44.26
C LEU A 2347 33.22 43.59 43.80
N LYS A 2348 32.19 44.30 44.26
CA LYS A 2348 32.12 45.72 44.00
C LYS A 2348 33.32 46.42 44.61
N LEU A 2349 33.72 46.00 45.80
CA LEU A 2349 34.92 46.56 46.39
C LEU A 2349 36.16 46.03 45.69
N VAL A 2350 36.06 44.85 45.07
CA VAL A 2350 37.21 44.30 44.36
C VAL A 2350 37.50 45.12 43.12
N VAL A 2351 36.44 45.45 42.40
CA VAL A 2351 36.54 46.40 41.32
C VAL A 2351 36.95 47.76 41.85
N LEU A 2352 36.57 48.08 43.10
CA LEU A 2352 36.90 49.39 43.64
C LEU A 2352 38.39 49.49 43.95
N TRP A 2353 38.96 48.44 44.50
CA TRP A 2353 40.39 48.46 44.75
C TRP A 2353 41.16 48.42 43.46
N LYS A 2354 40.60 47.75 42.45
CA LYS A 2354 41.15 47.85 41.10
C LYS A 2354 41.12 49.28 40.59
N ASN A 2355 39.99 49.95 40.80
CA ASN A 2355 39.78 51.26 40.22
C ASN A 2355 40.56 52.32 40.99
N ILE A 2356 40.94 52.01 42.21
CA ILE A 2356 41.75 52.96 42.96
C ILE A 2356 43.21 52.74 42.66
N TYR A 2357 43.61 51.49 42.46
CA TYR A 2357 44.99 51.22 42.06
C TYR A 2357 45.25 51.71 40.65
N VAL A 2358 44.18 51.85 39.87
CA VAL A 2358 44.26 52.64 38.65
C VAL A 2358 44.16 54.12 38.99
N TRP A 2359 43.27 54.46 39.93
CA TRP A 2359 43.02 55.86 40.23
C TRP A 2359 44.06 56.41 41.19
N THR A 2360 44.98 55.57 41.60
CA THR A 2360 46.21 56.06 42.19
C THR A 2360 47.03 56.70 41.10
N SER A 2368 45.81 63.79 46.37
CA SER A 2368 44.73 64.75 46.27
C SER A 2368 43.40 64.08 46.54
N ARG A 2369 43.02 63.15 45.66
CA ARG A 2369 41.69 62.56 45.73
C ARG A 2369 41.63 61.41 46.73
N PHE A 2370 42.60 61.33 47.63
CA PHE A 2370 42.65 60.26 48.60
C PHE A 2370 41.47 60.34 49.56
N TYR A 2371 41.02 61.56 49.85
CA TYR A 2371 39.90 61.73 50.76
C TYR A 2371 38.62 61.19 50.17
N CYS A 2372 38.35 61.53 48.91
CA CYS A 2372 37.13 61.05 48.27
C CYS A 2372 37.19 59.56 47.98
N TYR A 2373 38.36 59.06 47.57
CA TYR A 2373 38.48 57.64 47.31
C TYR A 2373 38.33 56.85 48.60
N THR A 2374 38.82 57.41 49.70
CA THR A 2374 38.66 56.75 50.98
C THR A 2374 37.21 56.77 51.41
N LYS A 2375 36.52 57.86 51.13
CA LYS A 2375 35.09 57.91 51.42
C LYS A 2375 34.31 56.91 50.60
N MET A 2376 34.77 56.61 49.39
CA MET A 2376 34.17 55.57 48.56
C MET A 2376 34.41 54.18 49.11
N LEU A 2377 35.65 53.89 49.51
CA LEU A 2377 35.95 52.65 50.16
C LEU A 2377 35.16 52.50 51.45
N GLY A 2378 34.93 53.62 52.13
CA GLY A 2378 34.08 53.59 53.31
C GLY A 2378 32.62 53.35 52.98
N GLU A 2379 32.21 53.68 51.77
CA GLU A 2379 30.84 53.37 51.38
C GLU A 2379 30.68 51.88 51.13
N TRP A 2380 31.67 51.26 50.47
CA TRP A 2380 31.58 49.82 50.21
C TRP A 2380 31.79 49.02 51.47
N MET A 2381 32.42 49.63 52.48
CA MET A 2381 32.38 49.05 53.81
C MET A 2381 31.02 49.25 54.46
N PHE A 2382 30.42 50.43 54.23
CA PHE A 2382 29.07 50.68 54.72
C PHE A 2382 28.07 49.82 53.98
N THR A 2383 28.41 49.41 52.77
CA THR A 2383 27.73 48.32 52.15
C THR A 2383 27.98 47.04 52.95
N LYS A 2389 29.05 40.42 59.87
CA LYS A 2389 30.42 39.93 59.75
C LYS A 2389 31.43 41.00 60.15
N LEU A 2390 32.60 40.56 60.65
CA LEU A 2390 33.47 41.47 61.39
C LEU A 2390 34.75 41.79 60.64
N LEU A 2391 35.53 40.77 60.29
CA LEU A 2391 36.93 40.96 59.97
C LEU A 2391 37.14 41.62 58.62
N GLU A 2392 36.27 41.27 57.65
CA GLU A 2392 36.50 41.63 56.26
C GLU A 2392 36.29 43.13 56.00
N SER A 2393 35.54 43.80 56.90
CA SER A 2393 35.47 45.25 56.87
C SER A 2393 36.26 45.85 58.02
N PHE A 2394 36.59 45.02 59.01
CA PHE A 2394 37.43 45.49 60.10
C PHE A 2394 38.81 45.89 59.60
N LEU A 2395 39.35 45.13 58.65
CA LEU A 2395 40.62 45.52 58.05
C LEU A 2395 40.48 46.80 57.24
N PRO A 2396 39.39 47.01 56.52
CA PRO A 2396 39.14 48.34 55.95
C PRO A 2396 38.97 49.41 57.01
N LYS A 2397 38.43 49.07 58.19
CA LYS A 2397 38.28 50.06 59.25
C LYS A 2397 39.64 50.50 59.77
N ASP A 2398 40.57 49.56 59.90
CA ASP A 2398 41.91 49.87 60.37
C ASP A 2398 42.66 50.74 59.37
N SER A 2399 42.68 50.33 58.09
CA SER A 2399 43.45 51.08 57.10
C SER A 2399 42.81 52.43 56.82
N LEU A 2400 41.49 52.50 56.91
CA LEU A 2400 40.81 53.76 56.68
C LEU A 2400 41.02 54.71 57.84
N GLU A 2401 40.98 54.20 59.07
CA GLU A 2401 41.20 55.07 60.21
C GLU A 2401 42.65 55.50 60.29
N LYS A 2402 43.56 54.67 59.79
CA LYS A 2402 44.94 55.10 59.69
C LYS A 2402 45.11 56.19 58.63
N PHE A 2403 44.48 56.01 57.47
CA PHE A 2403 44.58 57.01 56.41
C PHE A 2403 43.89 58.30 56.79
N SER A 2404 42.87 58.20 57.65
CA SER A 2404 42.19 59.39 58.14
C SER A 2404 42.93 59.99 59.33
N GLU A 2405 43.78 59.19 59.99
CA GLU A 2405 44.72 59.78 60.91
C GLU A 2405 45.75 60.59 60.15
N LEU A 2406 46.10 60.13 58.96
CA LEU A 2406 46.86 60.97 58.05
C LEU A 2406 45.99 62.07 57.50
N GLN A 2407 44.71 61.81 57.30
CA GLN A 2407 43.84 62.84 56.79
C GLN A 2407 43.23 63.59 57.96
N THR A 2757 34.76 60.89 41.73
CA THR A 2757 33.31 60.83 41.81
C THR A 2757 32.88 59.39 41.90
N VAL A 2758 31.62 59.12 41.57
CA VAL A 2758 31.20 57.74 41.49
C VAL A 2758 31.54 57.26 40.09
N GLU A 2759 32.80 56.93 39.89
CA GLU A 2759 33.27 56.28 38.69
C GLU A 2759 33.57 54.82 38.94
N SER A 2760 33.37 54.37 40.18
CA SER A 2760 33.40 52.94 40.45
C SER A 2760 32.21 52.26 39.78
N LEU A 2761 31.10 52.97 39.67
CA LEU A 2761 29.98 52.42 38.91
C LEU A 2761 30.32 52.31 37.44
N ARG A 2762 31.21 53.15 36.92
CA ARG A 2762 31.60 53.11 35.51
C ARG A 2762 32.28 51.81 35.18
N HIS A 2763 33.46 51.57 35.76
CA HIS A 2763 34.12 50.31 35.48
C HIS A 2763 33.41 49.12 36.12
N TYR A 2764 32.52 49.36 37.10
CA TYR A 2764 31.73 48.27 37.66
C TYR A 2764 30.75 47.75 36.63
N LEU A 2765 29.94 48.63 36.04
CA LEU A 2765 29.01 48.19 35.04
C LEU A 2765 29.71 47.77 33.77
N GLU A 2766 30.91 48.29 33.54
CA GLU A 2766 31.73 47.76 32.45
C GLU A 2766 32.09 46.31 32.71
N SER A 2767 32.42 45.97 33.94
CA SER A 2767 32.75 44.59 34.26
C SER A 2767 31.52 43.72 34.19
N LEU A 2768 30.37 44.25 34.61
CA LEU A 2768 29.12 43.50 34.52
C LEU A 2768 28.76 43.21 33.06
N TYR A 2769 28.89 44.20 32.20
CA TYR A 2769 28.53 44.00 30.80
C TYR A 2769 29.51 43.07 30.10
N LYS A 2770 30.82 43.26 30.33
CA LYS A 2770 31.78 42.42 29.65
C LYS A 2770 31.72 40.98 30.14
N GLU A 2771 31.38 40.78 31.41
CA GLU A 2771 31.19 39.41 31.85
C GLU A 2771 29.89 38.84 31.32
N SER A 2772 28.89 39.67 31.07
CA SER A 2772 27.69 39.16 30.41
C SER A 2772 27.99 38.69 28.99
N GLN A 2773 28.84 39.44 28.31
CA GLN A 2773 29.31 39.04 26.99
C GLN A 2773 30.08 37.73 27.06
N ILE A 2774 30.97 37.60 28.03
CA ILE A 2774 31.74 36.37 28.16
C ILE A 2774 30.84 35.22 28.55
N LEU A 2775 29.77 35.52 29.30
CA LEU A 2775 28.82 34.48 29.68
C LEU A 2775 28.09 33.95 28.47
N GLU A 2776 27.72 34.83 27.54
CA GLU A 2776 27.08 34.34 26.32
C GLU A 2776 28.07 33.58 25.45
N ILE A 2777 29.32 34.04 25.39
CA ILE A 2777 30.29 33.37 24.53
C ILE A 2777 30.69 32.02 25.08
N ALA A 2778 30.51 31.79 26.36
CA ALA A 2778 30.74 30.46 26.88
C ALA A 2778 29.49 29.60 26.86
N GLU A 2779 28.32 30.20 27.02
CA GLU A 2779 27.10 29.43 26.95
C GLU A 2779 26.80 28.98 25.53
N SER A 2780 27.45 29.61 24.56
CA SER A 2780 27.53 29.03 23.22
C SER A 2780 28.13 27.65 23.26
N LEU A 2781 29.36 27.54 23.78
CA LEU A 2781 30.05 26.25 23.76
C LEU A 2781 29.48 25.29 24.79
N ASN A 2782 28.62 25.78 25.67
CA ASN A 2782 27.86 24.87 26.51
C ASN A 2782 26.75 24.20 25.73
N SER A 2783 25.77 24.98 25.27
CA SER A 2783 24.66 24.44 24.51
C SER A 2783 24.53 25.05 23.13
N GLY A 2784 24.52 26.37 23.02
CA GLY A 2784 24.32 27.01 21.74
C GLY A 2784 23.10 27.89 21.61
N LYS A 2785 22.39 28.15 22.69
CA LYS A 2785 21.32 29.13 22.71
C LYS A 2785 21.76 30.27 23.61
N VAL A 2786 21.30 31.48 23.29
CA VAL A 2786 21.78 32.67 23.98
C VAL A 2786 20.91 33.04 25.17
N ASN A 2787 21.12 32.34 26.29
CA ASN A 2787 20.53 32.60 27.60
C ASN A 2787 21.18 31.62 28.57
N SER A 2788 21.22 31.99 29.85
CA SER A 2788 21.79 31.15 30.89
C SER A 2788 21.32 31.64 32.24
N VAL A 2789 21.43 30.76 33.22
CA VAL A 2789 21.21 31.17 34.61
C VAL A 2789 22.27 32.17 35.00
N MET A 2790 23.49 31.98 34.53
CA MET A 2790 24.49 33.02 34.63
C MET A 2790 24.03 34.27 33.90
N ARG A 2791 23.41 34.11 32.75
CA ARG A 2791 23.03 35.27 31.97
C ARG A 2791 21.83 35.98 32.58
N ARG A 2792 20.83 35.22 33.03
CA ARG A 2792 19.69 35.88 33.65
C ARG A 2792 20.07 36.51 34.99
N LEU A 2793 21.03 35.91 35.70
CA LEU A 2793 21.51 36.44 36.96
C LEU A 2793 22.24 37.76 36.75
N VAL A 2794 23.18 37.79 35.81
CA VAL A 2794 23.90 39.02 35.57
C VAL A 2794 23.02 40.05 34.88
N SER A 2795 21.93 39.61 34.24
CA SER A 2795 21.00 40.56 33.66
C SER A 2795 20.22 41.28 34.74
N THR A 2796 19.72 40.52 35.72
CA THR A 2796 19.03 41.15 36.84
C THR A 2796 19.99 41.98 37.67
N GLU A 2797 21.26 41.61 37.68
CA GLU A 2797 22.25 42.47 38.30
C GLU A 2797 22.46 43.73 37.48
N ILE A 2798 22.27 43.64 36.17
CA ILE A 2798 22.41 44.83 35.32
C ILE A 2798 21.19 45.72 35.45
N SER A 2799 20.12 45.22 36.07
CA SER A 2799 19.04 46.12 36.47
C SER A 2799 19.52 47.14 37.51
N ASN A 2800 20.45 46.74 38.37
CA ASN A 2800 21.00 47.68 39.35
C ASN A 2800 22.01 48.61 38.68
#